data_7WSB
#
_entry.id   7WSB
#
_cell.length_a   104.050
_cell.length_b   85.447
_cell.length_c   160.768
_cell.angle_alpha   90.000
_cell.angle_beta   108.838
_cell.angle_gamma   90.000
#
_symmetry.space_group_name_H-M   'P 1 21 1'
#
loop_
_entity.id
_entity.type
_entity.pdbx_description
1 polymer 'Verruculogen synthase'
2 non-polymer 'COBALT (II) ION'
3 non-polymer '13-Oxofumitremorgin B'
4 non-polymer '2-OXOGLUTARIC ACID'
5 non-polymer DI(HYDROXYETHYL)ETHER
6 non-polymer GLYCEROL
7 water water
#
_entity_poly.entity_id   1
_entity_poly.type   'polypeptide(L)'
_entity_poly.pdbx_seq_one_letter_code
;MGDRGPEFWSHPQFEKTVDSKPQLQRLAADADVDRMCRLLEEDGAFILKGLLPFDVVESFNRELDVQMAIPPPKGERLLA
DKYPPHFKYVPNVATTCPTFRNTVLINPVIHAICEAYFQRTGDYWLSAAFLREIESGMPAQPFHRDDATHPLMHYQPLEA
PPVSLSVIFPLTEFTEENGATEVILGSHRWTEVGTPERDQAVLATMDPGDVLIVRQRVVHAGGGNRTTAGKPRRVVLAYF
NSVQLTPFETYRTMPREMVESMTVLGQRMLGWRTMKPSDPNIVGINLIDDKRLENVLQLKAADSPALEVDLQGDHGLSA
;
_entity_poly.pdbx_strand_id   A,B,C,D,E,F
#
loop_
_chem_comp.id
_chem_comp.type
_chem_comp.name
_chem_comp.formula
4IL non-polymer '13-Oxofumitremorgin B' 'C27 H31 N3 O5'
AKG non-polymer '2-OXOGLUTARIC ACID' 'C5 H6 O5'
CO non-polymer 'COBALT (II) ION' 'Co 2'
GOL non-polymer GLYCEROL 'C3 H8 O3'
PEG non-polymer DI(HYDROXYETHYL)ETHER 'C4 H10 O3'
#
# COMPACT_ATOMS: atom_id res chain seq x y z
N LYS A 21 32.06 -1.24 9.40
CA LYS A 21 30.76 -1.87 9.14
C LYS A 21 29.92 -2.06 10.41
N PRO A 22 28.64 -1.73 10.35
CA PRO A 22 27.79 -1.81 11.56
C PRO A 22 27.54 -3.26 11.98
N GLN A 23 27.69 -3.51 13.28
CA GLN A 23 27.58 -4.83 13.88
C GLN A 23 26.37 -4.89 14.80
N LEU A 24 25.99 -6.11 15.19
CA LEU A 24 24.92 -6.28 16.15
C LEU A 24 25.27 -5.63 17.48
N GLN A 25 24.31 -4.92 18.06
CA GLN A 25 24.51 -4.31 19.37
C GLN A 25 24.52 -5.37 20.46
N ARG A 26 25.43 -5.19 21.43
CA ARG A 26 25.48 -6.00 22.63
C ARG A 26 25.01 -5.18 23.82
N LEU A 27 24.05 -5.71 24.58
CA LEU A 27 23.48 -5.00 25.70
C LEU A 27 23.62 -5.84 26.97
N ALA A 28 23.72 -5.15 28.11
CA ALA A 28 23.70 -5.84 29.38
C ALA A 28 22.32 -6.44 29.63
N ALA A 29 22.29 -7.53 30.40
CA ALA A 29 21.04 -8.23 30.64
C ALA A 29 20.01 -7.34 31.33
N ASP A 30 20.46 -6.38 32.13
CA ASP A 30 19.57 -5.45 32.83
C ASP A 30 19.31 -4.18 32.04
N ALA A 31 19.59 -4.18 30.73
CA ALA A 31 19.34 -3.00 29.91
C ALA A 31 17.85 -2.70 29.85
N ASP A 32 17.55 -1.47 29.44
CA ASP A 32 16.15 -1.03 29.38
C ASP A 32 15.41 -1.74 28.26
N VAL A 33 14.17 -2.13 28.54
CA VAL A 33 13.41 -2.95 27.61
C VAL A 33 12.87 -2.10 26.45
N ASP A 34 12.43 -0.87 26.73
CA ASP A 34 12.01 0.03 25.66
C ASP A 34 13.17 0.34 24.70
N ARG A 35 14.39 0.44 25.23
CA ARG A 35 15.55 0.61 24.37
C ARG A 35 15.74 -0.59 23.45
N MET A 36 15.53 -1.80 23.97
CA MET A 36 15.71 -3.01 23.17
C MET A 36 14.72 -3.06 22.01
N CYS A 37 13.44 -2.79 22.29
CA CYS A 37 12.44 -2.80 21.22
C CYS A 37 12.77 -1.77 20.15
N ARG A 38 13.33 -0.63 20.55
CA ARG A 38 13.77 0.36 19.58
C ARG A 38 14.89 -0.20 18.70
N LEU A 39 15.74 -1.06 19.25
CA LEU A 39 16.76 -1.71 18.43
C LEU A 39 16.14 -2.72 17.47
N LEU A 40 15.10 -3.43 17.90
CA LEU A 40 14.43 -4.36 17.00
C LEU A 40 13.81 -3.65 15.81
N GLU A 41 13.36 -2.41 15.99
CA GLU A 41 12.74 -1.71 14.87
C GLU A 41 13.81 -1.10 13.96
N GLU A 42 14.89 -0.59 14.54
CA GLU A 42 15.97 0.00 13.75
C GLU A 42 16.80 -1.07 13.06
N ASP A 43 17.52 -1.88 13.85
CA ASP A 43 18.43 -2.86 13.28
C ASP A 43 17.75 -4.18 12.97
N GLY A 44 16.79 -4.60 13.79
CA GLY A 44 16.11 -5.87 13.63
C GLY A 44 16.56 -6.95 14.58
N ALA A 45 17.73 -6.81 15.21
CA ALA A 45 18.20 -7.83 16.13
C ALA A 45 19.20 -7.23 17.09
N PHE A 46 19.40 -7.90 18.22
CA PHE A 46 20.41 -7.50 19.19
C PHE A 46 20.75 -8.71 20.06
N ILE A 47 21.74 -8.54 20.92
CA ILE A 47 22.26 -9.63 21.74
C ILE A 47 22.23 -9.21 23.20
N LEU A 48 21.71 -10.08 24.07
CA LEU A 48 21.81 -9.89 25.51
C LEU A 48 23.02 -10.64 26.04
N LYS A 49 23.88 -9.93 26.79
CA LYS A 49 25.09 -10.53 27.35
C LYS A 49 24.83 -11.10 28.73
N GLY A 50 25.14 -12.38 28.90
CA GLY A 50 25.11 -13.02 30.21
C GLY A 50 23.74 -13.03 30.85
N LEU A 51 22.74 -13.54 30.14
CA LEU A 51 21.40 -13.61 30.73
C LEU A 51 21.25 -14.85 31.60
N LEU A 52 21.79 -15.99 31.15
CA LEU A 52 21.60 -17.26 31.83
C LEU A 52 22.82 -17.62 32.66
N PRO A 53 22.64 -17.91 33.95
CA PRO A 53 23.77 -18.36 34.78
C PRO A 53 24.37 -19.64 34.24
N PHE A 54 25.62 -19.91 34.67
CA PHE A 54 26.35 -21.06 34.17
C PHE A 54 25.65 -22.36 34.51
N ASP A 55 25.06 -22.46 35.71
CA ASP A 55 24.39 -23.70 36.10
C ASP A 55 23.16 -23.98 35.25
N VAL A 56 22.43 -22.93 34.86
CA VAL A 56 21.26 -23.11 34.01
C VAL A 56 21.67 -23.64 32.64
N VAL A 57 22.72 -23.04 32.04
CA VAL A 57 23.20 -23.52 30.75
C VAL A 57 23.74 -24.94 30.87
N GLU A 58 24.38 -25.24 32.00
CA GLU A 58 25.02 -26.54 32.19
C GLU A 58 24.00 -27.65 32.33
N SER A 59 22.92 -27.41 33.08
CA SER A 59 21.90 -28.45 33.24
C SER A 59 21.03 -28.57 32.00
N PHE A 60 20.79 -27.47 31.28
CA PHE A 60 20.09 -27.56 30.00
C PHE A 60 20.89 -28.43 29.03
N ASN A 61 22.21 -28.24 28.99
CA ASN A 61 23.04 -29.00 28.07
C ASN A 61 23.04 -30.48 28.39
N ARG A 62 23.05 -30.87 29.67
CA ARG A 62 23.05 -32.30 29.95
C ARG A 62 21.71 -32.93 29.62
N GLU A 63 20.62 -32.16 29.72
CA GLU A 63 19.32 -32.69 29.30
C GLU A 63 19.24 -32.90 27.80
N LEU A 64 19.93 -32.05 27.03
CA LEU A 64 19.99 -32.25 25.58
C LEU A 64 21.04 -33.29 25.20
N ASP A 65 22.08 -33.47 26.03
CA ASP A 65 22.98 -34.60 25.84
C ASP A 65 22.23 -35.92 25.89
N VAL A 66 21.17 -35.99 26.71
CA VAL A 66 20.38 -37.21 26.81
C VAL A 66 19.56 -37.42 25.54
N GLN A 67 18.87 -36.37 25.07
CA GLN A 67 18.06 -36.50 23.87
C GLN A 67 18.91 -36.79 22.64
N MET A 68 20.08 -36.14 22.54
CA MET A 68 20.94 -36.35 21.38
C MET A 68 21.49 -37.77 21.33
N ALA A 69 21.62 -38.43 22.47
CA ALA A 69 22.11 -39.81 22.50
C ALA A 69 21.04 -40.82 22.10
N ILE A 70 19.80 -40.38 21.91
CA ILE A 70 18.73 -41.27 21.47
C ILE A 70 18.79 -41.39 19.95
N PRO A 71 18.70 -42.60 19.40
CA PRO A 71 18.70 -42.75 17.94
C PRO A 71 17.43 -42.17 17.34
N PRO A 72 17.53 -41.56 16.16
CA PRO A 72 16.34 -40.98 15.55
C PRO A 72 15.33 -42.06 15.22
N PRO A 73 14.03 -41.75 15.28
CA PRO A 73 13.01 -42.78 15.11
C PRO A 73 13.00 -43.35 13.70
N LYS A 74 12.45 -44.57 13.58
CA LYS A 74 12.47 -45.28 12.31
C LYS A 74 11.47 -44.69 11.31
N GLY A 75 10.31 -44.26 11.79
CA GLY A 75 9.24 -43.82 10.90
C GLY A 75 9.44 -42.47 10.23
N GLU A 76 8.35 -41.74 10.07
CA GLU A 76 8.38 -40.44 9.41
C GLU A 76 8.79 -39.34 10.39
N ARG A 77 9.71 -38.48 9.93
CA ARG A 77 10.15 -37.29 10.65
C ARG A 77 9.77 -36.08 9.80
N LEU A 78 8.76 -35.32 10.24
CA LEU A 78 8.11 -34.35 9.37
C LEU A 78 9.06 -33.25 8.92
N LEU A 79 9.97 -32.81 9.79
CA LEU A 79 10.91 -31.76 9.42
C LEU A 79 12.22 -32.29 8.87
N ALA A 80 12.81 -33.30 9.52
CA ALA A 80 14.13 -33.79 9.10
C ALA A 80 14.08 -34.47 7.72
N ASP A 81 12.94 -35.06 7.35
CA ASP A 81 12.83 -35.70 6.04
C ASP A 81 12.80 -34.69 4.90
N LYS A 82 12.50 -33.43 5.17
CA LYS A 82 12.40 -32.41 4.13
C LYS A 82 13.72 -31.68 3.89
N TYR A 83 14.77 -32.00 4.64
CA TYR A 83 16.00 -31.23 4.63
C TYR A 83 17.21 -32.15 4.55
N PRO A 84 18.31 -31.66 3.98
CA PRO A 84 19.53 -32.47 3.89
C PRO A 84 20.10 -32.75 5.28
N PRO A 85 20.99 -33.74 5.40
CA PRO A 85 21.65 -34.01 6.69
C PRO A 85 22.78 -33.01 6.98
N HIS A 86 22.40 -31.74 7.13
CA HIS A 86 23.32 -30.68 7.48
C HIS A 86 23.25 -30.29 8.95
N PHE A 87 22.50 -31.05 9.74
CA PHE A 87 22.20 -30.70 11.13
C PHE A 87 21.55 -31.90 11.79
N LYS A 88 21.66 -31.96 13.12
CA LYS A 88 20.88 -32.87 13.94
C LYS A 88 19.81 -32.08 14.68
N TYR A 89 18.70 -32.75 15.01
CA TYR A 89 17.46 -32.08 15.38
C TYR A 89 16.85 -32.74 16.62
N VAL A 90 16.46 -31.93 17.59
CA VAL A 90 15.65 -32.38 18.72
C VAL A 90 14.39 -31.52 18.80
N PRO A 91 13.22 -32.04 18.45
CA PRO A 91 12.01 -31.21 18.46
C PRO A 91 11.46 -31.02 19.87
N ASN A 92 10.59 -30.01 20.00
CA ASN A 92 9.88 -29.65 21.23
C ASN A 92 10.66 -29.96 22.50
N VAL A 93 11.75 -29.22 22.75
CA VAL A 93 12.59 -29.46 23.91
C VAL A 93 11.86 -29.23 25.22
N ALA A 94 10.73 -28.51 25.19
CA ALA A 94 9.98 -28.25 26.41
C ALA A 94 9.42 -29.53 27.04
N THR A 95 9.19 -30.57 26.23
CA THR A 95 8.62 -31.81 26.75
C THR A 95 9.67 -32.80 27.27
N THR A 96 10.97 -32.52 27.04
CA THR A 96 12.03 -33.44 27.45
C THR A 96 13.15 -32.76 28.23
N CYS A 97 13.14 -31.45 28.40
CA CYS A 97 14.20 -30.74 29.12
C CYS A 97 13.59 -29.86 30.20
N PRO A 98 13.55 -30.34 31.45
CA PRO A 98 12.93 -29.55 32.52
C PRO A 98 13.56 -28.18 32.73
N THR A 99 14.87 -28.03 32.50
CA THR A 99 15.50 -26.73 32.67
C THR A 99 14.91 -25.70 31.73
N PHE A 100 14.57 -26.11 30.50
CA PHE A 100 13.91 -25.19 29.59
C PHE A 100 12.48 -24.91 30.06
N ARG A 101 11.77 -25.97 30.42
CA ARG A 101 10.37 -25.88 30.81
C ARG A 101 10.18 -25.01 32.04
N ASN A 102 11.01 -25.19 33.07
CA ASN A 102 10.78 -24.59 34.37
C ASN A 102 11.67 -23.38 34.65
N THR A 103 12.54 -23.00 33.71
CA THR A 103 13.46 -21.90 33.99
C THR A 103 13.66 -21.02 32.77
N VAL A 104 14.12 -21.58 31.66
CA VAL A 104 14.46 -20.74 30.50
C VAL A 104 13.19 -20.17 29.86
N LEU A 105 12.19 -21.03 29.65
CA LEU A 105 10.93 -20.60 29.05
C LEU A 105 10.23 -19.48 29.83
N ILE A 106 10.51 -19.34 31.13
CA ILE A 106 9.80 -18.33 31.91
C ILE A 106 10.76 -17.27 32.43
N ASN A 107 11.83 -17.02 31.68
CA ASN A 107 12.84 -16.07 32.13
C ASN A 107 12.25 -14.68 32.25
N PRO A 108 12.45 -13.98 33.38
CA PRO A 108 11.79 -12.68 33.58
C PRO A 108 12.19 -11.61 32.58
N VAL A 109 13.46 -11.59 32.13
CA VAL A 109 13.89 -10.62 31.14
C VAL A 109 13.29 -10.93 29.77
N ILE A 110 13.31 -12.21 29.38
CA ILE A 110 12.72 -12.59 28.09
C ILE A 110 11.26 -12.14 28.00
N HIS A 111 10.51 -12.29 29.10
CA HIS A 111 9.09 -11.93 29.07
C HIS A 111 8.86 -10.43 29.21
N ALA A 112 9.79 -9.70 29.82
CA ALA A 112 9.71 -8.25 29.77
C ALA A 112 9.89 -7.75 28.34
N ILE A 113 10.72 -8.43 27.53
CA ILE A 113 10.89 -8.04 26.14
C ILE A 113 9.66 -8.40 25.33
N CYS A 114 9.11 -9.60 25.53
CA CYS A 114 7.93 -10.00 24.79
C CYS A 114 6.73 -9.10 25.10
N GLU A 115 6.51 -8.78 26.37
CA GLU A 115 5.37 -7.95 26.72
C GLU A 115 5.44 -6.59 26.04
N ALA A 116 6.65 -6.01 25.94
CA ALA A 116 6.82 -4.74 25.25
C ALA A 116 6.73 -4.91 23.74
N TYR A 117 7.25 -6.02 23.21
CA TYR A 117 7.22 -6.28 21.79
C TYR A 117 5.82 -6.58 21.30
N PHE A 118 5.09 -7.42 22.03
CA PHE A 118 3.76 -7.86 21.61
C PHE A 118 2.63 -7.00 22.17
N GLN A 119 2.95 -5.85 22.78
CA GLN A 119 1.93 -5.09 23.51
C GLN A 119 0.75 -4.75 22.59
N ARG A 120 1.03 -4.42 21.33
CA ARG A 120 -0.04 -4.03 20.40
C ARG A 120 -0.87 -5.23 19.90
N THR A 121 -0.29 -6.43 19.86
CA THR A 121 -1.02 -7.59 19.36
C THR A 121 -1.75 -8.36 20.45
N GLY A 122 -1.38 -8.19 21.72
CA GLY A 122 -2.01 -8.94 22.79
C GLY A 122 -1.14 -10.07 23.31
N ASP A 123 -1.77 -11.13 23.80
CA ASP A 123 -1.02 -12.24 24.39
C ASP A 123 -0.18 -12.96 23.34
N TYR A 124 0.92 -13.56 23.81
CA TYR A 124 1.81 -14.38 22.99
C TYR A 124 1.97 -15.74 23.65
N TRP A 125 2.45 -16.72 22.88
CA TRP A 125 2.79 -18.02 23.45
C TRP A 125 3.87 -18.67 22.58
N LEU A 126 4.31 -19.85 23.02
CA LEU A 126 5.41 -20.55 22.35
C LEU A 126 4.86 -21.35 21.19
N SER A 127 5.31 -21.02 19.98
CA SER A 127 4.93 -21.78 18.79
C SER A 127 5.86 -22.97 18.58
N ALA A 128 7.15 -22.80 18.84
CA ALA A 128 8.08 -23.91 18.73
C ALA A 128 9.32 -23.61 19.55
N ALA A 129 10.01 -24.66 19.95
CA ALA A 129 11.28 -24.52 20.66
C ALA A 129 12.03 -25.83 20.48
N PHE A 130 13.13 -25.79 19.74
CA PHE A 130 13.86 -27.01 19.42
C PHE A 130 15.36 -26.74 19.44
N LEU A 131 16.13 -27.82 19.40
CA LEU A 131 17.58 -27.78 19.37
C LEU A 131 18.08 -28.22 18.01
N ARG A 132 19.12 -27.56 17.51
CA ARG A 132 19.85 -28.05 16.37
C ARG A 132 21.34 -28.06 16.69
N GLU A 133 22.02 -29.13 16.28
CA GLU A 133 23.45 -29.29 16.44
C GLU A 133 24.11 -29.33 15.08
N ILE A 134 25.16 -28.54 14.92
CA ILE A 134 25.90 -28.46 13.66
C ILE A 134 27.28 -29.04 13.94
N GLU A 135 27.54 -30.23 13.41
CA GLU A 135 28.83 -30.86 13.66
C GLU A 135 29.86 -30.33 12.66
N SER A 136 31.12 -30.73 12.86
CA SER A 136 32.21 -30.25 12.02
C SER A 136 32.04 -30.70 10.58
N GLY A 137 32.14 -29.75 9.65
CA GLY A 137 32.03 -30.02 8.24
C GLY A 137 30.66 -29.79 7.64
N MET A 138 29.72 -29.21 8.39
CA MET A 138 28.39 -29.08 7.81
C MET A 138 28.26 -27.74 7.08
N PRO A 139 27.56 -27.71 5.96
CA PRO A 139 27.43 -26.46 5.20
C PRO A 139 26.51 -25.48 5.91
N ALA A 140 26.55 -24.24 5.44
CA ALA A 140 25.70 -23.20 5.99
C ALA A 140 24.23 -23.49 5.73
N GLN A 141 23.38 -22.90 6.56
CA GLN A 141 21.93 -22.90 6.37
C GLN A 141 21.55 -21.78 5.41
N PRO A 142 20.55 -22.00 4.56
CA PRO A 142 20.13 -20.94 3.63
C PRO A 142 19.51 -19.76 4.37
N PHE A 143 19.74 -18.57 3.82
CA PHE A 143 19.10 -17.37 4.35
C PHE A 143 17.59 -17.49 4.27
N HIS A 144 16.92 -17.21 5.39
CA HIS A 144 15.48 -17.42 5.49
C HIS A 144 14.90 -16.44 6.48
N ARG A 145 13.56 -16.36 6.48
CA ARG A 145 12.80 -15.69 7.51
C ARG A 145 11.99 -16.75 8.26
N ASP A 146 11.82 -16.54 9.56
CA ASP A 146 11.02 -17.50 10.33
C ASP A 146 9.53 -17.31 10.12
N ASP A 147 9.13 -16.29 9.34
CA ASP A 147 7.72 -16.07 9.04
C ASP A 147 7.11 -17.20 8.22
N ALA A 148 7.94 -18.02 7.56
CA ALA A 148 7.44 -19.05 6.65
C ALA A 148 6.63 -20.14 7.34
N THR A 149 6.64 -20.19 8.67
CA THR A 149 5.78 -21.16 9.35
C THR A 149 4.32 -20.79 9.18
N HIS A 150 4.02 -19.49 9.18
CA HIS A 150 2.67 -18.97 8.96
C HIS A 150 2.73 -18.04 7.75
N PRO A 151 2.48 -18.56 6.55
CA PRO A 151 2.69 -17.77 5.33
C PRO A 151 1.88 -16.47 5.26
N LEU A 152 0.84 -16.31 6.07
CA LEU A 152 0.10 -15.06 6.04
C LEU A 152 0.94 -13.89 6.53
N MET A 153 2.00 -14.16 7.31
CA MET A 153 2.83 -13.09 7.83
C MET A 153 3.47 -12.28 6.72
N HIS A 154 3.66 -12.88 5.55
CA HIS A 154 4.32 -12.19 4.44
C HIS A 154 3.54 -10.96 4.00
N TYR A 155 2.24 -10.98 4.17
CA TYR A 155 1.38 -9.90 3.71
C TYR A 155 1.11 -8.87 4.80
N GLN A 156 1.60 -9.09 6.01
CA GLN A 156 1.48 -8.11 7.07
C GLN A 156 2.35 -6.90 6.77
N PRO A 157 1.77 -5.71 6.67
CA PRO A 157 2.59 -4.49 6.53
C PRO A 157 3.54 -4.33 7.70
N LEU A 158 4.68 -3.68 7.42
CA LEU A 158 5.70 -3.50 8.45
C LEU A 158 5.17 -2.74 9.65
N GLU A 159 4.18 -1.87 9.44
CA GLU A 159 3.64 -1.02 10.49
C GLU A 159 2.48 -1.68 11.24
N ALA A 160 2.12 -2.90 10.89
CA ALA A 160 1.10 -3.63 11.64
C ALA A 160 1.71 -4.20 12.92
N PRO A 161 0.88 -4.44 13.94
CA PRO A 161 1.39 -5.01 15.20
C PRO A 161 2.16 -6.29 14.94
N PRO A 162 3.37 -6.42 15.49
CA PRO A 162 4.16 -7.64 15.30
C PRO A 162 3.48 -8.86 15.90
N VAL A 163 3.65 -10.01 15.23
CA VAL A 163 3.04 -11.26 15.65
C VAL A 163 4.06 -12.38 15.83
N SER A 164 5.35 -12.11 15.60
CA SER A 164 6.36 -13.16 15.66
C SER A 164 7.67 -12.60 16.20
N LEU A 165 8.38 -13.43 16.97
CA LEU A 165 9.64 -13.03 17.59
C LEU A 165 10.49 -14.28 17.79
N SER A 166 11.77 -14.19 17.45
CA SER A 166 12.67 -15.34 17.50
C SER A 166 13.76 -15.09 18.53
N VAL A 167 13.91 -16.03 19.46
CA VAL A 167 14.81 -15.92 20.58
C VAL A 167 15.82 -17.05 20.45
N ILE A 168 17.08 -16.72 20.16
CA ILE A 168 18.09 -17.71 19.81
C ILE A 168 19.06 -17.86 20.98
N PHE A 169 19.13 -19.06 21.53
CA PHE A 169 20.00 -19.35 22.65
C PHE A 169 21.25 -20.08 22.17
N PRO A 170 22.44 -19.54 22.39
CA PRO A 170 23.67 -20.33 22.16
C PRO A 170 23.95 -21.21 23.38
N LEU A 171 24.05 -22.51 23.15
CA LEU A 171 24.41 -23.44 24.21
C LEU A 171 25.88 -23.82 24.18
N THR A 172 26.55 -23.61 23.05
CA THR A 172 28.00 -23.59 22.95
C THR A 172 28.42 -22.19 22.53
N GLU A 173 29.74 -21.99 22.44
CA GLU A 173 30.24 -20.73 21.93
C GLU A 173 29.85 -20.56 20.47
N PHE A 174 29.62 -19.31 20.07
CA PHE A 174 29.39 -18.95 18.68
C PHE A 174 30.60 -18.18 18.18
N THR A 175 31.28 -18.72 17.17
CA THR A 175 32.47 -18.09 16.62
C THR A 175 32.34 -17.98 15.11
N GLU A 176 33.23 -17.20 14.51
CA GLU A 176 33.26 -17.14 13.05
C GLU A 176 33.63 -18.49 12.45
N GLU A 177 34.42 -19.30 13.19
CA GLU A 177 34.89 -20.57 12.67
C GLU A 177 33.80 -21.63 12.69
N ASN A 178 33.01 -21.72 13.76
CA ASN A 178 32.02 -22.77 13.91
C ASN A 178 30.65 -22.38 13.38
N GLY A 179 30.51 -21.21 12.78
CA GLY A 179 29.28 -20.86 12.08
C GLY A 179 28.26 -20.12 12.92
N ALA A 180 28.70 -19.08 13.61
CA ALA A 180 27.77 -18.25 14.38
C ALA A 180 26.64 -17.79 13.48
N THR A 181 25.47 -17.60 14.09
CA THR A 181 24.29 -17.16 13.35
C THR A 181 24.58 -15.86 12.61
N GLU A 182 24.17 -15.81 11.35
CA GLU A 182 24.41 -14.66 10.49
C GLU A 182 23.11 -13.89 10.32
N VAL A 183 23.14 -12.60 10.63
CA VAL A 183 21.96 -11.75 10.58
C VAL A 183 22.23 -10.59 9.63
N ILE A 184 21.25 -10.29 8.78
CA ILE A 184 21.32 -9.17 7.85
C ILE A 184 20.54 -8.01 8.48
N LEU A 185 21.27 -7.03 9.03
CA LEU A 185 20.62 -5.90 9.69
C LEU A 185 19.75 -5.12 8.71
N GLY A 186 18.57 -4.71 9.20
CA GLY A 186 17.65 -3.93 8.40
C GLY A 186 16.89 -4.73 7.36
N SER A 187 17.10 -6.03 7.26
CA SER A 187 16.48 -6.82 6.20
C SER A 187 14.98 -7.00 6.40
N HIS A 188 14.43 -6.63 7.56
CA HIS A 188 12.98 -6.70 7.72
C HIS A 188 12.25 -5.63 6.92
N ARG A 189 12.97 -4.68 6.33
CA ARG A 189 12.38 -3.66 5.46
C ARG A 189 12.45 -4.05 3.99
N TRP A 190 13.02 -5.21 3.66
CA TRP A 190 12.92 -5.74 2.31
C TRP A 190 11.54 -6.35 2.11
N THR A 191 11.04 -6.26 0.87
CA THR A 191 9.81 -6.95 0.56
C THR A 191 10.02 -8.46 0.51
N GLU A 192 11.01 -8.90 -0.24
CA GLU A 192 11.30 -10.31 -0.41
C GLU A 192 12.63 -10.66 0.26
N VAL A 193 12.89 -11.97 0.32
CA VAL A 193 14.16 -12.44 0.85
C VAL A 193 15.23 -12.41 -0.23
N GLY A 194 14.90 -12.83 -1.45
CA GLY A 194 15.87 -12.81 -2.51
C GLY A 194 16.95 -13.88 -2.32
N THR A 195 18.12 -13.64 -2.90
CA THR A 195 19.28 -14.52 -2.76
C THR A 195 20.47 -13.68 -2.30
N PRO A 196 20.52 -13.31 -1.02
CA PRO A 196 21.59 -12.44 -0.54
C PRO A 196 22.93 -13.18 -0.49
N GLU A 197 23.99 -12.39 -0.49
CA GLU A 197 25.34 -12.91 -0.33
C GLU A 197 25.71 -12.93 1.16
N ARG A 198 26.59 -13.87 1.52
CA ARG A 198 26.96 -14.06 2.93
C ARG A 198 27.56 -12.81 3.54
N ASP A 199 28.37 -12.07 2.78
CA ASP A 199 29.05 -10.89 3.31
C ASP A 199 28.10 -9.74 3.62
N GLN A 200 26.82 -9.84 3.26
CA GLN A 200 25.84 -8.84 3.69
C GLN A 200 25.46 -9.01 5.15
N ALA A 201 25.72 -10.18 5.74
CA ALA A 201 25.26 -10.47 7.09
C ALA A 201 26.34 -10.14 8.12
N VAL A 202 25.93 -10.11 9.37
CA VAL A 202 26.81 -9.87 10.51
C VAL A 202 26.73 -11.09 11.43
N LEU A 203 27.88 -11.48 12.00
CA LEU A 203 27.92 -12.65 12.84
C LEU A 203 27.45 -12.33 14.25
N ALA A 204 26.70 -13.27 14.83
CA ALA A 204 26.28 -13.18 16.22
C ALA A 204 27.15 -14.06 17.11
N THR A 205 28.44 -13.70 17.16
CA THR A 205 29.39 -14.41 18.01
C THR A 205 29.03 -14.17 19.47
N MET A 206 28.83 -15.26 20.23
CA MET A 206 28.34 -15.18 21.59
C MET A 206 28.97 -16.27 22.44
N ASP A 207 28.93 -16.05 23.75
CA ASP A 207 29.25 -17.04 24.78
C ASP A 207 27.97 -17.69 25.28
N PRO A 208 28.04 -18.93 25.76
CA PRO A 208 26.84 -19.54 26.35
C PRO A 208 26.33 -18.73 27.53
N GLY A 209 25.02 -18.55 27.58
CA GLY A 209 24.40 -17.61 28.49
C GLY A 209 23.94 -16.33 27.83
N ASP A 210 24.46 -16.01 26.66
CA ASP A 210 23.95 -14.90 25.86
C ASP A 210 22.65 -15.31 25.18
N VAL A 211 21.98 -14.34 24.57
CA VAL A 211 20.76 -14.57 23.80
C VAL A 211 20.79 -13.69 22.57
N LEU A 212 20.41 -14.25 21.43
CA LEU A 212 20.20 -13.47 20.22
C LEU A 212 18.71 -13.31 20.01
N ILE A 213 18.26 -12.07 19.84
CA ILE A 213 16.85 -11.77 19.66
C ILE A 213 16.65 -11.17 18.28
N VAL A 214 15.72 -11.74 17.51
CA VAL A 214 15.55 -11.42 16.10
C VAL A 214 14.10 -11.09 15.82
N ARG A 215 13.85 -9.88 15.33
CA ARG A 215 12.51 -9.40 15.00
C ARG A 215 11.90 -10.20 13.86
N GLN A 216 10.57 -10.19 13.81
CA GLN A 216 9.84 -10.69 12.66
C GLN A 216 10.36 -10.05 11.37
N ARG A 217 10.48 -10.87 10.32
CA ARG A 217 10.89 -10.53 8.95
C ARG A 217 12.40 -10.35 8.79
N VAL A 218 13.20 -10.46 9.84
CA VAL A 218 14.64 -10.27 9.71
C VAL A 218 15.26 -11.51 9.06
N VAL A 219 16.03 -11.29 8.00
CA VAL A 219 16.67 -12.38 7.26
C VAL A 219 17.94 -12.82 7.99
N HIS A 220 18.09 -14.13 8.17
CA HIS A 220 19.18 -14.69 8.97
C HIS A 220 19.42 -16.13 8.51
N ALA A 221 20.51 -16.73 9.02
CA ALA A 221 20.89 -18.09 8.65
C ALA A 221 21.99 -18.58 9.58
N GLY A 222 21.97 -19.88 9.84
CA GLY A 222 23.05 -20.52 10.58
C GLY A 222 24.30 -20.65 9.75
N GLY A 223 25.46 -20.60 10.41
CA GLY A 223 26.70 -20.29 9.71
C GLY A 223 27.31 -21.47 8.98
N GLY A 224 27.25 -22.66 9.58
CA GLY A 224 27.94 -23.79 9.01
C GLY A 224 29.32 -23.97 9.61
N ASN A 225 29.56 -25.16 10.17
CA ASN A 225 30.69 -25.41 11.05
C ASN A 225 31.92 -25.74 10.21
N ARG A 226 32.92 -24.86 10.27
CA ARG A 226 34.18 -25.06 9.56
C ARG A 226 35.29 -25.60 10.45
N THR A 227 35.02 -25.85 11.74
CA THR A 227 36.04 -26.35 12.64
C THR A 227 36.48 -27.75 12.22
N THR A 228 37.80 -27.98 12.26
CA THR A 228 38.31 -29.28 11.81
C THR A 228 37.98 -30.38 12.81
N ALA A 229 38.12 -30.09 14.10
CA ALA A 229 37.84 -31.08 15.14
C ALA A 229 37.38 -30.35 16.38
N GLY A 230 36.15 -30.60 16.82
CA GLY A 230 35.67 -29.97 18.03
C GLY A 230 34.24 -30.37 18.32
N LYS A 231 33.76 -29.89 19.46
CA LYS A 231 32.37 -30.08 19.82
C LYS A 231 31.47 -29.38 18.80
N PRO A 232 30.32 -29.95 18.45
CA PRO A 232 29.42 -29.29 17.51
C PRO A 232 28.89 -27.98 18.06
N ARG A 233 28.50 -27.10 17.14
CA ARG A 233 27.79 -25.89 17.52
C ARG A 233 26.37 -26.24 17.92
N ARG A 234 25.94 -25.76 19.07
CA ARG A 234 24.67 -26.14 19.66
C ARG A 234 23.86 -24.88 19.90
N VAL A 235 22.62 -24.87 19.40
CA VAL A 235 21.77 -23.68 19.45
C VAL A 235 20.33 -24.11 19.67
N VAL A 236 19.64 -23.40 20.56
CA VAL A 236 18.23 -23.63 20.86
C VAL A 236 17.45 -22.44 20.36
N LEU A 237 16.48 -22.69 19.48
CA LEU A 237 15.63 -21.67 18.90
C LEU A 237 14.27 -21.69 19.59
N ALA A 238 13.90 -20.58 20.21
CA ALA A 238 12.57 -20.43 20.83
C ALA A 238 11.78 -19.42 20.00
N TYR A 239 10.64 -19.86 19.48
CA TYR A 239 9.83 -19.12 18.53
CA TYR A 239 9.84 -19.09 18.54
C TYR A 239 8.53 -18.70 19.21
N PHE A 240 8.39 -17.42 19.54
CA PHE A 240 7.20 -16.89 20.20
C PHE A 240 6.30 -16.21 19.17
N ASN A 241 5.03 -16.64 19.10
CA ASN A 241 4.03 -16.06 18.21
C ASN A 241 2.91 -15.43 19.03
N SER A 242 2.16 -14.54 18.38
CA SER A 242 0.90 -14.08 18.93
C SER A 242 -0.04 -15.26 19.11
N VAL A 243 -0.88 -15.20 20.15
CA VAL A 243 -1.84 -16.28 20.38
C VAL A 243 -2.87 -16.41 19.27
N GLN A 244 -2.90 -15.46 18.32
CA GLN A 244 -3.75 -15.61 17.15
C GLN A 244 -3.22 -16.61 16.15
N LEU A 245 -1.95 -16.99 16.24
CA LEU A 245 -1.34 -17.93 15.30
C LEU A 245 -1.24 -19.31 15.94
N THR A 246 -1.59 -20.33 15.16
CA THR A 246 -1.55 -21.71 15.64
C THR A 246 -0.11 -22.13 15.96
N PRO A 247 0.15 -22.71 17.13
CA PRO A 247 1.51 -23.16 17.43
C PRO A 247 1.97 -24.26 16.48
N PHE A 248 3.22 -24.12 16.02
CA PHE A 248 3.81 -25.13 15.15
C PHE A 248 3.81 -26.49 15.83
N GLU A 249 4.33 -26.53 17.05
CA GLU A 249 4.29 -27.73 17.88
C GLU A 249 3.10 -27.62 18.83
N THR A 250 2.33 -28.69 18.96
CA THR A 250 1.27 -28.73 19.96
C THR A 250 1.75 -29.48 21.19
N TYR A 251 1.64 -28.84 22.36
CA TYR A 251 2.03 -29.44 23.62
C TYR A 251 0.84 -30.06 24.35
N ARG A 252 -0.17 -30.52 23.60
CA ARG A 252 -1.39 -31.02 24.21
C ARG A 252 -1.27 -32.45 24.71
N THR A 253 -0.25 -33.19 24.27
CA THR A 253 -0.03 -34.57 24.69
C THR A 253 0.87 -34.68 25.91
N MET A 254 1.37 -33.56 26.41
CA MET A 254 2.18 -33.59 27.61
C MET A 254 1.39 -34.23 28.76
N PRO A 255 2.04 -35.09 29.55
CA PRO A 255 1.36 -35.66 30.73
C PRO A 255 0.85 -34.56 31.64
N ARG A 256 -0.31 -34.81 32.24
CA ARG A 256 -0.89 -33.81 33.13
C ARG A 256 0.04 -33.49 34.30
N GLU A 257 0.72 -34.51 34.83
CA GLU A 257 1.63 -34.29 35.95
C GLU A 257 2.78 -33.38 35.56
N MET A 258 3.25 -33.47 34.31
CA MET A 258 4.27 -32.55 33.84
C MET A 258 3.72 -31.14 33.71
N VAL A 259 2.53 -31.00 33.10
CA VAL A 259 1.93 -29.67 32.90
C VAL A 259 1.62 -29.03 34.25
N GLU A 260 1.02 -29.79 35.17
CA GLU A 260 0.68 -29.23 36.46
C GLU A 260 1.90 -28.90 37.31
N SER A 261 3.08 -29.37 36.94
CA SER A 261 4.28 -29.00 37.67
C SER A 261 4.90 -27.71 37.17
N MET A 262 4.32 -27.11 36.14
CA MET A 262 4.79 -25.85 35.60
C MET A 262 4.10 -24.67 36.28
N THR A 263 4.65 -23.49 36.07
CA THR A 263 4.01 -22.29 36.56
C THR A 263 2.87 -21.89 35.63
N VAL A 264 2.10 -20.89 36.07
CA VAL A 264 0.99 -20.39 35.25
C VAL A 264 1.53 -19.81 33.95
N LEU A 265 2.56 -18.98 34.02
CA LEU A 265 3.18 -18.45 32.81
C LEU A 265 3.60 -19.58 31.88
N GLY A 266 4.24 -20.62 32.43
CA GLY A 266 4.66 -21.72 31.59
C GLY A 266 3.51 -22.42 30.91
N GLN A 267 2.44 -22.68 31.66
CA GLN A 267 1.28 -23.34 31.07
C GLN A 267 0.68 -22.50 29.95
N ARG A 268 0.57 -21.19 30.16
CA ARG A 268 0.08 -20.30 29.11
C ARG A 268 0.94 -20.40 27.86
N MET A 269 2.26 -20.40 28.01
CA MET A 269 3.14 -20.45 26.84
C MET A 269 2.95 -21.74 26.04
N LEU A 270 2.58 -22.85 26.69
CA LEU A 270 2.43 -24.12 26.00
C LEU A 270 0.98 -24.44 25.66
N GLY A 271 0.12 -23.41 25.62
CA GLY A 271 -1.21 -23.58 25.06
C GLY A 271 -2.21 -24.31 25.92
N TRP A 272 -1.97 -24.38 27.23
CA TRP A 272 -2.89 -25.05 28.14
C TRP A 272 -3.86 -24.11 28.83
N ARG A 273 -3.77 -22.80 28.58
CA ARG A 273 -4.68 -21.84 29.18
C ARG A 273 -5.28 -20.95 28.11
N THR A 274 -6.47 -20.42 28.42
CA THR A 274 -7.14 -19.48 27.54
C THR A 274 -6.38 -18.16 27.50
N MET A 275 -6.21 -17.61 26.30
CA MET A 275 -5.39 -16.43 26.09
C MET A 275 -6.23 -15.29 25.55
N LYS A 276 -5.64 -14.10 25.51
CA LYS A 276 -6.35 -12.88 25.12
C LYS A 276 -5.59 -12.13 24.04
N PRO A 277 -6.06 -12.12 22.80
CA PRO A 277 -5.54 -11.13 21.83
C PRO A 277 -6.08 -9.76 22.17
N SER A 278 -5.44 -8.73 21.61
CA SER A 278 -5.87 -7.36 21.91
C SER A 278 -7.26 -7.10 21.31
N ASP A 279 -7.84 -5.97 21.69
CA ASP A 279 -9.06 -5.51 21.06
C ASP A 279 -8.79 -5.23 19.58
N PRO A 280 -9.78 -5.44 18.71
CA PRO A 280 -11.22 -5.67 18.91
C PRO A 280 -11.67 -7.05 19.44
N ASN A 281 -10.76 -7.97 19.72
CA ASN A 281 -11.16 -9.22 20.38
C ASN A 281 -11.26 -8.96 21.88
N ILE A 282 -12.49 -8.88 22.39
CA ILE A 282 -12.71 -8.55 23.80
C ILE A 282 -13.06 -9.77 24.63
N VAL A 283 -13.08 -10.96 24.05
CA VAL A 283 -13.50 -12.18 24.73
C VAL A 283 -12.28 -13.02 25.11
N GLY A 284 -11.47 -13.36 24.11
CA GLY A 284 -10.32 -14.22 24.31
C GLY A 284 -10.20 -15.22 23.18
N ILE A 285 -9.43 -16.26 23.41
CA ILE A 285 -9.18 -17.30 22.43
C ILE A 285 -8.73 -18.55 23.17
N ASN A 286 -8.91 -19.71 22.53
CA ASN A 286 -8.53 -21.01 23.10
C ASN A 286 -9.37 -21.35 24.33
N LEU A 287 -10.68 -21.18 24.21
CA LEU A 287 -11.63 -21.44 25.27
C LEU A 287 -12.55 -22.59 24.87
N ILE A 288 -13.36 -23.05 25.82
CA ILE A 288 -14.30 -24.13 25.57
C ILE A 288 -15.44 -23.99 26.57
N ASP A 289 -16.64 -24.44 26.15
CA ASP A 289 -17.84 -24.38 26.96
C ASP A 289 -18.09 -22.98 27.52
N ASP A 290 -17.64 -21.96 26.79
CA ASP A 290 -17.70 -20.55 27.21
C ASP A 290 -16.95 -20.32 28.54
N LYS A 291 -16.04 -21.21 28.89
CA LYS A 291 -15.21 -21.07 30.08
C LYS A 291 -13.74 -21.05 29.67
N ARG A 292 -12.89 -20.63 30.61
CA ARG A 292 -11.45 -20.75 30.41
C ARG A 292 -11.06 -22.20 30.37
N LEU A 293 -10.16 -22.54 29.45
CA LEU A 293 -9.75 -23.94 29.29
C LEU A 293 -9.25 -24.52 30.60
N GLU A 294 -8.45 -23.75 31.35
CA GLU A 294 -7.86 -24.28 32.58
C GLU A 294 -8.92 -24.58 33.63
N ASN A 295 -10.02 -23.82 33.66
CA ASN A 295 -11.10 -24.14 34.60
C ASN A 295 -11.81 -25.42 34.19
N VAL A 296 -12.09 -25.58 32.89
CA VAL A 296 -12.72 -26.80 32.41
C VAL A 296 -11.85 -28.01 32.72
N LEU A 297 -10.55 -27.89 32.50
CA LEU A 297 -9.63 -28.97 32.83
C LEU A 297 -9.40 -29.12 34.33
N GLN A 298 -9.70 -28.10 35.13
CA GLN A 298 -9.34 -28.05 36.54
C GLN A 298 -7.84 -28.27 36.71
N LEU A 299 -7.09 -27.40 36.04
CA LEU A 299 -5.64 -27.49 35.93
C LEU A 299 -4.97 -26.84 37.13
N LYS A 300 -4.27 -27.65 37.93
CA LYS A 300 -3.42 -27.12 38.98
C LYS A 300 -2.15 -26.51 38.37
N ALA A 301 -1.53 -25.59 39.11
CA ALA A 301 -0.26 -25.02 38.70
C ALA A 301 0.65 -24.93 39.91
N ALA A 302 1.95 -24.90 39.65
CA ALA A 302 2.93 -24.94 40.73
C ALA A 302 2.95 -23.64 41.53
N ASP A 303 2.62 -22.51 40.91
CA ASP A 303 2.58 -21.23 41.61
C ASP A 303 1.16 -20.73 41.80
N SER A 304 0.17 -21.61 41.58
CA SER A 304 -1.23 -21.34 41.88
C SER A 304 -1.75 -22.48 42.73
N PRO A 305 -1.52 -22.43 44.06
CA PRO A 305 -1.96 -23.48 44.97
C PRO A 305 -3.50 -23.63 45.01
N ASP B 19 -34.41 -2.18 -12.07
CA ASP B 19 -33.25 -1.60 -11.38
C ASP B 19 -33.59 -1.10 -9.98
N SER B 20 -33.74 -2.04 -9.05
CA SER B 20 -34.03 -1.73 -7.67
C SER B 20 -32.78 -1.91 -6.82
N LYS B 21 -32.95 -1.95 -5.50
CA LYS B 21 -31.81 -2.10 -4.60
C LYS B 21 -31.16 -3.46 -4.82
N PRO B 22 -29.84 -3.54 -4.95
CA PRO B 22 -29.19 -4.84 -5.08
C PRO B 22 -29.43 -5.71 -3.84
N GLN B 23 -29.70 -6.98 -4.08
CA GLN B 23 -29.98 -7.94 -3.02
C GLN B 23 -28.94 -9.05 -3.03
N LEU B 24 -28.94 -9.85 -1.96
CA LEU B 24 -28.08 -11.03 -1.91
C LEU B 24 -28.52 -12.04 -2.96
N GLN B 25 -27.58 -12.54 -3.74
CA GLN B 25 -27.90 -13.56 -4.74
C GLN B 25 -28.26 -14.88 -4.09
N ARG B 26 -29.25 -15.56 -4.66
CA ARG B 26 -29.69 -16.89 -4.25
C ARG B 26 -29.23 -17.90 -5.30
N LEU B 27 -28.60 -18.99 -4.87
CA LEU B 27 -28.17 -20.03 -5.78
C LEU B 27 -28.66 -21.39 -5.31
N ALA B 28 -28.77 -22.32 -6.25
CA ALA B 28 -29.07 -23.70 -5.93
C ALA B 28 -27.83 -24.39 -5.36
N ALA B 29 -28.05 -25.39 -4.51
CA ALA B 29 -26.93 -26.06 -3.85
C ALA B 29 -25.97 -26.69 -4.85
N ASP B 30 -26.49 -27.17 -5.98
CA ASP B 30 -25.67 -27.83 -7.00
C ASP B 30 -24.99 -26.86 -7.95
N ALA B 31 -25.03 -25.56 -7.66
CA ALA B 31 -24.36 -24.57 -8.50
C ALA B 31 -22.84 -24.77 -8.47
N ASP B 32 -22.16 -24.19 -9.46
CA ASP B 32 -20.73 -24.36 -9.59
C ASP B 32 -19.99 -23.58 -8.50
N VAL B 33 -18.91 -24.15 -8.00
CA VAL B 33 -18.22 -23.57 -6.85
C VAL B 33 -17.41 -22.36 -7.27
N ASP B 34 -16.83 -22.39 -8.48
CA ASP B 34 -16.07 -21.24 -8.98
C ASP B 34 -16.97 -20.04 -9.23
N ARG B 35 -18.23 -20.27 -9.61
CA ARG B 35 -19.17 -19.16 -9.69
C ARG B 35 -19.46 -18.61 -8.29
N MET B 36 -19.58 -19.49 -7.29
CA MET B 36 -19.79 -19.02 -5.92
C MET B 36 -18.63 -18.18 -5.43
N CYS B 37 -17.40 -18.57 -5.75
CA CYS B 37 -16.25 -17.79 -5.30
C CYS B 37 -16.21 -16.43 -5.96
N ARG B 38 -16.57 -16.35 -7.24
CA ARG B 38 -16.68 -15.06 -7.90
C ARG B 38 -17.68 -14.17 -7.18
N LEU B 39 -18.78 -14.74 -6.68
CA LEU B 39 -19.76 -13.95 -5.95
C LEU B 39 -19.20 -13.44 -4.62
N LEU B 40 -18.45 -14.27 -3.91
CA LEU B 40 -17.82 -13.81 -2.67
C LEU B 40 -16.88 -12.65 -2.93
N GLU B 41 -16.20 -12.64 -4.08
CA GLU B 41 -15.29 -11.53 -4.33
C GLU B 41 -16.03 -10.28 -4.79
N GLU B 42 -17.12 -10.43 -5.55
CA GLU B 42 -17.84 -9.27 -6.06
C GLU B 42 -18.79 -8.70 -5.01
N ASP B 43 -19.69 -9.53 -4.50
CA ASP B 43 -20.68 -9.07 -3.53
C ASP B 43 -20.23 -9.24 -2.10
N GLY B 44 -19.45 -10.26 -1.81
CA GLY B 44 -19.01 -10.56 -0.47
C GLY B 44 -19.82 -11.64 0.21
N ALA B 45 -20.95 -12.04 -0.35
CA ALA B 45 -21.83 -12.98 0.33
C ALA B 45 -22.89 -13.48 -0.65
N PHE B 46 -23.38 -14.69 -0.40
CA PHE B 46 -24.49 -15.24 -1.20
C PHE B 46 -25.23 -16.27 -0.36
N ILE B 47 -26.37 -16.71 -0.88
CA ILE B 47 -27.25 -17.65 -0.21
C ILE B 47 -27.40 -18.89 -1.07
N LEU B 48 -27.21 -20.06 -0.46
CA LEU B 48 -27.54 -21.34 -1.07
C LEU B 48 -28.91 -21.78 -0.58
N LYS B 49 -29.72 -22.30 -1.49
CA LYS B 49 -31.08 -22.69 -1.19
C LYS B 49 -31.20 -24.21 -1.17
N GLY B 50 -31.77 -24.74 -0.09
CA GLY B 50 -32.00 -26.17 0.01
C GLY B 50 -30.72 -26.97 0.06
N LEU B 51 -29.77 -26.54 0.89
CA LEU B 51 -28.55 -27.33 1.06
C LEU B 51 -28.80 -28.53 1.97
N LEU B 52 -29.47 -28.30 3.10
CA LEU B 52 -29.73 -29.33 4.10
C LEU B 52 -31.18 -29.78 4.06
N PRO B 53 -31.44 -31.08 4.15
CA PRO B 53 -32.83 -31.54 4.24
C PRO B 53 -33.48 -31.08 5.54
N PHE B 54 -34.80 -30.94 5.49
CA PHE B 54 -35.50 -30.37 6.64
C PHE B 54 -35.33 -31.23 7.91
N ASP B 55 -35.22 -32.55 7.75
CA ASP B 55 -35.10 -33.40 8.92
C ASP B 55 -33.73 -33.27 9.58
N VAL B 56 -32.71 -32.94 8.79
CA VAL B 56 -31.40 -32.63 9.36
C VAL B 56 -31.46 -31.34 10.18
N VAL B 57 -32.18 -30.34 9.68
CA VAL B 57 -32.33 -29.10 10.43
C VAL B 57 -33.19 -29.35 11.67
N GLU B 58 -34.24 -30.17 11.53
CA GLU B 58 -35.10 -30.46 12.67
C GLU B 58 -34.36 -31.27 13.72
N SER B 59 -33.60 -32.27 13.28
CA SER B 59 -32.76 -33.03 14.21
C SER B 59 -31.80 -32.12 14.94
N PHE B 60 -31.17 -31.19 14.20
CA PHE B 60 -30.28 -30.22 14.82
C PHE B 60 -31.02 -29.38 15.85
N ASN B 61 -32.24 -28.94 15.51
CA ASN B 61 -33.00 -28.09 16.43
C ASN B 61 -33.36 -28.81 17.72
N ARG B 62 -33.47 -30.14 17.69
CA ARG B 62 -33.91 -30.84 18.89
C ARG B 62 -32.76 -31.26 19.79
N GLU B 63 -31.58 -31.47 19.22
CA GLU B 63 -30.40 -31.64 20.05
C GLU B 63 -30.05 -30.35 20.77
N LEU B 64 -30.33 -29.20 20.15
CA LEU B 64 -30.13 -27.91 20.81
C LEU B 64 -31.25 -27.60 21.78
N ASP B 65 -32.44 -28.16 21.57
CA ASP B 65 -33.51 -28.01 22.55
C ASP B 65 -33.10 -28.60 23.89
N VAL B 66 -32.35 -29.71 23.85
CA VAL B 66 -31.87 -30.35 25.08
C VAL B 66 -30.93 -29.42 25.83
N GLN B 67 -29.91 -28.91 25.14
CA GLN B 67 -28.95 -28.03 25.80
C GLN B 67 -29.64 -26.81 26.41
N MET B 68 -30.68 -26.31 25.75
CA MET B 68 -31.44 -25.19 26.29
C MET B 68 -32.19 -25.57 27.56
N ALA B 69 -32.52 -26.84 27.75
CA ALA B 69 -33.28 -27.23 28.93
C ALA B 69 -32.40 -27.45 30.14
N ILE B 70 -31.08 -27.50 29.95
CA ILE B 70 -30.16 -27.64 31.08
C ILE B 70 -30.08 -26.32 31.82
N PRO B 71 -30.12 -26.32 33.16
CA PRO B 71 -29.99 -25.07 33.90
C PRO B 71 -28.67 -24.39 33.59
N PRO B 72 -28.65 -23.07 33.46
CA PRO B 72 -27.41 -22.36 33.12
C PRO B 72 -26.36 -22.56 34.21
N PRO B 73 -25.09 -22.70 33.83
CA PRO B 73 -24.04 -22.99 34.82
C PRO B 73 -23.69 -21.76 35.63
N LYS B 74 -23.75 -21.90 36.96
CA LYS B 74 -23.47 -20.78 37.87
C LYS B 74 -21.97 -20.52 37.88
N GLY B 75 -21.52 -19.55 37.10
CA GLY B 75 -20.11 -19.20 37.09
C GLY B 75 -19.79 -18.24 35.96
N GLU B 76 -18.51 -18.13 35.67
CA GLU B 76 -18.02 -17.25 34.62
C GLU B 76 -18.40 -17.76 33.24
N ARG B 77 -18.86 -16.84 32.38
CA ARG B 77 -19.17 -17.13 30.98
C ARG B 77 -18.50 -16.05 30.13
N LEU B 78 -17.42 -16.43 29.43
CA LEU B 78 -16.52 -15.43 28.84
C LEU B 78 -17.24 -14.54 27.83
N LEU B 79 -18.00 -15.13 26.91
CA LEU B 79 -18.65 -14.31 25.88
C LEU B 79 -19.95 -13.69 26.41
N ALA B 80 -20.82 -14.49 27.02
CA ALA B 80 -22.12 -13.98 27.45
C ALA B 80 -21.98 -12.84 28.46
N ASP B 81 -20.97 -12.87 29.33
CA ASP B 81 -20.85 -11.82 30.35
C ASP B 81 -20.38 -10.49 29.77
N LYS B 82 -19.85 -10.49 28.54
CA LYS B 82 -19.40 -9.26 27.90
C LYS B 82 -20.52 -8.53 27.18
N TYR B 83 -21.72 -9.10 27.11
CA TYR B 83 -22.78 -8.58 26.27
C TYR B 83 -24.11 -8.55 27.01
N PRO B 84 -25.00 -7.62 26.66
CA PRO B 84 -26.32 -7.54 27.32
C PRO B 84 -27.17 -8.74 26.98
N PRO B 85 -28.24 -9.00 27.74
CA PRO B 85 -29.07 -10.17 27.48
C PRO B 85 -29.97 -10.01 26.26
N HIS B 86 -29.36 -9.87 25.09
CA HIS B 86 -30.10 -9.70 23.84
C HIS B 86 -30.12 -10.96 22.98
N PHE B 87 -29.68 -12.09 23.53
CA PHE B 87 -29.57 -13.35 22.81
C PHE B 87 -29.34 -14.46 23.82
N LYS B 88 -29.74 -15.68 23.45
CA LYS B 88 -29.36 -16.87 24.20
C LYS B 88 -28.30 -17.64 23.40
N TYR B 89 -27.38 -18.27 24.12
CA TYR B 89 -26.11 -18.68 23.56
C TYR B 89 -25.82 -20.14 23.93
N VAL B 90 -25.47 -20.94 22.92
CA VAL B 90 -24.99 -22.30 23.16
C VAL B 90 -23.64 -22.47 22.46
N PRO B 91 -22.54 -22.48 23.20
CA PRO B 91 -21.23 -22.54 22.55
C PRO B 91 -20.86 -23.95 22.12
N ASN B 92 -19.86 -24.03 21.24
CA ASN B 92 -19.32 -25.26 20.67
C ASN B 92 -20.37 -26.36 20.53
N VAL B 93 -21.33 -26.17 19.62
CA VAL B 93 -22.37 -27.15 19.38
C VAL B 93 -21.82 -28.48 18.85
N ALA B 94 -20.57 -28.51 18.40
CA ALA B 94 -20.01 -29.75 17.89
C ALA B 94 -19.79 -30.78 18.99
N THR B 95 -19.60 -30.34 20.25
CA THR B 95 -19.40 -31.31 21.34
C THR B 95 -20.70 -31.81 21.95
N THR B 96 -21.85 -31.23 21.61
CA THR B 96 -23.12 -31.63 22.21
C THR B 96 -24.22 -31.93 21.20
N CYS B 97 -23.99 -31.76 19.91
CA CYS B 97 -25.02 -31.99 18.90
C CYS B 97 -24.51 -32.94 17.82
N PRO B 98 -24.90 -34.22 17.88
CA PRO B 98 -24.38 -35.19 16.91
C PRO B 98 -24.75 -34.87 15.47
N THR B 99 -25.92 -34.27 15.23
CA THR B 99 -26.29 -33.90 13.87
C THR B 99 -25.27 -32.94 13.28
N PHE B 100 -24.80 -31.97 14.06
CA PHE B 100 -23.78 -31.07 13.55
C PHE B 100 -22.45 -31.81 13.37
N ARG B 101 -22.08 -32.60 14.37
CA ARG B 101 -20.78 -33.26 14.37
C ARG B 101 -20.65 -34.27 13.22
N ASN B 102 -21.72 -35.00 12.90
CA ASN B 102 -21.64 -36.10 11.94
C ASN B 102 -22.25 -35.80 10.58
N THR B 103 -22.91 -34.65 10.40
CA THR B 103 -23.60 -34.42 9.14
C THR B 103 -23.39 -33.00 8.62
N VAL B 104 -23.72 -31.98 9.42
CA VAL B 104 -23.59 -30.61 8.95
C VAL B 104 -22.12 -30.27 8.73
N LEU B 105 -21.27 -30.58 9.71
CA LEU B 105 -19.87 -30.14 9.68
C LEU B 105 -19.12 -30.73 8.49
N ILE B 106 -19.55 -31.89 7.98
CA ILE B 106 -18.84 -32.52 6.88
C ILE B 106 -19.69 -32.50 5.61
N ASN B 107 -20.52 -31.47 5.46
CA ASN B 107 -21.34 -31.37 4.27
C ASN B 107 -20.44 -31.20 3.05
N PRO B 108 -20.61 -32.01 2.00
CA PRO B 108 -19.67 -31.94 0.87
C PRO B 108 -19.71 -30.62 0.12
N VAL B 109 -20.87 -29.98 0.01
CA VAL B 109 -20.92 -28.69 -0.70
C VAL B 109 -20.17 -27.64 0.09
N ILE B 110 -20.36 -27.60 1.42
CA ILE B 110 -19.63 -26.66 2.26
C ILE B 110 -18.13 -26.79 2.03
N HIS B 111 -17.62 -28.03 1.97
CA HIS B 111 -16.19 -28.24 1.80
C HIS B 111 -15.72 -28.03 0.37
N ALA B 112 -16.62 -28.16 -0.61
CA ALA B 112 -16.26 -27.76 -1.97
C ALA B 112 -16.03 -26.25 -2.03
N ILE B 113 -16.82 -25.48 -1.29
CA ILE B 113 -16.61 -24.04 -1.21
C ILE B 113 -15.32 -23.73 -0.44
N CYS B 114 -15.06 -24.46 0.64
CA CYS B 114 -13.90 -24.15 1.46
C CYS B 114 -12.60 -24.47 0.75
N GLU B 115 -12.54 -25.60 0.03
CA GLU B 115 -11.33 -25.94 -0.70
C GLU B 115 -11.03 -24.94 -1.80
N ALA B 116 -12.08 -24.41 -2.46
CA ALA B 116 -11.85 -23.40 -3.49
C ALA B 116 -11.44 -22.07 -2.86
N TYR B 117 -12.18 -21.66 -1.83
CA TYR B 117 -11.92 -20.38 -1.18
C TYR B 117 -10.54 -20.34 -0.53
N PHE B 118 -10.16 -21.41 0.15
CA PHE B 118 -8.91 -21.49 0.91
C PHE B 118 -7.76 -22.10 0.13
N GLN B 119 -7.90 -22.26 -1.20
CA GLN B 119 -6.87 -22.98 -1.95
C GLN B 119 -5.50 -22.32 -1.79
N ARG B 120 -5.44 -20.99 -1.83
CA ARG B 120 -4.17 -20.28 -1.75
C ARG B 120 -3.58 -20.25 -0.35
N THR B 121 -4.38 -20.50 0.68
CA THR B 121 -3.87 -20.49 2.06
C THR B 121 -3.48 -21.87 2.56
N GLY B 122 -3.98 -22.93 1.93
CA GLY B 122 -3.74 -24.27 2.40
C GLY B 122 -4.90 -24.81 3.23
N ASP B 123 -4.60 -25.63 4.22
CA ASP B 123 -5.66 -26.27 4.97
C ASP B 123 -6.45 -25.27 5.79
N TYR B 124 -7.69 -25.66 6.13
CA TYR B 124 -8.60 -24.87 6.95
C TYR B 124 -9.20 -25.79 8.02
N TRP B 125 -9.72 -25.19 9.09
CA TRP B 125 -10.42 -25.97 10.11
C TRP B 125 -11.45 -25.10 10.80
N LEU B 126 -12.24 -25.74 11.67
CA LEU B 126 -13.34 -25.07 12.34
C LEU B 126 -12.80 -24.26 13.52
N SER B 127 -12.97 -22.93 13.45
CA SER B 127 -12.54 -22.08 14.56
C SER B 127 -13.63 -21.95 15.63
N ALA B 128 -14.90 -21.93 15.24
CA ALA B 128 -15.98 -21.92 16.22
C ALA B 128 -17.28 -22.30 15.52
N ALA B 129 -18.23 -22.76 16.32
CA ALA B 129 -19.59 -23.01 15.83
C ALA B 129 -20.53 -22.98 17.02
N PHE B 130 -21.42 -22.00 17.06
CA PHE B 130 -22.30 -21.80 18.20
C PHE B 130 -23.69 -21.42 17.70
N LEU B 131 -24.63 -21.38 18.63
CA LEU B 131 -26.00 -21.02 18.34
C LEU B 131 -26.36 -19.71 19.02
N ARG B 132 -27.19 -18.93 18.34
CA ARG B 132 -27.81 -17.73 18.89
C ARG B 132 -29.32 -17.92 18.81
N GLU B 133 -29.99 -17.83 19.95
CA GLU B 133 -31.45 -17.72 20.02
C GLU B 133 -31.80 -16.28 20.34
N ILE B 134 -32.63 -15.67 19.49
CA ILE B 134 -33.10 -14.31 19.70
C ILE B 134 -34.61 -14.36 19.85
N GLU B 135 -35.10 -14.13 21.07
CA GLU B 135 -36.53 -14.20 21.32
C GLU B 135 -37.19 -12.87 21.00
N SER B 136 -38.53 -12.87 21.05
CA SER B 136 -39.32 -11.72 20.64
C SER B 136 -39.01 -10.50 21.49
N GLY B 137 -38.65 -9.40 20.84
CA GLY B 137 -38.36 -8.16 21.51
C GLY B 137 -36.89 -7.85 21.72
N MET B 138 -35.99 -8.72 21.24
CA MET B 138 -34.59 -8.42 21.50
C MET B 138 -34.06 -7.44 20.45
N PRO B 139 -33.27 -6.45 20.86
CA PRO B 139 -32.74 -5.48 19.89
C PRO B 139 -31.69 -6.08 18.97
N ALA B 140 -31.23 -5.29 18.01
CA ALA B 140 -30.34 -5.80 16.98
C ALA B 140 -28.93 -6.02 17.53
N GLN B 141 -28.19 -6.85 16.83
CA GLN B 141 -26.77 -7.02 17.07
C GLN B 141 -26.01 -5.91 16.38
N PRO B 142 -24.93 -5.40 16.98
CA PRO B 142 -24.17 -4.34 16.32
C PRO B 142 -23.45 -4.86 15.08
N PHE B 143 -23.27 -3.98 14.10
CA PHE B 143 -22.53 -4.34 12.90
C PHE B 143 -21.08 -4.65 13.24
N HIS B 144 -20.56 -5.71 12.65
CA HIS B 144 -19.23 -6.19 13.01
C HIS B 144 -18.66 -6.99 11.85
N ARG B 145 -17.36 -7.27 11.95
CA ARG B 145 -16.69 -8.25 11.11
C ARG B 145 -16.26 -9.41 12.00
N ASP B 146 -16.42 -10.63 11.51
CA ASP B 146 -15.96 -11.78 12.28
C ASP B 146 -14.44 -11.84 12.34
N ASP B 147 -13.75 -11.01 11.55
CA ASP B 147 -12.29 -10.91 11.60
C ASP B 147 -11.81 -10.58 13.01
N ALA B 148 -12.64 -9.91 13.81
CA ALA B 148 -12.19 -9.39 15.10
C ALA B 148 -11.74 -10.48 16.07
N THR B 149 -12.04 -11.75 15.81
CA THR B 149 -11.45 -12.80 16.64
C THR B 149 -9.94 -12.84 16.50
N HIS B 150 -9.43 -12.48 15.32
CA HIS B 150 -8.00 -12.47 15.04
C HIS B 150 -7.68 -11.08 14.49
N PRO B 151 -7.34 -10.13 15.36
CA PRO B 151 -7.16 -8.74 14.91
C PRO B 151 -6.08 -8.56 13.85
N LEU B 152 -5.17 -9.53 13.66
CA LEU B 152 -4.17 -9.35 12.61
C LEU B 152 -4.80 -9.36 11.23
N MET B 153 -5.99 -9.94 11.09
CA MET B 153 -6.67 -9.95 9.81
C MET B 153 -6.95 -8.53 9.29
N HIS B 154 -7.11 -7.56 10.19
CA HIS B 154 -7.46 -6.21 9.76
C HIS B 154 -6.40 -5.62 8.85
N TYR B 155 -5.14 -6.01 9.03
CA TYR B 155 -4.04 -5.47 8.26
C TYR B 155 -3.73 -6.28 7.02
N GLN B 156 -4.42 -7.40 6.80
CA GLN B 156 -4.22 -8.18 5.59
C GLN B 156 -4.68 -7.41 4.38
N PRO B 157 -3.85 -7.31 3.33
CA PRO B 157 -4.33 -6.72 2.07
C PRO B 157 -5.50 -7.50 1.54
N LEU B 158 -6.38 -6.80 0.82
CA LEU B 158 -7.56 -7.46 0.27
C LEU B 158 -7.17 -8.54 -0.72
N GLU B 159 -6.01 -8.41 -1.35
CA GLU B 159 -5.53 -9.35 -2.36
C GLU B 159 -4.71 -10.49 -1.78
N ALA B 160 -4.49 -10.50 -0.46
CA ALA B 160 -3.77 -11.58 0.19
C ALA B 160 -4.67 -12.82 0.28
N PRO B 161 -4.08 -14.01 0.31
CA PRO B 161 -4.88 -15.24 0.40
C PRO B 161 -5.83 -15.21 1.59
N PRO B 162 -7.12 -15.42 1.37
CA PRO B 162 -8.10 -15.36 2.46
C PRO B 162 -7.82 -16.40 3.53
N VAL B 163 -8.09 -16.02 4.78
CA VAL B 163 -7.85 -16.91 5.91
C VAL B 163 -9.10 -17.14 6.75
N SER B 164 -10.26 -16.60 6.35
CA SER B 164 -11.44 -16.68 7.20
C SER B 164 -12.69 -16.75 6.33
N LEU B 165 -13.70 -17.48 6.81
CA LEU B 165 -14.96 -17.60 6.08
C LEU B 165 -16.07 -17.94 7.07
N SER B 166 -17.20 -17.27 6.96
CA SER B 166 -18.32 -17.48 7.87
C SER B 166 -19.44 -18.19 7.14
N VAL B 167 -19.93 -19.27 7.74
CA VAL B 167 -21.01 -20.07 7.15
C VAL B 167 -22.17 -20.05 8.14
N ILE B 168 -23.28 -19.44 7.73
CA ILE B 168 -24.36 -19.06 8.63
C ILE B 168 -25.59 -19.90 8.31
N PHE B 169 -25.98 -20.77 9.26
CA PHE B 169 -27.10 -21.67 9.04
C PHE B 169 -28.36 -21.11 9.70
N PRO B 170 -29.45 -20.92 8.97
CA PRO B 170 -30.73 -20.61 9.64
C PRO B 170 -31.40 -21.89 10.11
N LEU B 171 -31.75 -21.95 11.39
CA LEU B 171 -32.48 -23.09 11.92
C LEU B 171 -33.96 -22.79 12.10
N THR B 172 -34.36 -21.53 11.97
CA THR B 172 -35.75 -21.14 11.81
C THR B 172 -35.85 -20.24 10.60
N GLU B 173 -37.05 -19.77 10.30
CA GLU B 173 -37.24 -18.89 9.16
C GLU B 173 -36.62 -17.54 9.44
N PHE B 174 -35.96 -16.97 8.44
CA PHE B 174 -35.37 -15.63 8.52
C PHE B 174 -36.28 -14.66 7.77
N THR B 175 -36.90 -13.74 8.50
CA THR B 175 -37.82 -12.79 7.91
C THR B 175 -37.40 -11.37 8.29
N GLU B 176 -38.06 -10.40 7.66
CA GLU B 176 -37.77 -9.00 7.95
C GLU B 176 -38.14 -8.66 9.39
N GLU B 177 -39.21 -9.24 9.92
CA GLU B 177 -39.72 -8.84 11.22
C GLU B 177 -38.97 -9.53 12.37
N ASN B 178 -38.46 -10.75 12.16
CA ASN B 178 -37.77 -11.47 13.22
C ASN B 178 -36.26 -11.24 13.21
N GLY B 179 -35.76 -10.38 12.35
CA GLY B 179 -34.38 -9.97 12.41
C GLY B 179 -33.41 -10.83 11.62
N ALA B 180 -33.73 -11.11 10.36
CA ALA B 180 -32.79 -11.85 9.52
C ALA B 180 -31.44 -11.14 9.47
N THR B 181 -30.40 -11.94 9.27
CA THR B 181 -29.04 -11.43 9.17
C THR B 181 -28.94 -10.33 8.11
N GLU B 182 -28.34 -9.21 8.48
CA GLU B 182 -28.18 -8.06 7.61
C GLU B 182 -26.73 -7.97 7.14
N VAL B 183 -26.53 -8.00 5.82
CA VAL B 183 -25.20 -8.00 5.23
C VAL B 183 -25.05 -6.73 4.39
N ILE B 184 -23.87 -6.11 4.49
CA ILE B 184 -23.55 -4.92 3.72
C ILE B 184 -22.68 -5.35 2.54
N LEU B 185 -23.32 -5.51 1.37
CA LEU B 185 -22.62 -5.95 0.18
C LEU B 185 -21.44 -5.05 -0.15
N GLY B 186 -20.33 -5.65 -0.56
CA GLY B 186 -19.16 -4.89 -0.93
C GLY B 186 -18.39 -4.28 0.23
N SER B 187 -18.89 -4.40 1.47
CA SER B 187 -18.21 -3.80 2.61
C SER B 187 -16.85 -4.42 2.91
N HIS B 188 -16.48 -5.53 2.25
CA HIS B 188 -15.14 -6.05 2.42
C HIS B 188 -14.10 -5.22 1.68
N ARG B 189 -14.54 -4.31 0.81
CA ARG B 189 -13.64 -3.33 0.21
C ARG B 189 -13.54 -2.06 1.03
N TRP B 190 -14.18 -1.99 2.19
CA TRP B 190 -13.94 -0.89 3.11
C TRP B 190 -12.68 -1.16 3.92
N THR B 191 -11.98 -0.09 4.26
CA THR B 191 -10.81 -0.26 5.14
C THR B 191 -11.25 -0.55 6.57
N GLU B 192 -12.29 0.14 7.04
CA GLU B 192 -12.74 -0.02 8.41
C GLU B 192 -14.25 -0.23 8.45
N VAL B 193 -14.75 -0.52 9.65
CA VAL B 193 -16.16 -0.84 9.81
C VAL B 193 -16.99 0.42 10.00
N GLY B 194 -16.52 1.31 10.87
CA GLY B 194 -17.26 2.52 11.09
C GLY B 194 -18.55 2.26 11.84
N THR B 195 -19.52 3.14 11.61
CA THR B 195 -20.82 3.09 12.27
C THR B 195 -21.89 3.12 11.18
N PRO B 196 -22.15 2.00 10.54
CA PRO B 196 -23.10 1.99 9.41
C PRO B 196 -24.54 2.12 9.88
N GLU B 197 -25.37 2.60 8.97
CA GLU B 197 -26.82 2.62 9.13
C GLU B 197 -27.41 1.28 8.70
N ARG B 198 -28.49 0.89 9.37
CA ARG B 198 -29.17 -0.36 9.03
C ARG B 198 -29.60 -0.40 7.57
N ASP B 199 -29.96 0.76 6.99
CA ASP B 199 -30.42 0.85 5.61
C ASP B 199 -29.36 0.39 4.62
N GLN B 200 -28.08 0.45 4.98
CA GLN B 200 -27.02 0.03 4.07
C GLN B 200 -26.98 -1.48 3.86
N ALA B 201 -27.58 -2.24 4.76
CA ALA B 201 -27.52 -3.68 4.65
C ALA B 201 -28.71 -4.21 3.84
N VAL B 202 -28.55 -5.43 3.35
CA VAL B 202 -29.63 -6.17 2.72
C VAL B 202 -29.95 -7.36 3.62
N LEU B 203 -31.20 -7.80 3.59
CA LEU B 203 -31.63 -8.89 4.45
C LEU B 203 -31.30 -10.23 3.82
N ALA B 204 -30.89 -11.18 4.67
CA ALA B 204 -30.67 -12.56 4.25
C ALA B 204 -31.85 -13.43 4.67
N THR B 205 -33.02 -13.10 4.11
CA THR B 205 -34.23 -13.86 4.38
C THR B 205 -34.08 -15.26 3.77
N MET B 206 -34.21 -16.28 4.63
CA MET B 206 -34.01 -17.67 4.24
C MET B 206 -35.03 -18.54 4.94
N ASP B 207 -35.22 -19.76 4.39
CA ASP B 207 -35.94 -20.86 5.00
C ASP B 207 -34.95 -21.82 5.66
N PRO B 208 -35.36 -22.56 6.69
CA PRO B 208 -34.48 -23.61 7.22
C PRO B 208 -34.06 -24.56 6.11
N GLY B 209 -32.80 -24.97 6.15
CA GLY B 209 -32.20 -25.71 5.06
C GLY B 209 -31.31 -24.86 4.15
N ASP B 210 -31.51 -23.55 4.14
CA ASP B 210 -30.65 -22.65 3.41
C ASP B 210 -29.34 -22.46 4.17
N VAL B 211 -28.40 -21.74 3.53
CA VAL B 211 -27.18 -21.34 4.21
C VAL B 211 -26.70 -20.04 3.58
N LEU B 212 -26.12 -19.18 4.41
CA LEU B 212 -25.57 -17.90 3.98
C LEU B 212 -24.04 -17.96 4.14
N ILE B 213 -23.33 -17.73 3.05
CA ILE B 213 -21.87 -17.73 3.04
C ILE B 213 -21.40 -16.28 3.05
N VAL B 214 -20.54 -15.92 4.00
CA VAL B 214 -20.07 -14.55 4.18
C VAL B 214 -18.54 -14.53 4.13
N ARG B 215 -17.98 -13.73 3.24
CA ARG B 215 -16.55 -13.61 3.06
C ARG B 215 -15.90 -12.89 4.25
N GLN B 216 -14.60 -13.14 4.42
CA GLN B 216 -13.78 -12.35 5.33
C GLN B 216 -13.93 -10.86 5.00
N ARG B 217 -14.08 -10.05 6.05
CA ARG B 217 -14.09 -8.58 6.05
C ARG B 217 -15.47 -8.03 5.70
N VAL B 218 -16.47 -8.86 5.43
CA VAL B 218 -17.80 -8.36 5.11
C VAL B 218 -18.51 -7.98 6.40
N VAL B 219 -19.02 -6.75 6.47
CA VAL B 219 -19.71 -6.26 7.65
C VAL B 219 -21.12 -6.84 7.68
N HIS B 220 -21.55 -7.30 8.86
CA HIS B 220 -22.86 -7.91 8.98
C HIS B 220 -23.33 -7.79 10.43
N ALA B 221 -24.56 -8.22 10.67
CA ALA B 221 -25.15 -8.14 12.01
C ALA B 221 -26.46 -8.89 12.04
N GLY B 222 -26.80 -9.42 13.22
CA GLY B 222 -28.12 -9.98 13.43
C GLY B 222 -29.16 -8.89 13.60
N GLY B 223 -30.39 -9.23 13.20
CA GLY B 223 -31.41 -8.19 13.05
C GLY B 223 -32.18 -7.82 14.29
N GLY B 224 -32.26 -8.71 15.26
CA GLY B 224 -33.10 -8.39 16.41
C GLY B 224 -34.58 -8.59 16.13
N ASN B 225 -35.23 -9.35 17.01
CA ASN B 225 -36.56 -9.89 16.74
C ASN B 225 -37.61 -8.85 17.09
N ARG B 226 -38.27 -8.31 16.07
CA ARG B 226 -39.32 -7.32 16.25
C ARG B 226 -40.70 -7.93 16.38
N THR B 227 -40.85 -9.24 16.14
CA THR B 227 -42.15 -9.89 16.26
C THR B 227 -42.68 -9.74 17.68
N THR B 228 -43.97 -9.39 17.78
CA THR B 228 -44.58 -9.22 19.09
C THR B 228 -44.74 -10.56 19.80
N ALA B 229 -45.09 -11.61 19.06
CA ALA B 229 -45.26 -12.93 19.64
C ALA B 229 -44.86 -13.97 18.61
N GLY B 230 -44.11 -14.97 19.03
CA GLY B 230 -43.68 -16.02 18.13
C GLY B 230 -42.47 -16.76 18.67
N LYS B 231 -42.08 -17.79 17.93
CA LYS B 231 -40.90 -18.55 18.29
C LYS B 231 -39.64 -17.75 18.01
N PRO B 232 -38.59 -17.94 18.81
CA PRO B 232 -37.36 -17.15 18.62
C PRO B 232 -36.68 -17.52 17.32
N ARG B 233 -35.88 -16.58 16.83
CA ARG B 233 -35.02 -16.84 15.68
C ARG B 233 -33.80 -17.64 16.14
N ARG B 234 -33.49 -18.72 15.43
CA ARG B 234 -32.31 -19.52 15.71
C ARG B 234 -31.33 -19.44 14.55
N VAL B 235 -30.06 -19.19 14.86
CA VAL B 235 -29.01 -19.16 13.85
C VAL B 235 -27.76 -19.83 14.42
N VAL B 236 -27.12 -20.68 13.61
CA VAL B 236 -25.84 -21.29 13.94
C VAL B 236 -24.77 -20.71 13.02
N LEU B 237 -23.78 -20.05 13.62
CA LEU B 237 -22.61 -19.59 12.88
C LEU B 237 -21.53 -20.67 12.93
N ALA B 238 -21.09 -21.12 11.75
CA ALA B 238 -19.92 -21.97 11.65
C ALA B 238 -18.80 -21.14 11.04
N TYR B 239 -17.70 -21.01 11.77
CA TYR B 239 -16.63 -20.06 11.45
C TYR B 239 -15.38 -20.84 11.10
N PHE B 240 -14.97 -20.80 9.82
CA PHE B 240 -13.81 -21.53 9.34
C PHE B 240 -12.62 -20.60 9.15
N ASN B 241 -11.47 -21.00 9.68
CA ASN B 241 -10.21 -20.27 9.57
C ASN B 241 -9.15 -21.12 8.89
N SER B 242 -8.18 -20.44 8.28
CA SER B 242 -6.94 -21.10 7.91
C SER B 242 -6.32 -21.76 9.14
N VAL B 243 -5.70 -22.92 8.94
CA VAL B 243 -5.08 -23.64 10.05
C VAL B 243 -3.92 -22.85 10.64
N GLN B 244 -3.58 -21.74 10.01
CA GLN B 244 -2.57 -20.85 10.59
C GLN B 244 -3.09 -20.07 11.79
N LEU B 245 -4.42 -19.93 11.91
CA LEU B 245 -5.03 -19.14 12.97
C LEU B 245 -5.54 -20.06 14.08
N THR B 246 -5.27 -19.65 15.32
CA THR B 246 -5.67 -20.43 16.49
C THR B 246 -7.19 -20.53 16.60
N PRO B 247 -7.77 -21.72 16.69
CA PRO B 247 -9.23 -21.82 16.80
C PRO B 247 -9.75 -21.13 18.05
N PHE B 248 -10.81 -20.34 17.86
CA PHE B 248 -11.45 -19.64 18.98
C PHE B 248 -11.89 -20.63 20.06
N GLU B 249 -12.64 -21.67 19.67
CA GLU B 249 -12.98 -22.76 20.57
C GLU B 249 -11.99 -23.89 20.36
N THR B 250 -11.57 -24.52 21.46
CA THR B 250 -10.70 -25.69 21.38
C THR B 250 -11.50 -26.95 21.67
N TYR B 251 -11.40 -27.92 20.78
CA TYR B 251 -12.11 -29.18 20.92
C TYR B 251 -11.20 -30.28 21.48
N ARG B 252 -10.20 -29.89 22.27
CA ARG B 252 -9.25 -30.86 22.81
C ARG B 252 -9.80 -31.59 24.02
N THR B 253 -10.86 -31.09 24.65
CA THR B 253 -11.48 -31.76 25.80
C THR B 253 -12.53 -32.77 25.39
N MET B 254 -12.76 -32.96 24.10
CA MET B 254 -13.69 -33.99 23.64
C MET B 254 -13.21 -35.37 24.05
N PRO B 255 -14.11 -36.24 24.53
CA PRO B 255 -13.70 -37.62 24.85
C PRO B 255 -13.15 -38.32 23.62
N ARG B 256 -12.22 -39.25 23.86
CA ARG B 256 -11.60 -39.97 22.76
C ARG B 256 -12.61 -40.83 22.01
N GLU B 257 -13.60 -41.39 22.73
CA GLU B 257 -14.61 -42.20 22.06
C GLU B 257 -15.44 -41.36 21.11
N MET B 258 -15.70 -40.10 21.46
CA MET B 258 -16.46 -39.23 20.57
C MET B 258 -15.64 -38.82 19.36
N VAL B 259 -14.36 -38.51 19.57
CA VAL B 259 -13.49 -38.12 18.47
C VAL B 259 -13.32 -39.27 17.49
N GLU B 260 -13.09 -40.48 18.00
CA GLU B 260 -12.85 -41.62 17.13
C GLU B 260 -14.10 -42.07 16.38
N SER B 261 -15.29 -41.62 16.80
CA SER B 261 -16.52 -41.91 16.08
C SER B 261 -16.73 -40.99 14.88
N MET B 262 -15.92 -39.96 14.72
CA MET B 262 -16.03 -39.02 13.62
C MET B 262 -15.28 -39.52 12.39
N THR B 263 -15.48 -38.83 11.28
CA THR B 263 -14.70 -39.09 10.08
C THR B 263 -13.34 -38.43 10.20
N VAL B 264 -12.44 -38.76 9.27
CA VAL B 264 -11.15 -38.08 9.24
C VAL B 264 -11.33 -36.59 9.02
N LEU B 265 -12.14 -36.23 8.01
CA LEU B 265 -12.44 -34.83 7.78
C LEU B 265 -13.00 -34.15 9.03
N GLY B 266 -13.93 -34.82 9.72
CA GLY B 266 -14.45 -34.27 10.97
C GLY B 266 -13.36 -34.05 12.00
N GLN B 267 -12.46 -35.03 12.16
CA GLN B 267 -11.37 -34.87 13.12
C GLN B 267 -10.43 -33.75 12.71
N ARG B 268 -10.17 -33.60 11.41
CA ARG B 268 -9.31 -32.53 10.93
C ARG B 268 -9.90 -31.17 11.25
N MET B 269 -11.22 -31.02 11.09
CA MET B 269 -11.86 -29.74 11.37
C MET B 269 -11.78 -29.35 12.85
N LEU B 270 -11.70 -30.32 13.76
CA LEU B 270 -11.70 -30.01 15.19
C LEU B 270 -10.32 -30.05 15.81
N GLY B 271 -9.25 -29.88 15.02
CA GLY B 271 -7.93 -29.71 15.55
C GLY B 271 -7.25 -30.97 16.06
N TRP B 272 -7.76 -32.14 15.72
CA TRP B 272 -7.21 -33.40 16.24
C TRP B 272 -6.18 -34.03 15.32
N ARG B 273 -5.87 -33.39 14.19
CA ARG B 273 -4.90 -33.94 13.25
C ARG B 273 -3.91 -32.85 12.85
N THR B 274 -2.73 -33.29 12.43
CA THR B 274 -1.74 -32.38 11.87
C THR B 274 -2.24 -31.85 10.52
N MET B 275 -2.08 -30.55 10.31
CA MET B 275 -2.58 -29.87 9.14
C MET B 275 -1.43 -29.24 8.37
N LYS B 276 -1.73 -28.75 7.17
CA LYS B 276 -0.70 -28.25 6.24
C LYS B 276 -1.10 -26.88 5.70
N PRO B 277 -0.48 -25.79 6.16
CA PRO B 277 -0.61 -24.51 5.44
C PRO B 277 0.13 -24.61 4.11
N SER B 278 -0.20 -23.69 3.20
CA SER B 278 0.45 -23.71 1.90
C SER B 278 1.93 -23.34 2.03
N ASP B 279 2.67 -23.61 0.96
CA ASP B 279 4.06 -23.18 0.91
C ASP B 279 4.14 -21.66 1.08
N PRO B 280 5.21 -21.13 1.68
CA PRO B 280 6.52 -21.70 2.04
C PRO B 280 6.60 -22.61 3.26
N ASN B 281 5.46 -22.94 3.88
CA ASN B 281 5.47 -23.95 4.93
C ASN B 281 5.42 -25.33 4.28
N ILE B 282 6.56 -26.02 4.27
CA ILE B 282 6.66 -27.32 3.61
C ILE B 282 6.61 -28.48 4.58
N VAL B 283 6.49 -28.21 5.87
CA VAL B 283 6.51 -29.24 6.91
C VAL B 283 5.08 -29.55 7.36
N GLY B 284 4.38 -28.53 7.85
CA GLY B 284 3.04 -28.68 8.35
C GLY B 284 2.84 -27.80 9.57
N ILE B 285 1.80 -28.11 10.35
CA ILE B 285 1.47 -27.35 11.55
C ILE B 285 0.64 -28.26 12.45
N ASN B 286 0.62 -27.94 13.75
CA ASN B 286 -0.10 -28.73 14.75
C ASN B 286 0.46 -30.16 14.81
N LEU B 287 1.76 -30.26 15.02
CA LEU B 287 2.46 -31.52 15.09
C LEU B 287 3.20 -31.61 16.41
N ILE B 288 3.75 -32.80 16.69
CA ILE B 288 4.46 -33.01 17.95
C ILE B 288 5.43 -34.17 17.74
N ASP B 289 6.59 -34.10 18.42
CA ASP B 289 7.65 -35.10 18.31
C ASP B 289 8.10 -35.32 16.86
N ASP B 290 8.01 -34.27 16.04
CA ASP B 290 8.30 -34.33 14.60
C ASP B 290 7.44 -35.38 13.89
N LYS B 291 6.30 -35.73 14.46
CA LYS B 291 5.36 -36.68 13.87
C LYS B 291 3.95 -36.09 13.86
N ARG B 292 3.09 -36.68 13.06
CA ARG B 292 1.70 -36.23 12.97
C ARG B 292 0.97 -36.52 14.27
N LEU B 293 0.09 -35.60 14.67
CA LEU B 293 -0.60 -35.74 15.94
C LEU B 293 -1.46 -37.01 15.97
N GLU B 294 -2.16 -37.30 14.87
CA GLU B 294 -3.03 -38.47 14.84
C GLU B 294 -2.25 -39.77 14.99
N ASN B 295 -0.97 -39.78 14.60
CA ASN B 295 -0.15 -40.97 14.82
C ASN B 295 0.38 -41.05 16.24
N VAL B 296 0.76 -39.91 16.83
CA VAL B 296 1.15 -39.90 18.24
C VAL B 296 0.01 -40.40 19.11
N LEU B 297 -1.20 -39.92 18.86
CA LEU B 297 -2.37 -40.33 19.63
C LEU B 297 -2.90 -41.71 19.26
N GLN B 298 -2.42 -42.31 18.17
CA GLN B 298 -2.95 -43.57 17.67
C GLN B 298 -4.46 -43.47 17.46
N LEU B 299 -4.86 -42.45 16.72
CA LEU B 299 -6.26 -42.07 16.58
C LEU B 299 -6.94 -42.93 15.53
N LYS B 300 -8.01 -43.61 15.92
CA LYS B 300 -8.89 -44.26 14.96
C LYS B 300 -9.91 -43.26 14.42
N ALA B 301 -10.53 -43.61 13.30
CA ALA B 301 -11.62 -42.79 12.76
C ALA B 301 -12.65 -43.71 12.14
N ALA B 302 -13.85 -43.16 11.93
CA ALA B 302 -14.95 -43.97 11.42
C ALA B 302 -14.70 -44.45 9.99
N ASP B 303 -14.03 -43.64 9.16
CA ASP B 303 -13.75 -43.99 7.77
C ASP B 303 -12.29 -44.27 7.50
N SER B 304 -11.47 -44.45 8.54
CA SER B 304 -10.05 -44.79 8.40
C SER B 304 -9.77 -45.99 9.30
N PRO B 305 -9.85 -47.22 8.74
CA PRO B 305 -9.63 -48.46 9.49
C PRO B 305 -8.17 -48.66 9.90
N LYS C 21 -18.73 -0.67 -27.50
CA LYS C 21 -18.04 0.10 -26.46
C LYS C 21 -18.98 0.57 -25.35
N PRO C 22 -18.56 0.40 -24.10
CA PRO C 22 -19.43 0.77 -22.97
C PRO C 22 -19.68 2.26 -22.90
N GLN C 23 -20.92 2.63 -22.59
CA GLN C 23 -21.34 4.02 -22.47
C GLN C 23 -21.84 4.29 -21.05
N LEU C 24 -22.00 5.57 -20.74
CA LEU C 24 -22.55 5.96 -19.44
C LEU C 24 -23.97 5.46 -19.28
N GLN C 25 -24.28 4.91 -18.11
CA GLN C 25 -25.62 4.43 -17.84
C GLN C 25 -26.58 5.60 -17.64
N ARG C 26 -27.77 5.49 -18.25
CA ARG C 26 -28.85 6.44 -18.04
C ARG C 26 -29.90 5.81 -17.14
N LEU C 27 -30.27 6.52 -16.06
CA LEU C 27 -31.21 6.00 -15.08
C LEU C 27 -32.36 6.98 -14.91
N ALA C 28 -33.53 6.45 -14.55
CA ALA C 28 -34.66 7.31 -14.25
C ALA C 28 -34.41 8.05 -12.95
N ALA C 29 -35.03 9.23 -12.83
CA ALA C 29 -34.82 10.08 -11.66
C ALA C 29 -35.27 9.40 -10.38
N ASP C 30 -36.24 8.47 -10.47
CA ASP C 30 -36.73 7.74 -9.31
C ASP C 30 -36.01 6.41 -9.11
N ALA C 31 -34.86 6.21 -9.74
CA ALA C 31 -34.11 4.97 -9.60
C ALA C 31 -33.58 4.84 -8.17
N ASP C 32 -33.18 3.62 -7.83
CA ASP C 32 -32.73 3.32 -6.47
C ASP C 32 -31.36 3.93 -6.21
N VAL C 33 -31.20 4.49 -5.01
CA VAL C 33 -29.98 5.24 -4.69
C VAL C 33 -28.81 4.29 -4.46
N ASP C 34 -29.05 3.15 -3.78
CA ASP C 34 -28.00 2.15 -3.58
C ASP C 34 -27.50 1.59 -4.91
N ARG C 35 -28.38 1.49 -5.92
CA ARG C 35 -27.94 1.10 -7.26
C ARG C 35 -27.05 2.17 -7.89
N MET C 36 -27.36 3.45 -7.66
CA MET C 36 -26.55 4.54 -8.21
C MET C 36 -25.14 4.53 -7.62
N CYS C 37 -25.03 4.43 -6.29
CA CYS C 37 -23.72 4.36 -5.66
C CYS C 37 -22.91 3.19 -6.18
N ARG C 38 -23.56 2.05 -6.38
CA ARG C 38 -22.90 0.89 -6.97
C ARG C 38 -22.39 1.21 -8.37
N LEU C 39 -23.09 2.07 -9.11
CA LEU C 39 -22.59 2.49 -10.42
C LEU C 39 -21.39 3.39 -10.29
N LEU C 40 -21.37 4.26 -9.27
CA LEU C 40 -20.22 5.13 -9.07
C LEU C 40 -18.96 4.35 -8.76
N GLU C 41 -19.09 3.19 -8.11
CA GLU C 41 -17.90 2.41 -7.79
C GLU C 41 -17.44 1.60 -8.99
N GLU C 42 -18.38 1.03 -9.75
CA GLU C 42 -18.02 0.22 -10.92
C GLU C 42 -17.58 1.10 -12.09
N ASP C 43 -18.48 1.96 -12.58
CA ASP C 43 -18.20 2.77 -13.76
C ASP C 43 -17.55 4.11 -13.43
N GLY C 44 -17.88 4.71 -12.29
CA GLY C 44 -17.37 6.00 -11.92
C GLY C 44 -18.32 7.16 -12.17
N ALA C 45 -19.31 6.99 -13.04
CA ALA C 45 -20.24 8.07 -13.32
C ALA C 45 -21.52 7.50 -13.94
N PHE C 46 -22.60 8.27 -13.83
CA PHE C 46 -23.87 7.91 -14.45
C PHE C 46 -24.67 9.19 -14.69
N ILE C 47 -25.83 9.04 -15.32
CA ILE C 47 -26.66 10.17 -15.73
C ILE C 47 -28.08 9.96 -15.23
N LEU C 48 -28.64 10.96 -14.56
CA LEU C 48 -30.05 10.97 -14.20
C LEU C 48 -30.86 11.66 -15.30
N LYS C 49 -31.92 10.99 -15.75
CA LYS C 49 -32.78 11.53 -16.80
C LYS C 49 -33.95 12.29 -16.20
N GLY C 50 -34.08 13.56 -16.57
CA GLY C 50 -35.25 14.35 -16.23
C GLY C 50 -35.42 14.59 -14.75
N LEU C 51 -34.36 15.07 -14.10
CA LEU C 51 -34.47 15.37 -12.68
C LEU C 51 -35.15 16.71 -12.44
N LEU C 52 -34.79 17.74 -13.21
CA LEU C 52 -35.27 19.09 -12.99
C LEU C 52 -36.41 19.43 -13.95
N PRO C 53 -37.54 19.93 -13.46
CA PRO C 53 -38.62 20.34 -14.36
C PRO C 53 -38.19 21.49 -15.24
N PHE C 54 -38.98 21.71 -16.29
CA PHE C 54 -38.59 22.70 -17.30
C PHE C 54 -38.57 24.11 -16.71
N ASP C 55 -39.51 24.40 -15.81
CA ASP C 55 -39.56 25.74 -15.21
C ASP C 55 -38.33 26.02 -14.36
N VAL C 56 -37.84 25.01 -13.62
CA VAL C 56 -36.64 25.18 -12.81
C VAL C 56 -35.43 25.48 -13.69
N VAL C 57 -35.28 24.74 -14.79
CA VAL C 57 -34.17 25.02 -15.72
C VAL C 57 -34.36 26.38 -16.37
N GLU C 58 -35.62 26.73 -16.69
CA GLU C 58 -35.89 27.99 -17.39
C GLU C 58 -35.52 29.19 -16.52
N SER C 59 -35.90 29.17 -15.25
CA SER C 59 -35.61 30.31 -14.38
C SER C 59 -34.14 30.35 -13.95
N PHE C 60 -33.50 29.19 -13.79
CA PHE C 60 -32.06 29.20 -13.51
C PHE C 60 -31.30 29.84 -14.66
N ASN C 61 -31.72 29.55 -15.89
CA ASN C 61 -31.04 30.12 -17.06
C ASN C 61 -31.16 31.64 -17.11
N ARG C 62 -32.35 32.19 -16.84
CA ARG C 62 -32.45 33.64 -16.94
C ARG C 62 -31.72 34.35 -15.81
N GLU C 63 -31.49 33.68 -14.67
CA GLU C 63 -30.66 34.28 -13.63
C GLU C 63 -29.20 34.28 -14.04
N LEU C 64 -28.76 33.28 -14.80
CA LEU C 64 -27.41 33.29 -15.34
C LEU C 64 -27.28 34.19 -16.55
N ASP C 65 -28.36 34.37 -17.33
CA ASP C 65 -28.36 35.37 -18.39
C ASP C 65 -28.09 36.76 -17.82
N VAL C 66 -28.47 37.00 -16.57
CA VAL C 66 -28.18 38.30 -15.93
C VAL C 66 -26.69 38.41 -15.61
N GLN C 67 -26.11 37.35 -15.03
CA GLN C 67 -24.69 37.40 -14.69
C GLN C 67 -23.80 37.42 -15.93
N MET C 68 -24.22 36.76 -17.01
CA MET C 68 -23.39 36.74 -18.22
C MET C 68 -23.36 38.08 -18.91
N ALA C 69 -24.39 38.91 -18.73
CA ALA C 69 -24.42 40.24 -19.31
C ALA C 69 -23.60 41.25 -18.53
N ILE C 70 -23.13 40.88 -17.35
CA ILE C 70 -22.32 41.79 -16.54
C ILE C 70 -20.89 41.77 -17.05
N PRO C 71 -20.26 42.93 -17.26
CA PRO C 71 -18.86 42.94 -17.70
C PRO C 71 -17.96 42.31 -16.65
N PRO C 72 -16.94 41.58 -17.08
CA PRO C 72 -16.01 41.00 -16.12
C PRO C 72 -15.24 42.11 -15.39
N PRO C 73 -14.89 41.88 -14.13
CA PRO C 73 -14.31 42.96 -13.32
C PRO C 73 -12.91 43.35 -13.77
N LYS C 74 -12.54 44.60 -13.46
CA LYS C 74 -11.26 45.14 -13.93
C LYS C 74 -10.08 44.52 -13.22
N GLY C 75 -10.23 44.15 -11.94
CA GLY C 75 -9.11 43.75 -11.11
C GLY C 75 -8.64 42.32 -11.32
N GLU C 76 -8.18 41.72 -10.23
CA GLU C 76 -7.68 40.35 -10.26
C GLU C 76 -8.84 39.35 -10.30
N ARG C 77 -8.69 38.32 -11.13
CA ARG C 77 -9.66 37.23 -11.25
C ARG C 77 -8.90 35.94 -10.96
N LEU C 78 -9.11 35.39 -9.76
CA LEU C 78 -8.20 34.35 -9.25
C LEU C 78 -8.16 33.11 -10.14
N LEU C 79 -9.31 32.68 -10.65
CA LEU C 79 -9.34 31.49 -11.51
C LEU C 79 -9.22 31.85 -12.99
N ALA C 80 -9.91 32.90 -13.44
CA ALA C 80 -9.91 33.22 -14.87
C ALA C 80 -8.55 33.68 -15.37
N ASP C 81 -7.77 34.39 -14.53
CA ASP C 81 -6.44 34.83 -14.92
C ASP C 81 -5.47 33.69 -15.16
N LYS C 82 -5.76 32.51 -14.61
CA LYS C 82 -4.87 31.36 -14.70
C LYS C 82 -5.12 30.48 -15.91
N TYR C 83 -6.10 30.82 -16.74
CA TYR C 83 -6.53 29.95 -17.83
C TYR C 83 -6.76 30.76 -19.10
N PRO C 84 -6.54 30.15 -20.26
CA PRO C 84 -6.75 30.86 -21.53
C PRO C 84 -8.24 31.15 -21.73
N PRO C 85 -8.58 32.11 -22.59
CA PRO C 85 -10.00 32.41 -22.82
C PRO C 85 -10.70 31.34 -23.65
N HIS C 86 -10.79 30.12 -23.11
CA HIS C 86 -11.51 29.03 -23.77
C HIS C 86 -12.88 28.78 -23.17
N PHE C 87 -13.34 29.69 -22.32
CA PHE C 87 -14.61 29.55 -21.60
C PHE C 87 -14.93 30.88 -20.95
N LYS C 88 -16.21 31.07 -20.66
CA LYS C 88 -16.68 32.15 -19.80
C LYS C 88 -17.11 31.58 -18.46
N TYR C 89 -16.97 32.38 -17.41
CA TYR C 89 -16.98 31.90 -16.03
C TYR C 89 -17.88 32.79 -15.18
N VAL C 90 -18.75 32.16 -14.38
CA VAL C 90 -19.52 32.86 -13.35
C VAL C 90 -19.29 32.15 -12.02
N PRO C 91 -18.55 32.73 -11.08
CA PRO C 91 -18.27 32.05 -9.82
C PRO C 91 -19.45 32.10 -8.86
N ASN C 92 -19.42 31.18 -7.89
CA ASN C 92 -20.39 31.08 -6.80
C ASN C 92 -21.81 31.48 -7.19
N VAL C 93 -22.43 30.71 -8.11
CA VAL C 93 -23.78 30.99 -8.57
C VAL C 93 -24.80 30.97 -7.42
N ALA C 94 -24.44 30.39 -6.27
CA ALA C 94 -25.36 30.33 -5.15
C ALA C 94 -25.67 31.72 -4.58
N THR C 95 -24.75 32.67 -4.73
CA THR C 95 -24.96 34.03 -4.21
C THR C 95 -25.72 34.95 -5.15
N THR C 96 -25.96 34.54 -6.41
CA THR C 96 -26.61 35.40 -7.39
C THR C 96 -27.75 34.74 -8.15
N CYS C 97 -28.06 33.46 -7.90
CA CYS C 97 -29.11 32.75 -8.62
C CYS C 97 -30.04 32.08 -7.64
N PRO C 98 -31.14 32.75 -7.26
CA PRO C 98 -32.05 32.17 -6.27
C PRO C 98 -32.58 30.79 -6.61
N THR C 99 -32.79 30.48 -7.89
CA THR C 99 -33.26 29.16 -8.26
C THR C 99 -32.25 28.09 -7.85
N PHE C 100 -30.95 28.40 -7.92
CA PHE C 100 -29.97 27.44 -7.45
C PHE C 100 -29.98 27.37 -5.93
N ARG C 101 -30.04 28.54 -5.28
CA ARG C 101 -29.98 28.64 -3.83
C ARG C 101 -31.13 27.89 -3.16
N ASN C 102 -32.36 28.11 -3.64
CA ASN C 102 -33.56 27.66 -2.94
C ASN C 102 -34.20 26.43 -3.56
N THR C 103 -33.65 25.90 -4.65
CA THR C 103 -34.29 24.75 -5.28
C THR C 103 -33.26 23.71 -5.71
N VAL C 104 -32.33 24.08 -6.58
CA VAL C 104 -31.41 23.08 -7.13
C VAL C 104 -30.47 22.56 -6.05
N LEU C 105 -29.87 23.47 -5.27
CA LEU C 105 -28.94 23.09 -4.22
C LEU C 105 -29.56 22.15 -3.18
N ILE C 106 -30.89 22.13 -3.04
CA ILE C 106 -31.49 21.30 -2.00
C ILE C 106 -32.38 20.23 -2.63
N ASN C 107 -32.03 19.77 -3.83
CA ASN C 107 -32.86 18.80 -4.52
C ASN C 107 -32.93 17.50 -3.73
N PRO C 108 -34.12 16.95 -3.50
CA PRO C 108 -34.23 15.74 -2.66
C PRO C 108 -33.50 14.51 -3.22
N VAL C 109 -33.48 14.33 -4.54
CA VAL C 109 -32.76 13.19 -5.12
C VAL C 109 -31.26 13.39 -4.98
N ILE C 110 -30.77 14.60 -5.28
CA ILE C 110 -29.34 14.88 -5.17
C ILE C 110 -28.83 14.58 -3.77
N HIS C 111 -29.61 14.91 -2.74
CA HIS C 111 -29.19 14.69 -1.37
C HIS C 111 -29.38 13.25 -0.92
N ALA C 112 -30.33 12.52 -1.51
CA ALA C 112 -30.38 11.08 -1.27
C ALA C 112 -29.11 10.42 -1.79
N ILE C 113 -28.58 10.90 -2.91
CA ILE C 113 -27.34 10.32 -3.44
C ILE C 113 -26.15 10.69 -2.58
N CYS C 114 -26.06 11.96 -2.16
CA CYS C 114 -24.95 12.38 -1.31
C CYS C 114 -24.94 11.62 0.01
N GLU C 115 -26.11 11.47 0.64
CA GLU C 115 -26.15 10.81 1.94
C GLU C 115 -25.67 9.37 1.84
N ALA C 116 -26.05 8.66 0.78
CA ALA C 116 -25.57 7.30 0.57
C ALA C 116 -24.09 7.29 0.22
N TYR C 117 -23.65 8.24 -0.61
CA TYR C 117 -22.27 8.29 -1.05
C TYR C 117 -21.32 8.69 0.08
N PHE C 118 -21.71 9.69 0.87
CA PHE C 118 -20.87 10.22 1.94
C PHE C 118 -21.12 9.54 3.29
N GLN C 119 -21.85 8.42 3.32
CA GLN C 119 -22.27 7.85 4.61
C GLN C 119 -21.06 7.53 5.49
N ARG C 120 -20.00 6.99 4.89
CA ARG C 120 -18.81 6.61 5.65
C ARG C 120 -17.96 7.80 6.10
N THR C 121 -18.09 8.97 5.44
CA THR C 121 -17.28 10.13 5.81
C THR C 121 -18.00 11.10 6.73
N GLY C 122 -19.33 11.06 6.78
CA GLY C 122 -20.07 11.99 7.61
C GLY C 122 -20.75 13.07 6.82
N ASP C 123 -20.93 14.24 7.41
CA ASP C 123 -21.60 15.35 6.75
C ASP C 123 -20.81 15.84 5.54
N TYR C 124 -21.53 16.38 4.56
CA TYR C 124 -20.96 16.99 3.36
C TYR C 124 -21.50 18.40 3.23
N TRP C 125 -20.84 19.22 2.40
CA TRP C 125 -21.37 20.56 2.08
C TRP C 125 -20.85 20.98 0.71
N LEU C 126 -21.24 22.18 0.29
CA LEU C 126 -20.91 22.69 -1.03
C LEU C 126 -19.54 23.37 -0.99
N SER C 127 -18.59 22.83 -1.74
CA SER C 127 -17.27 23.44 -1.83
C SER C 127 -17.24 24.51 -2.92
N ALA C 128 -17.93 24.25 -4.03
CA ALA C 128 -17.99 25.23 -5.10
C ALA C 128 -19.18 24.92 -6.01
N ALA C 129 -19.65 25.94 -6.70
CA ALA C 129 -20.73 25.79 -7.67
C ALA C 129 -20.70 26.99 -8.59
N PHE C 130 -20.32 26.78 -9.86
CA PHE C 130 -20.12 27.88 -10.78
C PHE C 130 -20.69 27.52 -12.15
N LEU C 131 -20.78 28.53 -13.01
CA LEU C 131 -21.27 28.40 -14.36
C LEU C 131 -20.10 28.41 -15.36
N ARG C 132 -20.23 27.59 -16.40
CA ARG C 132 -19.24 27.52 -17.46
C ARG C 132 -19.96 27.62 -18.80
N GLU C 133 -19.55 28.56 -19.64
CA GLU C 133 -20.12 28.75 -20.97
C GLU C 133 -19.03 28.59 -22.02
N ILE C 134 -19.27 27.71 -22.99
CA ILE C 134 -18.32 27.40 -24.05
C ILE C 134 -18.94 27.89 -25.35
N GLU C 135 -18.38 28.95 -25.92
CA GLU C 135 -18.96 29.49 -27.15
C GLU C 135 -18.42 28.72 -28.36
N SER C 136 -18.98 29.03 -29.52
CA SER C 136 -18.61 28.34 -30.76
C SER C 136 -17.15 28.60 -31.13
N GLY C 137 -16.42 27.53 -31.42
CA GLY C 137 -15.02 27.64 -31.75
C GLY C 137 -14.06 27.47 -30.59
N MET C 138 -14.55 27.10 -29.41
CA MET C 138 -13.61 26.99 -28.30
C MET C 138 -13.05 25.58 -28.19
N PRO C 139 -11.75 25.44 -27.98
CA PRO C 139 -11.16 24.10 -27.92
C PRO C 139 -11.58 23.37 -26.65
N ALA C 140 -11.28 22.08 -26.62
CA ALA C 140 -11.67 21.24 -25.51
C ALA C 140 -10.87 21.59 -24.25
N GLN C 141 -11.43 21.19 -23.11
CA GLN C 141 -10.79 21.30 -21.81
C GLN C 141 -9.85 20.11 -21.59
N PRO C 142 -8.74 20.30 -20.89
CA PRO C 142 -7.83 19.18 -20.63
C PRO C 142 -8.46 18.16 -19.69
N PHE C 143 -8.12 16.89 -19.92
CA PHE C 143 -8.53 15.83 -19.00
C PHE C 143 -7.95 16.11 -17.62
N HIS C 144 -8.80 16.00 -16.60
CA HIS C 144 -8.41 16.38 -15.25
C HIS C 144 -9.26 15.62 -14.24
N ARG C 145 -8.82 15.64 -12.99
CA ARG C 145 -9.61 15.19 -11.86
C ARG C 145 -9.97 16.41 -11.02
N ASP C 146 -11.16 16.39 -10.43
CA ASP C 146 -11.53 17.51 -9.58
C ASP C 146 -10.83 17.46 -8.23
N ASP C 147 -10.03 16.41 -7.99
CA ASP C 147 -9.30 16.28 -6.74
C ASP C 147 -8.28 17.39 -6.54
N ALA C 148 -7.88 18.09 -7.61
CA ALA C 148 -6.77 19.03 -7.52
C ALA C 148 -7.09 20.27 -6.67
N THR C 149 -8.35 20.53 -6.33
CA THR C 149 -8.63 21.61 -5.39
C THR C 149 -8.04 21.31 -4.02
N HIS C 150 -8.05 20.03 -3.62
CA HIS C 150 -7.47 19.59 -2.35
C HIS C 150 -6.44 18.51 -2.67
N PRO C 151 -5.16 18.89 -2.82
CA PRO C 151 -4.13 17.92 -3.22
C PRO C 151 -3.99 16.71 -2.29
N LEU C 152 -4.44 16.77 -1.04
CA LEU C 152 -4.32 15.62 -0.16
C LEU C 152 -5.14 14.44 -0.67
N MET C 153 -6.21 14.71 -1.42
CA MET C 153 -7.06 13.64 -1.92
C MET C 153 -6.32 12.69 -2.85
N HIS C 154 -5.20 13.11 -3.43
CA HIS C 154 -4.45 12.25 -4.34
C HIS C 154 -3.89 11.04 -3.62
N TYR C 155 -3.63 11.16 -2.32
CA TYR C 155 -3.03 10.10 -1.54
C TYR C 155 -4.05 9.25 -0.80
N GLN C 156 -5.33 9.56 -0.92
CA GLN C 156 -6.35 8.72 -0.33
C GLN C 156 -6.45 7.40 -1.09
N PRO C 157 -6.32 6.26 -0.42
CA PRO C 157 -6.55 4.98 -1.08
C PRO C 157 -7.96 4.89 -1.63
N LEU C 158 -8.11 4.09 -2.69
CA LEU C 158 -9.41 3.99 -3.35
C LEU C 158 -10.49 3.49 -2.41
N GLU C 159 -10.11 2.72 -1.39
CA GLU C 159 -11.04 2.09 -0.47
C GLU C 159 -11.30 2.92 0.78
N ALA C 160 -10.69 4.10 0.90
CA ALA C 160 -11.01 4.99 1.99
C ALA C 160 -12.38 5.63 1.75
N PRO C 161 -13.03 6.12 2.81
CA PRO C 161 -14.32 6.80 2.63
C PRO C 161 -14.21 7.95 1.66
N PRO C 162 -15.11 8.03 0.67
CA PRO C 162 -15.08 9.15 -0.29
C PRO C 162 -15.31 10.49 0.37
N VAL C 163 -14.61 11.50 -0.15
CA VAL C 163 -14.73 12.86 0.36
C VAL C 163 -15.13 13.87 -0.70
N SER C 164 -15.38 13.43 -1.93
CA SER C 164 -15.66 14.37 -3.00
C SER C 164 -16.62 13.78 -4.01
N LEU C 165 -17.52 14.62 -4.51
CA LEU C 165 -18.49 14.22 -5.52
C LEU C 165 -18.81 15.41 -6.41
N SER C 166 -18.85 15.18 -7.72
CA SER C 166 -19.10 16.23 -8.69
C SER C 166 -20.46 16.04 -9.33
N VAL C 167 -21.28 17.07 -9.28
CA VAL C 167 -22.65 17.04 -9.77
C VAL C 167 -22.75 18.04 -10.91
N ILE C 168 -22.94 17.55 -12.13
CA ILE C 168 -22.78 18.35 -13.33
C ILE C 168 -24.13 18.55 -14.00
N PHE C 169 -24.62 19.79 -14.03
CA PHE C 169 -25.93 20.11 -14.59
C PHE C 169 -25.78 20.64 -16.00
N PRO C 170 -26.40 20.01 -17.00
CA PRO C 170 -26.47 20.63 -18.33
C PRO C 170 -27.64 21.61 -18.41
N LEU C 171 -27.33 22.88 -18.65
CA LEU C 171 -28.37 23.89 -18.83
C LEU C 171 -28.75 24.10 -20.29
N THR C 172 -27.91 23.64 -21.21
CA THR C 172 -28.25 23.51 -22.61
C THR C 172 -28.11 22.05 -23.01
N GLU C 173 -28.49 21.76 -24.25
CA GLU C 173 -28.27 20.44 -24.80
C GLU C 173 -26.77 20.12 -24.77
N PHE C 174 -26.44 18.86 -24.47
CA PHE C 174 -25.08 18.35 -24.61
C PHE C 174 -25.08 17.38 -25.79
N THR C 175 -24.30 17.72 -26.81
CA THR C 175 -24.24 16.91 -28.03
C THR C 175 -22.78 16.67 -28.38
N GLU C 176 -22.55 15.74 -29.31
CA GLU C 176 -21.19 15.51 -29.76
C GLU C 176 -20.62 16.75 -30.43
N GLU C 177 -21.46 17.53 -31.11
CA GLU C 177 -20.96 18.69 -31.85
C GLU C 177 -20.53 19.81 -30.92
N ASN C 178 -21.33 20.10 -29.89
CA ASN C 178 -21.06 21.24 -29.02
C ASN C 178 -20.17 20.91 -27.83
N GLY C 179 -19.66 19.68 -27.74
CA GLY C 179 -18.67 19.35 -26.73
C GLY C 179 -19.21 18.81 -25.43
N ALA C 180 -20.09 17.81 -25.51
CA ALA C 180 -20.60 17.16 -24.31
C ALA C 180 -19.44 16.71 -23.44
N THR C 181 -19.69 16.68 -22.13
CA THR C 181 -18.66 16.29 -21.18
C THR C 181 -18.16 14.89 -21.49
N GLU C 182 -16.84 14.74 -21.50
CA GLU C 182 -16.20 13.47 -21.84
C GLU C 182 -15.68 12.83 -20.56
N VAL C 183 -16.13 11.62 -20.28
CA VAL C 183 -15.77 10.89 -19.07
C VAL C 183 -15.08 9.60 -19.46
N ILE C 184 -13.99 9.28 -18.76
CA ILE C 184 -13.26 8.04 -18.95
C ILE C 184 -13.71 7.06 -17.87
N LEU C 185 -14.56 6.10 -18.25
CA LEU C 185 -15.09 5.14 -17.29
C LEU C 185 -13.98 4.32 -16.66
N GLY C 186 -14.11 4.04 -15.37
CA GLY C 186 -13.15 3.26 -14.63
C GLY C 186 -11.85 3.98 -14.29
N SER C 187 -11.68 5.23 -14.74
CA SER C 187 -10.42 5.95 -14.57
C SER C 187 -10.12 6.27 -13.12
N HIS C 188 -11.07 6.09 -12.19
CA HIS C 188 -10.74 6.32 -10.80
C HIS C 188 -9.84 5.23 -10.21
N ARG C 189 -9.62 4.12 -10.94
CA ARG C 189 -8.69 3.09 -10.54
C ARG C 189 -7.28 3.34 -11.05
N TRP C 190 -7.07 4.36 -11.87
CA TRP C 190 -5.72 4.75 -12.26
C TRP C 190 -5.04 5.45 -11.10
N THR C 191 -3.74 5.18 -10.94
CA THR C 191 -2.97 5.93 -9.96
C THR C 191 -2.85 7.39 -10.37
N GLU C 192 -2.42 7.63 -11.59
CA GLU C 192 -2.19 8.97 -12.12
C GLU C 192 -3.19 9.28 -13.22
N VAL C 193 -3.27 10.57 -13.56
CA VAL C 193 -4.12 11.02 -14.65
C VAL C 193 -3.47 10.74 -16.00
N GLY C 194 -2.17 11.01 -16.12
CA GLY C 194 -1.47 10.74 -17.36
C GLY C 194 -1.85 11.71 -18.47
N THR C 195 -1.69 11.26 -19.72
CA THR C 195 -2.08 12.02 -20.91
C THR C 195 -2.97 11.14 -21.77
N PRO C 196 -4.25 11.00 -21.41
CA PRO C 196 -5.13 10.09 -22.15
C PRO C 196 -5.51 10.66 -23.51
N GLU C 197 -5.90 9.75 -24.39
CA GLU C 197 -6.43 10.10 -25.70
C GLU C 197 -7.93 10.38 -25.59
N ARG C 198 -8.42 11.27 -26.46
CA ARG C 198 -9.83 11.67 -26.40
C ARG C 198 -10.76 10.47 -26.62
N ASP C 199 -10.38 9.54 -27.50
CA ASP C 199 -11.25 8.41 -27.82
C ASP C 199 -11.37 7.40 -26.68
N GLN C 200 -10.60 7.55 -25.60
CA GLN C 200 -10.80 6.70 -24.43
C GLN C 200 -12.04 7.07 -23.64
N ALA C 201 -12.59 8.26 -23.86
CA ALA C 201 -13.73 8.76 -23.09
C ALA C 201 -15.04 8.47 -23.81
N VAL C 202 -16.13 8.58 -23.06
CA VAL C 202 -17.48 8.50 -23.61
C VAL C 202 -18.16 9.84 -23.38
N LEU C 203 -19.13 10.14 -24.23
CA LEU C 203 -19.81 11.43 -24.18
C LEU C 203 -21.02 11.37 -23.26
N ALA C 204 -21.20 12.43 -22.48
CA ALA C 204 -22.37 12.60 -21.63
C ALA C 204 -23.40 13.49 -22.33
N THR C 205 -23.92 12.98 -23.45
CA THR C 205 -24.95 13.71 -24.18
C THR C 205 -26.23 13.73 -23.35
N MET C 206 -26.75 14.93 -23.09
CA MET C 206 -27.88 15.08 -22.19
C MET C 206 -28.79 16.21 -22.66
N ASP C 207 -30.03 16.16 -22.21
CA ASP C 207 -30.96 17.26 -22.33
C ASP C 207 -30.94 18.10 -21.07
N PRO C 208 -31.36 19.36 -21.13
CA PRO C 208 -31.51 20.15 -19.89
C PRO C 208 -32.53 19.49 -18.98
N GLY C 209 -32.24 19.48 -17.69
CA GLY C 209 -32.99 18.73 -16.71
C GLY C 209 -32.34 17.42 -16.31
N ASP C 210 -31.37 16.95 -17.08
CA ASP C 210 -30.57 15.80 -16.68
C ASP C 210 -29.50 16.24 -15.68
N VAL C 211 -28.78 15.26 -15.14
CA VAL C 211 -27.65 15.50 -14.24
C VAL C 211 -26.59 14.45 -14.50
N LEU C 212 -25.34 14.88 -14.64
CA LEU C 212 -24.21 13.98 -14.70
C LEU C 212 -23.54 13.95 -13.33
N ILE C 213 -23.33 12.75 -12.81
CA ILE C 213 -22.75 12.57 -11.49
C ILE C 213 -21.43 11.82 -11.65
N VAL C 214 -20.36 12.40 -11.11
CA VAL C 214 -19.00 11.92 -11.32
C VAL C 214 -18.33 11.68 -9.97
N ARG C 215 -17.94 10.44 -9.72
CA ARG C 215 -17.26 10.03 -8.50
C ARG C 215 -15.90 10.74 -8.35
N GLN C 216 -15.42 10.79 -7.10
CA GLN C 216 -14.05 11.22 -6.83
C GLN C 216 -13.05 10.38 -7.64
N ARG C 217 -12.04 11.04 -8.20
CA ARG C 217 -10.90 10.48 -8.94
C ARG C 217 -11.25 10.14 -10.39
N VAL C 218 -12.49 10.32 -10.83
CA VAL C 218 -12.85 9.99 -12.20
C VAL C 218 -12.29 11.06 -13.14
N VAL C 219 -11.56 10.62 -14.16
CA VAL C 219 -10.94 11.54 -15.12
C VAL C 219 -11.97 11.95 -16.17
N HIS C 220 -12.11 13.25 -16.38
CA HIS C 220 -13.12 13.80 -17.28
C HIS C 220 -12.62 15.12 -17.85
N ALA C 221 -13.41 15.68 -18.76
CA ALA C 221 -13.02 16.91 -19.45
C ALA C 221 -14.22 17.44 -20.23
N GLY C 222 -14.37 18.76 -20.25
CA GLY C 222 -15.36 19.38 -21.12
C GLY C 222 -14.90 19.37 -22.57
N GLY C 223 -15.85 19.13 -23.47
CA GLY C 223 -15.52 19.02 -24.88
C GLY C 223 -15.40 20.35 -25.57
N GLY C 224 -14.73 20.34 -26.72
CA GLY C 224 -14.64 21.52 -27.55
C GLY C 224 -15.93 21.75 -28.32
N ASN C 225 -16.34 23.02 -28.39
CA ASN C 225 -17.57 23.42 -29.06
C ASN C 225 -17.28 23.63 -30.55
N ARG C 226 -17.70 22.69 -31.38
CA ARG C 226 -17.45 22.74 -32.81
C ARG C 226 -18.63 23.30 -33.61
N THR C 227 -19.70 23.71 -32.94
CA THR C 227 -20.85 24.25 -33.67
C THR C 227 -20.47 25.54 -34.39
N THR C 228 -20.94 25.69 -35.63
CA THR C 228 -20.57 26.86 -36.42
C THR C 228 -21.33 28.09 -35.96
N ALA C 229 -22.62 27.94 -35.67
CA ALA C 229 -23.44 29.06 -35.21
C ALA C 229 -24.53 28.51 -34.31
N GLY C 230 -24.54 28.96 -33.06
CA GLY C 230 -25.57 28.54 -32.13
C GLY C 230 -25.31 29.14 -30.76
N LYS C 231 -26.22 28.83 -29.85
CA LYS C 231 -26.02 29.21 -28.47
C LYS C 231 -24.82 28.46 -27.89
N PRO C 232 -24.04 29.09 -27.03
CA PRO C 232 -22.92 28.38 -26.39
C PRO C 232 -23.44 27.27 -25.49
N ARG C 233 -22.59 26.28 -25.27
CA ARG C 233 -22.90 25.21 -24.33
C ARG C 233 -22.78 25.75 -22.91
N ARG C 234 -23.78 25.46 -22.08
CA ARG C 234 -23.87 26.03 -20.75
C ARG C 234 -23.95 24.90 -19.73
N VAL C 235 -23.05 24.93 -18.74
CA VAL C 235 -22.95 23.84 -17.77
C VAL C 235 -22.68 24.43 -16.39
N VAL C 236 -23.37 23.91 -15.39
CA VAL C 236 -23.18 24.28 -13.99
C VAL C 236 -22.63 23.09 -13.24
N LEU C 237 -21.48 23.29 -12.59
CA LEU C 237 -20.82 22.24 -11.81
C LEU C 237 -21.00 22.54 -10.33
N ALA C 238 -21.60 21.59 -9.61
CA ALA C 238 -21.74 21.67 -8.17
C ALA C 238 -20.78 20.65 -7.56
N TYR C 239 -19.88 21.13 -6.72
CA TYR C 239 -18.83 20.31 -6.12
CA TYR C 239 -18.81 20.34 -6.12
C TYR C 239 -19.12 20.14 -4.64
N PHE C 240 -19.44 18.92 -4.25
CA PHE C 240 -19.74 18.58 -2.86
C PHE C 240 -18.55 17.87 -2.23
N ASN C 241 -18.04 18.40 -1.11
CA ASN C 241 -16.97 17.78 -0.36
C ASN C 241 -17.45 17.40 1.03
N SER C 242 -16.71 16.49 1.67
CA SER C 242 -16.87 16.26 3.10
C SER C 242 -16.60 17.54 3.87
N VAL C 243 -17.31 17.72 4.99
CA VAL C 243 -17.11 18.91 5.81
C VAL C 243 -15.70 18.98 6.40
N GLN C 244 -14.91 17.92 6.28
CA GLN C 244 -13.51 18.00 6.70
C GLN C 244 -12.67 18.83 5.74
N LEU C 245 -13.13 19.06 4.51
CA LEU C 245 -12.36 19.78 3.52
C LEU C 245 -12.84 21.22 3.43
N THR C 246 -11.88 22.15 3.40
CA THR C 246 -12.19 23.58 3.34
C THR C 246 -12.90 23.91 2.04
N PRO C 247 -14.06 24.57 2.09
CA PRO C 247 -14.73 24.96 0.84
C PRO C 247 -13.87 25.85 -0.02
N PHE C 248 -13.84 25.56 -1.31
CA PHE C 248 -13.13 26.40 -2.28
C PHE C 248 -13.66 27.82 -2.24
N GLU C 249 -14.96 27.97 -2.47
CA GLU C 249 -15.64 29.26 -2.32
C GLU C 249 -16.18 29.36 -0.90
N THR C 250 -15.93 30.50 -0.24
CA THR C 250 -16.52 30.76 1.06
C THR C 250 -17.75 31.64 0.92
N TYR C 251 -18.89 31.15 1.39
CA TYR C 251 -20.15 31.88 1.35
C TYR C 251 -20.39 32.70 2.61
N ARG C 252 -19.35 33.19 3.27
CA ARG C 252 -19.51 33.87 4.55
C ARG C 252 -19.91 35.33 4.40
N THR C 253 -19.70 35.93 3.22
CA THR C 253 -20.05 37.32 2.98
C THR C 253 -21.47 37.51 2.46
N MET C 254 -22.22 36.42 2.32
CA MET C 254 -23.61 36.54 1.89
C MET C 254 -24.39 37.39 2.88
N PRO C 255 -25.26 38.29 2.39
CA PRO C 255 -26.10 39.08 3.30
C PRO C 255 -26.90 38.17 4.21
N ARG C 256 -27.09 38.62 5.45
CA ARG C 256 -27.86 37.81 6.40
C ARG C 256 -29.29 37.59 5.91
N GLU C 257 -29.90 38.62 5.31
CA GLU C 257 -31.25 38.46 4.76
C GLU C 257 -31.30 37.33 3.76
N MET C 258 -30.27 37.21 2.92
CA MET C 258 -30.23 36.14 1.93
C MET C 258 -30.07 34.77 2.59
N VAL C 259 -29.13 34.67 3.54
CA VAL C 259 -28.88 33.41 4.22
C VAL C 259 -30.11 32.98 5.01
N GLU C 260 -30.71 33.90 5.76
CA GLU C 260 -31.86 33.56 6.57
C GLU C 260 -33.10 33.25 5.74
N SER C 261 -33.08 33.53 4.44
CA SER C 261 -34.18 33.17 3.56
C SER C 261 -34.00 31.78 2.96
N MET C 262 -32.90 31.10 3.29
CA MET C 262 -32.67 29.74 2.84
C MET C 262 -33.23 28.74 3.85
N THR C 263 -33.28 27.48 3.42
CA THR C 263 -33.68 26.41 4.31
C THR C 263 -32.47 25.95 5.15
N VAL C 264 -32.77 25.15 6.16
CA VAL C 264 -31.70 24.64 7.04
C VAL C 264 -30.69 23.83 6.23
N LEU C 265 -31.18 22.93 5.37
CA LEU C 265 -30.28 22.19 4.50
C LEU C 265 -29.41 23.12 3.67
N GLY C 266 -29.99 24.18 3.10
CA GLY C 266 -29.22 25.10 2.31
C GLY C 266 -28.14 25.81 3.12
N GLN C 267 -28.50 26.29 4.30
CA GLN C 267 -27.52 26.96 5.14
C GLN C 267 -26.35 26.03 5.46
N ARG C 268 -26.65 24.77 5.80
CA ARG C 268 -25.60 23.80 6.06
C ARG C 268 -24.67 23.63 4.86
N MET C 269 -25.24 23.55 3.65
CA MET C 269 -24.41 23.37 2.46
C MET C 269 -23.46 24.55 2.23
N LEU C 270 -23.83 25.75 2.66
CA LEU C 270 -23.00 26.92 2.41
C LEU C 270 -22.16 27.32 3.61
N GLY C 271 -21.90 26.38 4.53
CA GLY C 271 -20.96 26.62 5.61
C GLY C 271 -21.44 27.53 6.71
N TRP C 272 -22.74 27.74 6.84
CA TRP C 272 -23.28 28.63 7.86
C TRP C 272 -23.73 27.90 9.12
N ARG C 273 -23.65 26.58 9.14
CA ARG C 273 -24.02 25.82 10.34
C ARG C 273 -22.88 24.88 10.72
N THR C 274 -22.84 24.55 12.01
CA THR C 274 -21.89 23.55 12.51
C THR C 274 -22.25 22.18 11.94
N MET C 275 -21.23 21.44 11.54
CA MET C 275 -21.42 20.18 10.85
C MET C 275 -20.72 19.06 11.62
N LYS C 276 -20.95 17.82 11.19
CA LYS C 276 -20.52 16.63 11.92
C LYS C 276 -19.84 15.64 10.98
N PRO C 277 -18.51 15.54 11.01
CA PRO C 277 -17.85 14.41 10.35
C PRO C 277 -18.13 13.13 11.13
N SER C 278 -17.86 11.99 10.51
CA SER C 278 -18.14 10.72 11.18
C SER C 278 -17.17 10.49 12.34
N ASP C 279 -17.49 9.48 13.15
CA ASP C 279 -16.57 9.05 14.18
C ASP C 279 -15.29 8.52 13.53
N PRO C 280 -14.12 8.72 14.16
CA PRO C 280 -13.82 9.15 15.54
C PRO C 280 -14.04 10.62 15.93
N ASN C 281 -14.52 11.50 15.05
CA ASN C 281 -14.88 12.84 15.48
C ASN C 281 -16.28 12.79 16.08
N ILE C 282 -16.38 12.86 17.42
CA ILE C 282 -17.66 12.73 18.10
C ILE C 282 -18.21 14.08 18.56
N VAL C 283 -17.55 15.18 18.21
CA VAL C 283 -17.96 16.50 18.65
C VAL C 283 -18.62 17.25 17.51
N GLY C 284 -17.89 17.43 16.42
CA GLY C 284 -18.36 18.18 15.28
C GLY C 284 -17.23 18.98 14.68
N ILE C 285 -17.61 19.95 13.84
CA ILE C 285 -16.65 20.82 13.17
C ILE C 285 -17.38 22.10 12.79
N ASN C 286 -16.62 23.18 12.65
CA ASN C 286 -17.14 24.50 12.28
C ASN C 286 -18.00 25.10 13.41
N LEU C 287 -17.46 25.05 14.63
CA LEU C 287 -18.13 25.53 15.83
C LEU C 287 -17.37 26.71 16.41
N ILE C 288 -17.98 27.38 17.38
CA ILE C 288 -17.36 28.51 18.07
C ILE C 288 -17.96 28.61 19.46
N ASP C 289 -17.13 29.05 20.41
CA ASP C 289 -17.53 29.20 21.82
C ASP C 289 -18.10 27.92 22.40
N ASP C 290 -17.65 26.77 21.87
CA ASP C 290 -18.16 25.45 22.23
C ASP C 290 -19.66 25.33 21.95
N LYS C 291 -20.19 26.17 21.07
CA LYS C 291 -21.58 26.12 20.66
C LYS C 291 -21.68 25.95 19.15
N ARG C 292 -22.85 25.52 18.69
CA ARG C 292 -23.12 25.49 17.26
C ARG C 292 -23.05 26.91 16.70
N LEU C 293 -22.44 27.05 15.53
CA LEU C 293 -22.29 28.36 14.92
C LEU C 293 -23.64 29.06 14.77
N GLU C 294 -24.65 28.34 14.28
CA GLU C 294 -25.95 28.96 14.05
C GLU C 294 -26.57 29.49 15.33
N ASN C 295 -26.27 28.87 16.48
CA ASN C 295 -26.80 29.38 17.74
C ASN C 295 -26.09 30.65 18.16
N VAL C 296 -24.77 30.71 17.99
CA VAL C 296 -24.02 31.91 18.31
C VAL C 296 -24.48 33.07 17.42
N LEU C 297 -24.74 32.80 16.14
CA LEU C 297 -25.23 33.83 15.24
C LEU C 297 -26.72 34.14 15.44
N GLN C 298 -27.46 33.29 16.14
CA GLN C 298 -28.92 33.37 16.20
C GLN C 298 -29.52 33.44 14.79
N LEU C 299 -29.23 32.40 14.02
CA LEU C 299 -29.57 32.36 12.59
C LEU C 299 -30.97 31.80 12.41
N LYS C 300 -31.86 32.63 11.87
CA LYS C 300 -33.19 32.17 11.45
C LYS C 300 -33.07 31.40 10.13
N ALA C 301 -34.13 30.65 9.82
CA ALA C 301 -34.16 29.89 8.57
C ALA C 301 -35.59 29.77 8.09
N ALA C 302 -35.74 29.57 6.77
CA ALA C 302 -37.06 29.56 6.16
C ALA C 302 -37.93 28.42 6.70
N ASP C 303 -37.34 27.26 7.01
CA ASP C 303 -38.12 26.11 7.43
C ASP C 303 -37.93 25.79 8.90
N SER C 304 -37.42 26.75 9.68
CA SER C 304 -37.40 26.65 11.14
C SER C 304 -38.00 27.94 11.68
N PRO C 305 -39.31 27.94 11.97
CA PRO C 305 -40.05 29.10 12.50
C PRO C 305 -39.37 29.74 13.72
N ASP D 19 22.09 1.31 26.99
CA ASP D 19 21.64 2.62 27.45
C ASP D 19 20.38 2.52 28.29
N SER D 20 19.69 3.65 28.43
CA SER D 20 18.49 3.77 29.25
C SER D 20 17.30 4.09 28.34
N LYS D 21 16.13 4.23 28.97
CA LYS D 21 14.89 4.44 28.23
C LYS D 21 14.93 5.72 27.42
N PRO D 22 14.61 5.66 26.11
CA PRO D 22 14.61 6.90 25.31
C PRO D 22 13.55 7.87 25.80
N GLN D 23 13.92 9.15 25.83
CA GLN D 23 13.07 10.23 26.31
C GLN D 23 12.80 11.22 25.17
N LEU D 24 11.87 12.13 25.41
CA LEU D 24 11.67 13.24 24.49
C LEU D 24 12.91 14.12 24.47
N GLN D 25 13.38 14.46 23.25
CA GLN D 25 14.53 15.34 23.12
C GLN D 25 14.17 16.78 23.48
N ARG D 26 15.11 17.47 24.12
CA ARG D 26 14.99 18.88 24.48
C ARG D 26 15.94 19.69 23.62
N LEU D 27 15.41 20.69 22.93
CA LEU D 27 16.23 21.55 22.08
C LEU D 27 16.07 23.01 22.49
N ALA D 28 17.11 23.80 22.22
CA ALA D 28 17.04 25.23 22.44
C ALA D 28 16.16 25.89 21.38
N ALA D 29 15.58 27.04 21.74
CA ALA D 29 14.64 27.72 20.84
C ALA D 29 15.30 28.17 19.55
N ASP D 30 16.61 28.44 19.58
CA ASP D 30 17.34 28.92 18.41
C ASP D 30 17.93 27.78 17.58
N ALA D 31 17.55 26.54 17.85
CA ALA D 31 18.06 25.40 17.08
C ALA D 31 17.57 25.45 15.64
N ASP D 32 18.29 24.73 14.78
CA ASP D 32 17.95 24.71 13.36
C ASP D 32 16.62 24.00 13.14
N VAL D 33 15.81 24.55 12.23
CA VAL D 33 14.45 24.05 12.05
C VAL D 33 14.46 22.69 11.34
N ASP D 34 15.35 22.51 10.36
CA ASP D 34 15.44 21.23 9.66
C ASP D 34 15.90 20.10 10.56
N ARG D 35 16.61 20.39 11.66
CA ARG D 35 16.86 19.37 12.66
C ARG D 35 15.57 19.01 13.38
N MET D 36 14.79 20.03 13.78
CA MET D 36 13.53 19.77 14.47
C MET D 36 12.61 18.91 13.61
N CYS D 37 12.53 19.21 12.31
CA CYS D 37 11.70 18.40 11.42
C CYS D 37 12.21 16.98 11.33
N ARG D 38 13.53 16.81 11.33
CA ARG D 38 14.09 15.46 11.31
C ARG D 38 13.71 14.72 12.59
N LEU D 39 13.65 15.43 13.73
CA LEU D 39 13.21 14.80 14.97
C LEU D 39 11.75 14.40 14.92
N LEU D 40 10.89 15.25 14.35
CA LEU D 40 9.48 14.91 14.23
C LEU D 40 9.28 13.65 13.39
N GLU D 41 10.13 13.42 12.39
CA GLU D 41 9.97 12.22 11.59
C GLU D 41 10.49 10.99 12.30
N GLU D 42 11.53 11.13 13.12
CA GLU D 42 12.12 9.98 13.80
C GLU D 42 11.38 9.67 15.09
N ASP D 43 11.30 10.63 16.01
CA ASP D 43 10.65 10.42 17.30
C ASP D 43 9.17 10.75 17.28
N GLY D 44 8.76 11.72 16.48
CA GLY D 44 7.38 12.16 16.43
C GLY D 44 7.08 13.38 17.25
N ALA D 45 7.99 13.80 18.13
CA ALA D 45 7.73 14.91 19.03
C ALA D 45 9.04 15.35 19.69
N PHE D 46 9.10 16.63 20.06
CA PHE D 46 10.24 17.18 20.77
C PHE D 46 9.79 18.39 21.58
N ILE D 47 10.70 18.88 22.43
CA ILE D 47 10.43 19.98 23.35
C ILE D 47 11.41 21.11 23.06
N LEU D 48 10.89 22.32 22.90
CA LEU D 48 11.70 23.53 22.85
C LEU D 48 11.72 24.17 24.22
N LYS D 49 12.90 24.58 24.67
CA LYS D 49 13.07 25.16 26.00
C LYS D 49 13.23 26.67 25.90
N GLY D 50 12.43 27.40 26.68
CA GLY D 50 12.54 28.85 26.74
C GLY D 50 12.14 29.56 25.47
N LEU D 51 11.06 29.09 24.83
CA LEU D 51 10.57 29.78 23.63
C LEU D 51 9.91 31.10 24.01
N LEU D 52 9.05 31.08 25.03
CA LEU D 52 8.26 32.23 25.46
C LEU D 52 8.80 32.82 26.74
N PRO D 53 8.92 34.15 26.83
CA PRO D 53 9.32 34.76 28.10
C PRO D 53 8.26 34.55 29.18
N PHE D 54 8.71 34.53 30.43
CA PHE D 54 7.80 34.19 31.52
C PHE D 54 6.67 35.21 31.63
N ASP D 55 6.93 36.48 31.31
CA ASP D 55 5.88 37.49 31.43
C ASP D 55 4.81 37.31 30.35
N VAL D 56 5.19 36.74 29.19
CA VAL D 56 4.20 36.40 28.18
C VAL D 56 3.29 35.27 28.66
N VAL D 57 3.86 34.29 29.34
CA VAL D 57 3.06 33.20 29.88
C VAL D 57 2.23 33.69 31.06
N GLU D 58 2.80 34.57 31.89
CA GLU D 58 2.04 35.12 33.01
C GLU D 58 0.88 35.97 32.51
N SER D 59 1.13 36.77 31.48
CA SER D 59 0.05 37.56 30.88
C SER D 59 -1.04 36.64 30.30
N PHE D 60 -0.62 35.56 29.65
CA PHE D 60 -1.59 34.60 29.12
C PHE D 60 -2.42 33.97 30.23
N ASN D 61 -1.79 33.64 31.35
CA ASN D 61 -2.54 33.07 32.47
C ASN D 61 -3.54 34.07 33.04
N ARG D 62 -3.18 35.35 33.12
CA ARG D 62 -4.07 36.33 33.73
C ARG D 62 -5.30 36.59 32.87
N GLU D 63 -5.14 36.53 31.55
CA GLU D 63 -6.29 36.70 30.67
C GLU D 63 -7.20 35.49 30.73
N LEU D 64 -6.64 34.29 30.89
CA LEU D 64 -7.48 33.11 31.06
C LEU D 64 -8.11 33.05 32.44
N ASP D 65 -7.45 33.66 33.44
CA ASP D 65 -8.07 33.76 34.76
C ASP D 65 -9.40 34.48 34.69
N VAL D 66 -9.49 35.51 33.85
CA VAL D 66 -10.73 36.27 33.68
C VAL D 66 -11.83 35.37 33.11
N GLN D 67 -11.54 34.67 32.01
CA GLN D 67 -12.53 33.79 31.41
C GLN D 67 -13.02 32.74 32.39
N MET D 68 -12.13 32.24 33.24
CA MET D 68 -12.53 31.26 34.25
C MET D 68 -13.43 31.86 35.33
N ALA D 69 -13.39 33.17 35.54
CA ALA D 69 -14.19 33.77 36.58
C ALA D 69 -15.62 34.05 36.13
N ILE D 70 -15.89 33.97 34.83
CA ILE D 70 -17.22 34.19 34.27
C ILE D 70 -18.07 32.96 34.58
N PRO D 71 -19.33 33.14 34.97
CA PRO D 71 -20.20 31.98 35.24
C PRO D 71 -20.34 31.11 34.00
N PRO D 72 -20.31 29.79 34.16
CA PRO D 72 -20.38 28.89 33.00
C PRO D 72 -21.68 29.09 32.23
N PRO D 73 -21.62 29.00 30.90
CA PRO D 73 -22.81 29.33 30.10
C PRO D 73 -23.88 28.25 30.20
N LYS D 74 -25.12 28.70 30.34
CA LYS D 74 -26.26 27.78 30.24
C LYS D 74 -26.36 27.26 28.82
N GLY D 75 -26.93 26.06 28.68
CA GLY D 75 -27.14 25.48 27.37
C GLY D 75 -26.06 24.48 27.00
N GLU D 76 -26.18 23.99 25.76
CA GLU D 76 -25.34 22.89 25.33
C GLU D 76 -23.89 23.35 25.13
N ARG D 77 -22.96 22.45 25.46
CA ARG D 77 -21.54 22.64 25.23
C ARG D 77 -21.07 21.43 24.44
N LEU D 78 -20.72 21.65 23.16
CA LEU D 78 -20.55 20.52 22.25
C LEU D 78 -19.45 19.57 22.69
N LEU D 79 -18.32 20.10 23.15
CA LEU D 79 -17.24 19.22 23.57
C LEU D 79 -17.37 18.81 25.03
N ALA D 80 -17.63 19.76 25.94
CA ALA D 80 -17.69 19.45 27.36
C ALA D 80 -18.77 18.42 27.69
N ASP D 81 -19.91 18.45 26.98
CA ASP D 81 -21.00 17.53 27.30
C ASP D 81 -20.72 16.10 26.86
N LYS D 82 -19.73 15.89 26.01
CA LYS D 82 -19.37 14.55 25.58
C LYS D 82 -18.38 13.86 26.52
N TYR D 83 -17.86 14.58 27.52
CA TYR D 83 -16.78 14.05 28.33
C TYR D 83 -17.05 14.23 29.83
N PRO D 84 -16.45 13.39 30.66
CA PRO D 84 -16.67 13.51 32.12
C PRO D 84 -16.05 14.79 32.65
N PRO D 85 -16.45 15.23 33.85
CA PRO D 85 -15.84 16.43 34.42
C PRO D 85 -14.42 16.16 34.91
N HIS D 86 -13.50 15.84 34.00
CA HIS D 86 -12.12 15.56 34.33
C HIS D 86 -11.19 16.71 33.97
N PHE D 87 -11.73 17.84 33.54
CA PHE D 87 -10.97 18.97 33.05
C PHE D 87 -11.89 20.18 32.98
N LYS D 88 -11.30 21.36 33.09
CA LYS D 88 -12.00 22.62 32.82
C LYS D 88 -11.50 23.17 31.49
N TYR D 89 -12.41 23.75 30.72
CA TYR D 89 -12.23 23.96 29.29
C TYR D 89 -12.53 25.42 28.94
N VAL D 90 -11.61 26.04 28.22
CA VAL D 90 -11.83 27.39 27.67
C VAL D 90 -11.58 27.33 26.17
N PRO D 91 -12.62 27.37 25.34
CA PRO D 91 -12.44 27.21 23.90
C PRO D 91 -12.01 28.51 23.22
N ASN D 92 -11.49 28.36 22.01
CA ASN D 92 -11.01 29.46 21.15
C ASN D 92 -10.44 30.64 21.93
N VAL D 93 -9.28 30.43 22.55
CA VAL D 93 -8.67 31.46 23.38
C VAL D 93 -8.22 32.66 22.56
N ALA D 94 -8.13 32.53 21.23
CA ALA D 94 -7.71 33.65 20.42
C ALA D 94 -8.75 34.78 20.41
N THR D 95 -10.04 34.46 20.61
CA THR D 95 -11.05 35.52 20.65
C THR D 95 -11.19 36.19 22.01
N THR D 96 -10.57 35.67 23.08
CA THR D 96 -10.68 36.29 24.39
C THR D 96 -9.36 36.56 25.10
N CYS D 97 -8.23 36.17 24.51
CA CYS D 97 -6.93 36.38 25.15
C CYS D 97 -6.02 37.15 24.21
N PRO D 98 -5.86 38.46 24.42
CA PRO D 98 -4.99 39.25 23.53
C PRO D 98 -3.56 38.76 23.47
N THR D 99 -3.01 38.27 24.58
CA THR D 99 -1.64 37.80 24.56
C THR D 99 -1.45 36.66 23.57
N PHE D 100 -2.43 35.75 23.49
CA PHE D 100 -2.33 34.70 22.49
C PHE D 100 -2.49 35.27 21.09
N ARG D 101 -3.49 36.12 20.90
CA ARG D 101 -3.82 36.62 19.58
C ARG D 101 -2.68 37.47 18.98
N ASN D 102 -1.98 38.25 19.80
CA ASN D 102 -1.00 39.20 19.28
C ASN D 102 0.45 38.80 19.53
N THR D 103 0.71 37.74 20.29
CA THR D 103 2.10 37.40 20.61
C THR D 103 2.38 35.91 20.40
N VAL D 104 1.63 35.04 21.06
CA VAL D 104 1.89 33.61 20.95
C VAL D 104 1.61 33.11 19.53
N LEU D 105 0.42 33.44 19.00
CA LEU D 105 -0.02 32.88 17.73
C LEU D 105 0.92 33.21 16.58
N ILE D 106 1.67 34.31 16.68
CA ILE D 106 2.54 34.74 15.59
C ILE D 106 4.00 34.60 15.98
N ASN D 107 4.30 33.64 16.84
CA ASN D 107 5.68 33.47 17.29
C ASN D 107 6.56 33.06 16.10
N PRO D 108 7.67 33.77 15.86
CA PRO D 108 8.48 33.45 14.68
C PRO D 108 9.02 32.03 14.65
N VAL D 109 9.41 31.49 15.80
CA VAL D 109 9.97 30.14 15.80
C VAL D 109 8.87 29.13 15.48
N ILE D 110 7.67 29.32 16.04
CA ILE D 110 6.56 28.41 15.75
C ILE D 110 6.29 28.36 14.25
N HIS D 111 6.35 29.52 13.59
CA HIS D 111 6.08 29.58 12.16
C HIS D 111 7.26 29.13 11.31
N ALA D 112 8.47 29.22 11.84
CA ALA D 112 9.60 28.62 11.14
C ALA D 112 9.44 27.11 11.08
N ILE D 113 8.94 26.51 12.16
CA ILE D 113 8.66 25.08 12.16
C ILE D 113 7.51 24.76 11.21
N CYS D 114 6.46 25.58 11.24
CA CYS D 114 5.28 25.29 10.43
C CYS D 114 5.58 25.41 8.94
N GLU D 115 6.36 26.41 8.53
CA GLU D 115 6.70 26.57 7.11
C GLU D 115 7.57 25.41 6.62
N ALA D 116 8.45 24.91 7.47
CA ALA D 116 9.26 23.76 7.06
C ALA D 116 8.44 22.48 7.07
N TYR D 117 7.61 22.30 8.09
CA TYR D 117 6.80 21.10 8.22
C TYR D 117 5.76 21.00 7.13
N PHE D 118 5.06 22.10 6.84
CA PHE D 118 3.97 22.14 5.88
C PHE D 118 4.40 22.52 4.47
N GLN D 119 5.71 22.55 4.19
CA GLN D 119 6.17 23.02 2.89
C GLN D 119 5.51 22.26 1.74
N ARG D 120 5.42 20.94 1.86
CA ARG D 120 4.90 20.12 0.78
C ARG D 120 3.38 20.19 0.65
N THR D 121 2.65 20.61 1.69
CA THR D 121 1.19 20.68 1.60
C THR D 121 0.69 22.08 1.25
N GLY D 122 1.52 23.11 1.39
CA GLY D 122 1.08 24.46 1.09
C GLY D 122 0.80 25.27 2.34
N ASP D 123 -0.15 26.19 2.26
CA ASP D 123 -0.45 27.06 3.39
C ASP D 123 -1.10 26.27 4.53
N TYR D 124 -1.03 26.86 5.72
CA TYR D 124 -1.57 26.27 6.94
C TYR D 124 -2.29 27.36 7.72
N TRP D 125 -3.18 26.94 8.63
CA TRP D 125 -3.84 27.90 9.50
C TRP D 125 -4.23 27.23 10.81
N LEU D 126 -4.75 28.03 11.72
CA LEU D 126 -5.09 27.58 13.05
C LEU D 126 -6.43 26.86 13.01
N SER D 127 -6.44 25.56 13.33
CA SER D 127 -7.70 24.83 13.37
C SER D 127 -8.39 25.00 14.71
N ALA D 128 -7.62 25.02 15.80
CA ALA D 128 -8.20 25.28 17.11
C ALA D 128 -7.10 25.66 18.09
N ALA D 129 -7.48 26.39 19.14
CA ALA D 129 -6.58 26.67 20.24
C ALA D 129 -7.43 26.88 21.49
N PHE D 130 -7.27 26.01 22.47
CA PHE D 130 -8.06 26.04 23.68
C PHE D 130 -7.19 25.76 24.89
N LEU D 131 -7.78 25.94 26.06
CA LEU D 131 -7.12 25.71 27.34
C LEU D 131 -7.75 24.50 28.03
N ARG D 132 -6.91 23.69 28.68
CA ARG D 132 -7.35 22.65 29.59
C ARG D 132 -6.77 22.95 30.97
N GLU D 133 -7.64 23.08 31.96
CA GLU D 133 -7.23 23.17 33.36
C GLU D 133 -7.60 21.87 34.03
N ILE D 134 -6.61 21.20 34.62
CA ILE D 134 -6.80 19.92 35.29
C ILE D 134 -6.46 20.11 36.77
N GLU D 135 -7.47 20.03 37.63
CA GLU D 135 -7.23 20.24 39.06
C GLU D 135 -6.85 18.93 39.73
N SER D 136 -6.43 19.04 41.00
CA SER D 136 -5.90 17.90 41.74
C SER D 136 -6.95 16.81 41.90
N GLY D 137 -6.60 15.59 41.50
CA GLY D 137 -7.49 14.47 41.61
C GLY D 137 -8.20 14.06 40.32
N MET D 138 -7.93 14.75 39.22
CA MET D 138 -8.61 14.38 37.99
C MET D 138 -7.87 13.21 37.33
N PRO D 139 -8.60 12.21 36.84
CA PRO D 139 -7.96 11.07 36.17
C PRO D 139 -7.34 11.49 34.84
N ALA D 140 -6.64 10.55 34.24
CA ALA D 140 -5.90 10.83 33.02
C ALA D 140 -6.85 10.99 31.83
N GLN D 141 -6.33 11.58 30.78
CA GLN D 141 -6.99 11.71 29.49
C GLN D 141 -6.72 10.45 28.66
N PRO D 142 -7.69 9.95 27.90
CA PRO D 142 -7.43 8.74 27.10
C PRO D 142 -6.39 9.02 26.03
N PHE D 143 -5.60 8.01 25.72
CA PHE D 143 -4.65 8.11 24.62
C PHE D 143 -5.41 8.34 23.31
N HIS D 144 -4.89 9.25 22.48
CA HIS D 144 -5.62 9.65 21.29
C HIS D 144 -4.65 10.26 20.29
N ARG D 145 -5.12 10.42 19.07
CA ARG D 145 -4.46 11.22 18.05
C ARG D 145 -5.33 12.43 17.77
N ASP D 146 -4.70 13.60 17.64
CA ASP D 146 -5.49 14.78 17.30
C ASP D 146 -6.07 14.70 15.90
N ASP D 147 -5.63 13.71 15.13
CA ASP D 147 -6.14 13.56 13.76
C ASP D 147 -7.63 13.26 13.76
N ALA D 148 -8.17 12.77 14.86
CA ALA D 148 -9.57 12.39 14.88
C ALA D 148 -10.51 13.53 14.60
N THR D 149 -10.06 14.78 14.64
CA THR D 149 -10.90 15.89 14.20
C THR D 149 -11.25 15.74 12.73
N HIS D 150 -10.31 15.26 11.92
CA HIS D 150 -10.50 15.06 10.49
C HIS D 150 -10.21 13.59 10.18
N PRO D 151 -11.22 12.72 10.24
CA PRO D 151 -10.96 11.27 10.11
C PRO D 151 -10.31 10.85 8.82
N LEU D 152 -10.34 11.66 7.77
CA LEU D 152 -9.68 11.23 6.53
C LEU D 152 -8.18 11.13 6.69
N MET D 153 -7.62 11.82 7.69
CA MET D 153 -6.19 11.74 7.93
C MET D 153 -5.74 10.30 8.23
N HIS D 154 -6.63 9.47 8.77
CA HIS D 154 -6.27 8.12 9.16
C HIS D 154 -5.79 7.30 7.97
N TYR D 155 -6.31 7.61 6.78
CA TYR D 155 -5.99 6.83 5.60
C TYR D 155 -4.83 7.41 4.80
N GLN D 156 -4.30 8.55 5.23
CA GLN D 156 -3.15 9.15 4.57
C GLN D 156 -1.92 8.27 4.74
N PRO D 157 -1.20 7.94 3.67
CA PRO D 157 0.08 7.26 3.81
C PRO D 157 1.04 8.10 4.66
N LEU D 158 1.94 7.42 5.36
CA LEU D 158 2.88 8.14 6.21
C LEU D 158 3.82 9.01 5.39
N GLU D 159 4.07 8.64 4.13
CA GLU D 159 4.94 9.39 3.24
C GLU D 159 4.21 10.49 2.49
N ALA D 160 2.90 10.64 2.69
CA ALA D 160 2.15 11.72 2.08
C ALA D 160 2.43 13.04 2.79
N PRO D 161 2.32 14.17 2.09
CA PRO D 161 2.59 15.48 2.72
C PRO D 161 1.75 15.66 3.98
N PRO D 162 2.40 15.91 5.12
CA PRO D 162 1.64 16.07 6.36
C PRO D 162 0.73 17.28 6.32
N VAL D 163 -0.41 17.15 7.01
CA VAL D 163 -1.45 18.17 6.99
C VAL D 163 -1.83 18.65 8.38
N SER D 164 -1.16 18.17 9.43
CA SER D 164 -1.59 18.49 10.78
C SER D 164 -0.39 18.51 11.72
N LEU D 165 -0.46 19.37 12.73
CA LEU D 165 0.63 19.55 13.67
C LEU D 165 0.09 20.13 14.97
N SER D 166 0.49 19.56 16.10
CA SER D 166 0.00 19.98 17.40
C SER D 166 1.10 20.70 18.16
N VAL D 167 0.80 21.91 18.62
CA VAL D 167 1.74 22.75 19.37
C VAL D 167 1.16 22.93 20.76
N ILE D 168 1.86 22.40 21.77
CA ILE D 168 1.31 22.25 23.12
C ILE D 168 2.10 23.15 24.07
N PHE D 169 1.43 24.15 24.64
CA PHE D 169 2.09 25.11 25.50
C PHE D 169 1.82 24.77 26.95
N PRO D 170 2.85 24.62 27.79
CA PRO D 170 2.61 24.51 29.23
C PRO D 170 2.46 25.89 29.84
N LEU D 171 1.33 26.13 30.52
CA LEU D 171 1.10 27.38 31.21
C LEU D 171 1.34 27.28 32.70
N THR D 172 1.52 26.06 33.21
CA THR D 172 2.07 25.80 34.53
C THR D 172 3.15 24.74 34.39
N GLU D 173 3.79 24.41 35.50
CA GLU D 173 4.83 23.40 35.49
C GLU D 173 4.22 22.04 35.14
N PHE D 174 4.91 21.28 34.29
CA PHE D 174 4.52 19.92 33.97
C PHE D 174 5.44 18.98 34.73
N THR D 175 4.89 18.22 35.67
CA THR D 175 5.67 17.30 36.46
C THR D 175 5.06 15.90 36.36
N GLU D 176 5.76 14.93 36.93
CA GLU D 176 5.26 13.56 36.93
C GLU D 176 3.96 13.45 37.72
N GLU D 177 3.89 14.14 38.86
CA GLU D 177 2.76 13.97 39.77
C GLU D 177 1.50 14.66 39.27
N ASN D 178 1.63 15.81 38.61
CA ASN D 178 0.46 16.58 38.17
C ASN D 178 0.00 16.21 36.76
N GLY D 179 0.62 15.21 36.14
CA GLY D 179 0.11 14.67 34.88
C GLY D 179 0.63 15.37 33.64
N ALA D 180 1.95 15.50 33.52
CA ALA D 180 2.52 16.04 32.29
C ALA D 180 2.04 15.23 31.08
N THR D 181 2.06 15.89 29.93
CA THR D 181 1.61 15.25 28.70
C THR D 181 2.45 14.01 28.40
N GLU D 182 1.77 12.91 28.09
CA GLU D 182 2.40 11.62 27.83
C GLU D 182 2.41 11.36 26.34
N VAL D 183 3.60 11.14 25.77
CA VAL D 183 3.79 10.95 24.34
C VAL D 183 4.39 9.57 24.11
N ILE D 184 3.89 8.88 23.09
CA ILE D 184 4.42 7.57 22.70
C ILE D 184 5.30 7.78 21.47
N LEU D 185 6.61 7.89 21.69
CA LEU D 185 7.56 8.10 20.61
C LEU D 185 7.38 7.07 19.49
N GLY D 186 7.46 7.54 18.25
CA GLY D 186 7.37 6.65 17.12
C GLY D 186 5.99 6.06 16.87
N SER D 187 4.99 6.37 17.69
CA SER D 187 3.66 5.80 17.49
C SER D 187 2.99 6.29 16.21
N HIS D 188 3.54 7.30 15.54
CA HIS D 188 3.00 7.70 14.24
C HIS D 188 3.29 6.67 13.16
N ARG D 189 4.13 5.68 13.45
CA ARG D 189 4.33 4.57 12.53
C ARG D 189 3.41 3.39 12.82
N TRP D 190 2.51 3.52 13.80
CA TRP D 190 1.47 2.51 13.99
C TRP D 190 0.31 2.80 13.06
N THR D 191 -0.33 1.74 12.59
CA THR D 191 -1.50 1.92 11.76
C THR D 191 -2.69 2.40 12.60
N GLU D 192 -2.89 1.80 13.77
CA GLU D 192 -4.01 2.11 14.65
C GLU D 192 -3.52 2.67 15.96
N VAL D 193 -4.47 3.22 16.73
CA VAL D 193 -4.15 3.72 18.06
C VAL D 193 -4.16 2.58 19.08
N GLY D 194 -5.15 1.69 18.98
CA GLY D 194 -5.26 0.59 19.89
C GLY D 194 -5.55 1.08 21.30
N THR D 195 -5.17 0.25 22.28
CA THR D 195 -5.32 0.57 23.69
C THR D 195 -3.94 0.47 24.34
N PRO D 196 -3.10 1.48 24.17
CA PRO D 196 -1.76 1.40 24.75
C PRO D 196 -1.77 1.58 26.25
N GLU D 197 -0.75 1.00 26.89
CA GLU D 197 -0.53 1.13 28.32
C GLU D 197 0.25 2.40 28.62
N ARG D 198 -0.01 3.00 29.78
CA ARG D 198 0.64 4.24 30.16
C ARG D 198 2.16 4.11 30.13
N ASP D 199 2.69 2.93 30.47
CA ASP D 199 4.13 2.70 30.51
C ASP D 199 4.81 2.94 29.17
N GLN D 200 4.07 2.86 28.06
CA GLN D 200 4.65 3.07 26.73
C GLN D 200 4.94 4.54 26.45
N ALA D 201 4.42 5.45 27.26
CA ALA D 201 4.62 6.85 26.99
C ALA D 201 5.83 7.36 27.77
N VAL D 202 6.37 8.46 27.28
CA VAL D 202 7.36 9.24 28.01
C VAL D 202 6.69 10.54 28.42
N LEU D 203 7.14 11.10 29.54
CA LEU D 203 6.54 12.32 30.06
C LEU D 203 7.15 13.55 29.40
N ALA D 204 6.30 14.53 29.12
CA ALA D 204 6.75 15.81 28.59
C ALA D 204 6.83 16.85 29.70
N THR D 205 7.68 16.57 30.70
CA THR D 205 7.87 17.49 31.81
C THR D 205 8.54 18.77 31.31
N MET D 206 7.88 19.90 31.54
CA MET D 206 8.33 21.19 31.04
C MET D 206 8.09 22.26 32.09
N ASP D 207 8.81 23.39 31.95
CA ASP D 207 8.54 24.62 32.67
C ASP D 207 7.67 25.53 31.82
N PRO D 208 6.97 26.49 32.43
CA PRO D 208 6.29 27.51 31.62
C PRO D 208 7.29 28.23 30.75
N GLY D 209 6.88 28.55 29.53
CA GLY D 209 7.77 29.08 28.52
C GLY D 209 8.29 28.06 27.54
N ASP D 210 8.24 26.77 27.91
CA ASP D 210 8.58 25.69 27.00
C ASP D 210 7.43 25.45 26.03
N VAL D 211 7.63 24.55 25.08
CA VAL D 211 6.57 24.13 24.16
C VAL D 211 6.87 22.73 23.68
N LEU D 212 5.83 21.93 23.50
CA LEU D 212 5.94 20.57 22.99
C LEU D 212 5.34 20.54 21.59
N ILE D 213 6.13 20.08 20.62
CA ILE D 213 5.70 19.94 19.25
C ILE D 213 5.41 18.47 18.97
N VAL D 214 4.20 18.17 18.49
CA VAL D 214 3.75 16.81 18.28
C VAL D 214 3.34 16.65 16.81
N ARG D 215 3.94 15.69 16.13
CA ARG D 215 3.65 15.39 14.74
C ARG D 215 2.26 14.77 14.58
N GLN D 216 1.70 14.91 13.38
CA GLN D 216 0.50 14.16 13.01
C GLN D 216 0.72 12.67 13.23
N ARG D 217 -0.32 12.00 13.74
CA ARG D 217 -0.42 10.56 13.97
C ARG D 217 0.29 10.09 15.24
N VAL D 218 0.98 10.95 15.99
CA VAL D 218 1.63 10.53 17.22
C VAL D 218 0.58 10.39 18.30
N VAL D 219 0.57 9.25 18.99
CA VAL D 219 -0.38 8.99 20.05
C VAL D 219 0.08 9.72 21.32
N HIS D 220 -0.86 10.36 22.00
CA HIS D 220 -0.52 11.10 23.21
C HIS D 220 -1.76 11.21 24.09
N ALA D 221 -1.56 11.78 25.27
CA ALA D 221 -2.64 11.93 26.22
C ALA D 221 -2.16 12.80 27.38
N GLY D 222 -3.09 13.60 27.91
CA GLY D 222 -2.81 14.32 29.13
C GLY D 222 -2.78 13.38 30.33
N GLY D 223 -1.91 13.69 31.26
CA GLY D 223 -1.80 12.87 32.45
C GLY D 223 -2.87 13.17 33.47
N GLY D 224 -2.93 12.32 34.49
CA GLY D 224 -3.83 12.53 35.60
C GLY D 224 -3.12 13.30 36.69
N ASN D 225 -3.81 14.30 37.24
CA ASN D 225 -3.25 15.13 38.31
C ASN D 225 -3.43 14.40 39.63
N ARG D 226 -2.36 13.79 40.12
CA ARG D 226 -2.40 12.98 41.33
C ARG D 226 -1.98 13.77 42.57
N THR D 227 -1.65 15.04 42.41
CA THR D 227 -1.20 15.84 43.54
C THR D 227 -2.28 15.91 44.62
N THR D 228 -1.84 15.79 45.88
CA THR D 228 -2.78 15.85 46.99
C THR D 228 -3.45 17.21 47.06
N ALA D 229 -2.65 18.28 47.00
CA ALA D 229 -3.17 19.64 47.00
C ALA D 229 -2.20 20.52 46.24
N GLY D 230 -2.75 21.47 45.48
CA GLY D 230 -1.92 22.35 44.68
C GLY D 230 -2.72 23.00 43.58
N LYS D 231 -2.04 23.89 42.85
CA LYS D 231 -2.68 24.58 41.75
C LYS D 231 -2.87 23.64 40.57
N PRO D 232 -3.90 23.86 39.76
CA PRO D 232 -4.19 22.91 38.67
C PRO D 232 -3.14 23.00 37.57
N ARG D 233 -2.96 21.89 36.88
CA ARG D 233 -2.15 21.88 35.68
C ARG D 233 -2.90 22.61 34.57
N ARG D 234 -2.19 23.46 33.83
CA ARG D 234 -2.79 24.32 32.83
C ARG D 234 -2.05 24.14 31.51
N VAL D 235 -2.78 23.79 30.44
CA VAL D 235 -2.18 23.52 29.14
C VAL D 235 -3.02 24.14 28.04
N VAL D 236 -2.35 24.72 27.04
CA VAL D 236 -3.01 25.28 25.87
C VAL D 236 -2.54 24.52 24.64
N LEU D 237 -3.48 23.90 23.93
CA LEU D 237 -3.18 23.22 22.67
C LEU D 237 -3.46 24.17 21.51
N ALA D 238 -2.46 24.40 20.68
CA ALA D 238 -2.65 25.12 19.42
C ALA D 238 -2.51 24.10 18.29
N TYR D 239 -3.58 23.95 17.51
CA TYR D 239 -3.70 22.86 16.54
C TYR D 239 -3.70 23.46 15.13
N PHE D 240 -2.61 23.24 14.39
CA PHE D 240 -2.42 23.80 13.06
C PHE D 240 -2.72 22.75 11.99
N ASN D 241 -3.52 23.13 10.99
CA ASN D 241 -3.91 22.25 9.90
C ASN D 241 -3.54 22.89 8.56
N SER D 242 -3.29 22.05 7.57
CA SER D 242 -3.27 22.50 6.19
C SER D 242 -4.58 23.22 5.88
N VAL D 243 -4.50 24.29 5.06
CA VAL D 243 -5.69 25.07 4.73
C VAL D 243 -6.68 24.25 3.91
N GLN D 244 -6.30 23.02 3.54
CA GLN D 244 -7.26 22.13 2.90
C GLN D 244 -8.29 21.58 3.88
N LEU D 245 -7.98 21.58 5.17
CA LEU D 245 -8.87 21.01 6.17
C LEU D 245 -9.67 22.12 6.85
N THR D 246 -10.95 21.87 7.05
CA THR D 246 -11.83 22.84 7.68
C THR D 246 -11.40 23.09 9.13
N PRO D 247 -11.23 24.34 9.55
CA PRO D 247 -10.86 24.60 10.94
C PRO D 247 -11.94 24.13 11.92
N PHE D 248 -11.51 23.41 12.95
CA PHE D 248 -12.42 22.95 13.99
C PHE D 248 -13.24 24.11 14.54
N GLU D 249 -12.56 25.13 15.06
CA GLU D 249 -13.22 26.35 15.50
C GLU D 249 -13.20 27.36 14.36
N THR D 250 -14.32 28.06 14.17
CA THR D 250 -14.40 29.12 13.19
C THR D 250 -14.29 30.47 13.88
N TYR D 251 -13.39 31.31 13.38
CA TYR D 251 -13.17 32.63 13.95
C TYR D 251 -13.88 33.72 13.15
N ARG D 252 -14.95 33.35 12.44
CA ARG D 252 -15.66 34.30 11.61
C ARG D 252 -16.54 35.25 12.41
N THR D 253 -16.84 34.94 13.67
CA THR D 253 -17.66 35.82 14.50
C THR D 253 -16.85 36.88 15.23
N MET D 254 -15.53 36.93 15.03
CA MET D 254 -14.72 37.98 15.63
C MET D 254 -15.14 39.35 15.11
N PRO D 255 -15.27 40.34 15.99
CA PRO D 255 -15.56 41.71 15.52
C PRO D 255 -14.52 42.18 14.53
N ARG D 256 -14.96 42.99 13.57
CA ARG D 256 -14.04 43.51 12.56
C ARG D 256 -12.92 44.33 13.19
N GLU D 257 -13.23 45.06 14.25
CA GLU D 257 -12.21 45.86 14.94
C GLU D 257 -11.12 44.97 15.51
N MET D 258 -11.51 43.83 16.09
CA MET D 258 -10.51 42.92 16.65
C MET D 258 -9.67 42.28 15.55
N VAL D 259 -10.30 41.92 14.43
CA VAL D 259 -9.53 41.30 13.35
C VAL D 259 -8.55 42.30 12.74
N GLU D 260 -9.00 43.54 12.52
CA GLU D 260 -8.15 44.53 11.87
C GLU D 260 -7.00 44.97 12.76
N SER D 261 -7.08 44.70 14.07
CA SER D 261 -5.98 45.00 14.97
C SER D 261 -4.85 43.96 14.91
N MET D 262 -5.08 42.83 14.24
CA MET D 262 -4.10 41.77 14.13
C MET D 262 -3.13 42.02 12.97
N THR D 263 -2.03 41.27 12.96
CA THR D 263 -1.15 41.30 11.82
C THR D 263 -1.76 40.47 10.69
N VAL D 264 -1.18 40.61 9.48
CA VAL D 264 -1.64 39.81 8.35
C VAL D 264 -1.47 38.32 8.65
N LEU D 265 -0.33 37.94 9.22
CA LEU D 265 -0.12 36.55 9.59
C LEU D 265 -1.19 36.07 10.56
N GLY D 266 -1.51 36.89 11.57
CA GLY D 266 -2.59 36.53 12.48
C GLY D 266 -3.92 36.37 11.77
N GLN D 267 -4.22 37.29 10.83
CA GLN D 267 -5.47 37.20 10.08
C GLN D 267 -5.52 35.96 9.21
N ARG D 268 -4.39 35.60 8.59
CA ARG D 268 -4.35 34.40 7.76
C ARG D 268 -4.57 33.15 8.61
N MET D 269 -4.03 33.13 9.83
CA MET D 269 -4.20 31.95 10.69
C MET D 269 -5.65 31.75 11.12
N LEU D 270 -6.45 32.81 11.21
CA LEU D 270 -7.82 32.69 11.67
C LEU D 270 -8.84 32.69 10.53
N GLY D 271 -8.42 32.31 9.31
CA GLY D 271 -9.35 32.08 8.23
C GLY D 271 -9.96 33.32 7.59
N TRP D 272 -9.37 34.50 7.81
CA TRP D 272 -9.92 35.74 7.28
C TRP D 272 -9.32 36.16 5.96
N ARG D 273 -8.41 35.36 5.40
CA ARG D 273 -7.76 35.68 4.14
C ARG D 273 -7.73 34.45 3.25
N THR D 274 -7.72 34.69 1.95
CA THR D 274 -7.56 33.62 0.98
C THR D 274 -6.18 32.98 1.14
N MET D 275 -6.16 31.66 1.08
CA MET D 275 -4.95 30.88 1.30
C MET D 275 -4.67 30.04 0.05
N LYS D 276 -3.50 29.41 0.04
CA LYS D 276 -2.99 28.71 -1.14
C LYS D 276 -2.43 27.35 -0.75
N PRO D 277 -3.16 26.27 -0.98
CA PRO D 277 -2.54 24.93 -0.90
C PRO D 277 -1.58 24.74 -2.07
N SER D 278 -0.71 23.74 -1.95
CA SER D 278 0.30 23.56 -2.97
C SER D 278 -0.31 23.07 -4.28
N ASP D 279 0.48 23.14 -5.34
CA ASP D 279 0.04 22.59 -6.62
C ASP D 279 -0.24 21.10 -6.46
N PRO D 280 -1.17 20.53 -7.23
CA PRO D 280 -1.90 21.01 -8.42
C PRO D 280 -2.98 22.07 -8.22
N ASN D 281 -3.25 22.54 -7.01
CA ASN D 281 -4.13 23.68 -6.84
C ASN D 281 -3.35 24.95 -7.17
N ILE D 282 -3.66 25.55 -8.33
CA ILE D 282 -2.94 26.73 -8.80
C ILE D 282 -3.74 28.01 -8.58
N VAL D 283 -4.95 27.92 -8.04
CA VAL D 283 -5.82 29.07 -7.88
C VAL D 283 -5.77 29.57 -6.43
N GLY D 284 -6.07 28.69 -5.48
CA GLY D 284 -6.14 29.04 -4.07
C GLY D 284 -7.32 28.37 -3.43
N ILE D 285 -7.69 28.86 -2.24
CA ILE D 285 -8.79 28.31 -1.47
C ILE D 285 -9.30 29.38 -0.52
N ASN D 286 -10.58 29.29 -0.14
CA ASN D 286 -11.21 30.25 0.77
C ASN D 286 -11.33 31.63 0.10
N LEU D 287 -11.94 31.63 -1.09
CA LEU D 287 -12.09 32.82 -1.90
C LEU D 287 -13.56 33.02 -2.22
N ILE D 288 -13.89 34.18 -2.77
CA ILE D 288 -15.27 34.51 -3.11
C ILE D 288 -15.26 35.53 -4.25
N ASP D 289 -16.27 35.42 -5.13
CA ASP D 289 -16.40 36.28 -6.31
C ASP D 289 -15.15 36.26 -7.18
N ASP D 290 -14.42 35.13 -7.18
CA ASP D 290 -13.15 34.98 -7.88
C ASP D 290 -12.11 36.00 -7.42
N LYS D 291 -12.26 36.53 -6.21
CA LYS D 291 -11.32 37.48 -5.64
C LYS D 291 -10.91 37.02 -4.25
N ARG D 292 -9.79 37.58 -3.77
CA ARG D 292 -9.31 37.26 -2.44
C ARG D 292 -10.28 37.79 -1.39
N LEU D 293 -10.44 37.02 -0.31
CA LEU D 293 -11.44 37.38 0.70
C LEU D 293 -11.12 38.72 1.34
N GLU D 294 -9.83 38.97 1.62
CA GLU D 294 -9.44 40.22 2.28
C GLU D 294 -9.72 41.44 1.40
N ASN D 295 -9.70 41.30 0.07
CA ASN D 295 -10.07 42.41 -0.79
C ASN D 295 -11.58 42.62 -0.83
N VAL D 296 -12.36 41.54 -0.85
CA VAL D 296 -13.81 41.67 -0.80
C VAL D 296 -14.24 42.37 0.47
N LEU D 297 -13.68 41.97 1.62
CA LEU D 297 -13.97 42.58 2.91
C LEU D 297 -13.31 43.94 3.09
N GLN D 298 -12.36 44.32 2.22
CA GLN D 298 -11.56 45.54 2.38
C GLN D 298 -10.94 45.56 3.78
N LEU D 299 -10.20 44.51 4.07
CA LEU D 299 -9.68 44.24 5.41
C LEU D 299 -8.39 45.01 5.64
N LYS D 300 -8.39 45.86 6.67
CA LYS D 300 -7.15 46.46 7.16
C LYS D 300 -6.40 45.48 8.06
N ALA D 301 -5.13 45.78 8.30
CA ALA D 301 -4.35 44.99 9.25
C ALA D 301 -3.34 45.90 9.94
N ALA D 302 -2.87 45.43 11.10
CA ALA D 302 -1.96 46.25 11.90
C ALA D 302 -0.64 46.51 11.18
N ASP D 303 -0.16 45.53 10.41
CA ASP D 303 1.12 45.63 9.70
C ASP D 303 0.96 45.78 8.19
N SER D 304 -0.24 46.10 7.70
CA SER D 304 -0.47 46.36 6.28
C SER D 304 -1.11 47.73 6.12
N PRO D 305 -0.33 48.77 5.80
CA PRO D 305 -0.85 50.12 5.58
C PRO D 305 -1.82 50.21 4.40
N LYS E 21 -18.68 -24.08 -14.92
CA LYS E 21 -17.42 -23.40 -14.67
C LYS E 21 -17.08 -22.36 -15.75
N PRO E 22 -16.68 -21.15 -15.33
CA PRO E 22 -16.30 -20.12 -16.29
C PRO E 22 -15.11 -20.55 -17.15
N GLN E 23 -15.18 -20.26 -18.43
CA GLN E 23 -14.15 -20.64 -19.40
C GLN E 23 -13.56 -19.40 -20.03
N LEU E 24 -12.43 -19.58 -20.70
CA LEU E 24 -11.86 -18.52 -21.53
C LEU E 24 -12.86 -18.10 -22.60
N GLN E 25 -12.95 -16.80 -22.84
CA GLN E 25 -13.85 -16.27 -23.86
C GLN E 25 -13.24 -16.45 -25.25
N ARG E 26 -14.03 -16.96 -26.17
CA ARG E 26 -13.66 -17.03 -27.58
C ARG E 26 -14.30 -15.86 -28.32
N LEU E 27 -13.49 -15.14 -29.11
CA LEU E 27 -13.96 -13.97 -29.84
C LEU E 27 -13.49 -14.03 -31.29
N ALA E 28 -14.26 -13.39 -32.16
CA ALA E 28 -13.90 -13.28 -33.55
C ALA E 28 -12.80 -12.24 -33.72
N ALA E 29 -12.06 -12.34 -34.84
CA ALA E 29 -10.96 -11.41 -35.07
C ALA E 29 -11.47 -9.98 -35.21
N ASP E 30 -12.68 -9.80 -35.77
CA ASP E 30 -13.26 -8.48 -35.99
C ASP E 30 -13.92 -7.91 -34.74
N ALA E 31 -13.72 -8.52 -33.58
CA ALA E 31 -14.39 -8.10 -32.36
C ALA E 31 -13.89 -6.72 -31.93
N ASP E 32 -14.66 -6.10 -31.04
CA ASP E 32 -14.34 -4.78 -30.53
C ASP E 32 -13.11 -4.84 -29.62
N VAL E 33 -12.16 -3.91 -29.82
CA VAL E 33 -10.93 -3.93 -29.05
C VAL E 33 -11.16 -3.44 -27.62
N ASP E 34 -12.02 -2.42 -27.43
CA ASP E 34 -12.36 -2.01 -26.08
C ASP E 34 -12.98 -3.16 -25.28
N ARG E 35 -13.70 -4.06 -25.97
CA ARG E 35 -14.22 -5.25 -25.30
C ARG E 35 -13.07 -6.14 -24.82
N MET E 36 -12.03 -6.29 -25.63
CA MET E 36 -10.92 -7.16 -25.27
C MET E 36 -10.16 -6.61 -24.05
N CYS E 37 -10.02 -5.29 -23.95
CA CYS E 37 -9.39 -4.73 -22.75
C CYS E 37 -10.24 -4.99 -21.52
N ARG E 38 -11.57 -4.96 -21.66
CA ARG E 38 -12.43 -5.36 -20.55
C ARG E 38 -12.15 -6.80 -20.14
N LEU E 39 -12.01 -7.69 -21.11
CA LEU E 39 -11.76 -9.10 -20.79
C LEU E 39 -10.40 -9.29 -20.12
N LEU E 40 -9.39 -8.51 -20.53
CA LEU E 40 -8.07 -8.63 -19.89
C LEU E 40 -8.10 -8.15 -18.44
N GLU E 41 -9.00 -7.23 -18.10
CA GLU E 41 -9.06 -6.78 -16.71
C GLU E 41 -9.86 -7.76 -15.86
N GLU E 42 -11.04 -8.16 -16.33
CA GLU E 42 -11.89 -9.03 -15.53
C GLU E 42 -11.34 -10.45 -15.52
N ASP E 43 -11.41 -11.13 -16.67
CA ASP E 43 -10.95 -12.52 -16.74
C ASP E 43 -9.43 -12.63 -16.74
N GLY E 44 -8.74 -11.69 -17.39
CA GLY E 44 -7.31 -11.74 -17.51
C GLY E 44 -6.79 -12.33 -18.81
N ALA E 45 -7.65 -12.98 -19.59
CA ALA E 45 -7.22 -13.59 -20.84
C ALA E 45 -8.43 -13.86 -21.72
N PHE E 46 -8.17 -14.00 -23.01
CA PHE E 46 -9.22 -14.35 -23.97
C PHE E 46 -8.58 -14.98 -25.19
N ILE E 47 -9.43 -15.49 -26.08
CA ILE E 47 -9.00 -16.21 -27.27
C ILE E 47 -9.62 -15.54 -28.49
N LEU E 48 -8.80 -15.31 -29.52
CA LEU E 48 -9.29 -14.86 -30.82
C LEU E 48 -9.28 -16.05 -31.78
N LYS E 49 -10.37 -16.20 -32.53
CA LYS E 49 -10.53 -17.31 -33.45
C LYS E 49 -10.21 -16.86 -34.87
N GLY E 50 -9.34 -17.62 -35.54
CA GLY E 50 -9.07 -17.39 -36.95
C GLY E 50 -8.48 -16.04 -37.27
N LEU E 51 -7.44 -15.65 -36.51
CA LEU E 51 -6.77 -14.39 -36.78
C LEU E 51 -5.88 -14.51 -38.00
N LEU E 52 -5.16 -15.63 -38.13
CA LEU E 52 -4.20 -15.88 -39.19
C LEU E 52 -4.77 -16.87 -40.18
N PRO E 53 -4.68 -16.60 -41.48
CA PRO E 53 -5.13 -17.58 -42.48
C PRO E 53 -4.29 -18.85 -42.41
N PHE E 54 -4.87 -19.95 -42.90
CA PHE E 54 -4.20 -21.23 -42.74
C PHE E 54 -2.91 -21.31 -43.56
N ASP E 55 -2.83 -20.59 -44.68
CA ASP E 55 -1.59 -20.57 -45.44
C ASP E 55 -0.47 -19.88 -44.68
N VAL E 56 -0.81 -18.87 -43.86
CA VAL E 56 0.19 -18.21 -43.04
C VAL E 56 0.69 -19.16 -41.95
N VAL E 57 -0.19 -20.00 -41.42
CA VAL E 57 0.20 -20.95 -40.39
C VAL E 57 1.15 -21.99 -40.98
N GLU E 58 0.79 -22.57 -42.11
CA GLU E 58 1.64 -23.60 -42.73
C GLU E 58 2.98 -23.00 -43.16
N SER E 59 2.95 -21.78 -43.72
CA SER E 59 4.19 -21.10 -44.08
C SER E 59 5.09 -20.94 -42.87
N PHE E 60 4.52 -20.57 -41.72
CA PHE E 60 5.29 -20.46 -40.49
C PHE E 60 5.81 -21.83 -40.06
N ASN E 61 5.01 -22.88 -40.22
CA ASN E 61 5.44 -24.21 -39.78
C ASN E 61 6.60 -24.73 -40.61
N ARG E 62 6.62 -24.44 -41.91
CA ARG E 62 7.73 -24.88 -42.76
C ARG E 62 9.05 -24.26 -42.30
N GLU E 63 9.04 -22.94 -42.02
CA GLU E 63 10.26 -22.26 -41.63
C GLU E 63 10.78 -22.79 -40.29
N LEU E 64 9.86 -23.12 -39.37
CA LEU E 64 10.26 -23.67 -38.09
C LEU E 64 10.79 -25.09 -38.23
N ASP E 65 10.30 -25.84 -39.23
CA ASP E 65 10.83 -27.19 -39.46
C ASP E 65 12.31 -27.14 -39.84
N VAL E 66 12.73 -26.08 -40.55
CA VAL E 66 14.13 -25.95 -40.93
C VAL E 66 15.00 -25.72 -39.69
N GLN E 67 14.55 -24.83 -38.79
CA GLN E 67 15.31 -24.57 -37.57
C GLN E 67 15.33 -25.78 -36.64
N MET E 68 14.28 -26.62 -36.66
CA MET E 68 14.29 -27.83 -35.86
C MET E 68 15.27 -28.86 -36.37
N ALA E 69 15.58 -28.84 -37.68
CA ALA E 69 16.52 -29.79 -38.24
C ALA E 69 17.97 -29.48 -37.87
N ILE E 70 18.25 -28.25 -37.49
CA ILE E 70 19.62 -27.86 -37.13
C ILE E 70 19.93 -28.39 -35.73
N PRO E 71 21.05 -29.07 -35.52
CA PRO E 71 21.34 -29.61 -34.20
C PRO E 71 21.52 -28.48 -33.19
N PRO E 72 21.20 -28.74 -31.92
CA PRO E 72 21.45 -27.74 -30.90
C PRO E 72 22.93 -27.42 -30.80
N PRO E 73 23.28 -26.21 -30.37
CA PRO E 73 24.69 -25.81 -30.34
C PRO E 73 25.52 -26.69 -29.41
N LYS E 74 26.79 -26.86 -29.76
CA LYS E 74 27.67 -27.76 -29.02
C LYS E 74 27.91 -27.26 -27.60
N GLY E 75 28.12 -25.95 -27.43
CA GLY E 75 28.56 -25.41 -26.16
C GLY E 75 27.46 -24.98 -25.22
N GLU E 76 27.53 -23.73 -24.78
CA GLU E 76 26.60 -23.21 -23.78
C GLU E 76 25.25 -22.92 -24.39
N ARG E 77 24.19 -23.25 -23.65
CA ARG E 77 22.81 -22.93 -24.02
C ARG E 77 22.15 -22.26 -22.81
N LEU E 78 21.96 -20.94 -22.90
CA LEU E 78 21.61 -20.16 -21.72
C LEU E 78 20.27 -20.58 -21.12
N LEU E 79 19.27 -20.87 -21.95
CA LEU E 79 17.98 -21.25 -21.44
C LEU E 79 17.81 -22.76 -21.32
N ALA E 80 18.30 -23.52 -22.31
CA ALA E 80 18.04 -24.95 -22.34
C ALA E 80 18.77 -25.70 -21.23
N ASP E 81 19.96 -25.23 -20.85
CA ASP E 81 20.75 -25.90 -19.83
C ASP E 81 20.12 -25.85 -18.45
N LYS E 82 19.18 -24.93 -18.23
CA LYS E 82 18.58 -24.72 -16.91
C LYS E 82 17.19 -25.33 -16.78
N TYR E 83 16.76 -26.13 -17.74
CA TYR E 83 15.45 -26.78 -17.68
C TYR E 83 15.55 -28.21 -18.20
N PRO E 84 14.73 -29.11 -17.68
CA PRO E 84 14.78 -30.51 -18.11
C PRO E 84 14.29 -30.65 -19.54
N PRO E 85 14.65 -31.75 -20.21
CA PRO E 85 14.24 -31.92 -21.60
C PRO E 85 12.75 -32.21 -21.76
N HIS E 86 11.91 -31.28 -21.34
CA HIS E 86 10.46 -31.41 -21.46
C HIS E 86 9.89 -30.62 -22.64
N PHE E 87 10.76 -30.12 -23.52
CA PHE E 87 10.38 -29.29 -24.65
C PHE E 87 11.57 -29.20 -25.59
N LYS E 88 11.30 -28.84 -26.84
CA LYS E 88 12.34 -28.43 -27.77
C LYS E 88 12.18 -26.94 -28.07
N TYR E 89 13.30 -26.27 -28.26
CA TYR E 89 13.38 -24.82 -28.14
C TYR E 89 14.02 -24.24 -29.40
N VAL E 90 13.37 -23.22 -29.97
CA VAL E 90 13.91 -22.47 -31.09
C VAL E 90 13.93 -21.00 -30.70
N PRO E 91 15.10 -20.46 -30.36
CA PRO E 91 15.16 -19.07 -29.89
C PRO E 91 15.00 -18.09 -31.04
N ASN E 92 14.60 -16.87 -30.67
CA ASN E 92 14.44 -15.72 -31.57
C ASN E 92 13.98 -16.11 -32.97
N VAL E 93 12.72 -16.55 -33.09
CA VAL E 93 12.21 -17.00 -34.39
C VAL E 93 12.10 -15.84 -35.37
N ALA E 94 12.08 -14.60 -34.88
CA ALA E 94 11.97 -13.47 -35.79
C ALA E 94 13.16 -13.37 -36.74
N THR E 95 14.34 -13.78 -36.29
CA THR E 95 15.52 -13.65 -37.13
C THR E 95 15.70 -14.81 -38.10
N THR E 96 14.84 -15.84 -38.03
CA THR E 96 15.01 -17.01 -38.89
C THR E 96 13.73 -17.46 -39.57
N CYS E 97 12.62 -16.76 -39.38
CA CYS E 97 11.34 -17.14 -39.97
C CYS E 97 10.69 -15.92 -40.62
N PRO E 98 10.78 -15.80 -41.95
CA PRO E 98 10.21 -14.61 -42.60
C PRO E 98 8.72 -14.44 -42.41
N THR E 99 7.96 -15.53 -42.30
CA THR E 99 6.50 -15.41 -42.14
C THR E 99 6.16 -14.71 -40.82
N PHE E 100 6.92 -15.00 -39.76
CA PHE E 100 6.72 -14.25 -38.52
C PHE E 100 7.21 -12.82 -38.67
N ARG E 101 8.37 -12.63 -39.32
CA ARG E 101 9.00 -11.33 -39.38
C ARG E 101 8.19 -10.34 -40.23
N ASN E 102 7.55 -10.82 -41.30
CA ASN E 102 6.89 -9.95 -42.27
C ASN E 102 5.37 -9.99 -42.20
N THR E 103 4.78 -10.91 -41.44
CA THR E 103 3.33 -11.07 -41.45
C THR E 103 2.74 -11.15 -40.05
N VAL E 104 3.26 -12.07 -39.23
CA VAL E 104 2.70 -12.28 -37.90
C VAL E 104 3.05 -11.12 -36.98
N LEU E 105 4.32 -10.68 -37.00
CA LEU E 105 4.78 -9.63 -36.09
C LEU E 105 4.02 -8.32 -36.26
N ILE E 106 3.46 -8.06 -37.44
CA ILE E 106 2.81 -6.77 -37.69
C ILE E 106 1.33 -6.97 -37.98
N ASN E 107 0.74 -8.03 -37.44
CA ASN E 107 -0.69 -8.25 -37.60
C ASN E 107 -1.48 -7.07 -37.04
N PRO E 108 -2.45 -6.53 -37.77
CA PRO E 108 -3.14 -5.31 -37.31
C PRO E 108 -3.99 -5.49 -36.06
N VAL E 109 -4.58 -6.66 -35.86
CA VAL E 109 -5.44 -6.85 -34.70
C VAL E 109 -4.62 -6.95 -33.43
N ILE E 110 -3.46 -7.61 -33.50
CA ILE E 110 -2.57 -7.70 -32.34
C ILE E 110 -2.12 -6.31 -31.91
N HIS E 111 -1.78 -5.45 -32.87
CA HIS E 111 -1.35 -4.09 -32.55
C HIS E 111 -2.50 -3.18 -32.17
N ALA E 112 -3.71 -3.45 -32.64
CA ALA E 112 -4.86 -2.73 -32.12
C ALA E 112 -5.05 -3.01 -30.64
N ILE E 113 -4.71 -4.23 -30.20
CA ILE E 113 -4.83 -4.59 -28.80
C ILE E 113 -3.70 -3.95 -27.99
N CYS E 114 -2.48 -3.98 -28.52
CA CYS E 114 -1.35 -3.40 -27.80
C CYS E 114 -1.49 -1.89 -27.63
N GLU E 115 -1.96 -1.20 -28.67
CA GLU E 115 -2.10 0.25 -28.57
C GLU E 115 -3.16 0.65 -27.56
N ALA E 116 -4.19 -0.16 -27.38
CA ALA E 116 -5.19 0.13 -26.35
C ALA E 116 -4.69 -0.30 -24.97
N TYR E 117 -3.93 -1.40 -24.91
CA TYR E 117 -3.47 -1.96 -23.64
C TYR E 117 -2.31 -1.15 -23.05
N PHE E 118 -1.38 -0.68 -23.88
CA PHE E 118 -0.21 0.04 -23.42
C PHE E 118 -0.39 1.56 -23.41
N GLN E 119 -1.63 2.05 -23.53
CA GLN E 119 -1.84 3.49 -23.71
C GLN E 119 -1.20 4.28 -22.57
N ARG E 120 -1.31 3.79 -21.34
CA ARG E 120 -0.79 4.51 -20.19
C ARG E 120 0.72 4.39 -20.03
N THR E 121 1.34 3.35 -20.59
CA THR E 121 2.78 3.16 -20.43
C THR E 121 3.60 3.69 -21.59
N GLY E 122 2.99 3.97 -22.73
CA GLY E 122 3.73 4.45 -23.88
C GLY E 122 4.02 3.39 -24.91
N ASP E 123 5.17 3.47 -25.57
CA ASP E 123 5.51 2.56 -26.65
C ASP E 123 5.81 1.16 -26.10
N TYR E 124 5.69 0.18 -26.98
CA TYR E 124 5.97 -1.22 -26.69
C TYR E 124 6.81 -1.79 -27.84
N TRP E 125 7.47 -2.90 -27.56
CA TRP E 125 8.21 -3.61 -28.61
C TRP E 125 8.33 -5.08 -28.22
N LEU E 126 8.92 -5.88 -29.12
CA LEU E 126 9.01 -7.32 -28.94
C LEU E 126 10.19 -7.64 -28.04
N SER E 127 9.90 -8.21 -26.87
CA SER E 127 10.95 -8.60 -25.93
C SER E 127 11.48 -10.00 -26.22
N ALA E 128 10.61 -10.91 -26.66
CA ALA E 128 11.03 -12.25 -27.03
C ALA E 128 9.96 -12.91 -27.88
N ALA E 129 10.39 -13.85 -28.71
CA ALA E 129 9.46 -14.63 -29.54
C ALA E 129 10.19 -15.89 -29.96
N PHE E 130 9.70 -17.05 -29.50
CA PHE E 130 10.40 -18.30 -29.71
C PHE E 130 9.37 -19.42 -29.86
N LEU E 131 9.87 -20.63 -30.13
CA LEU E 131 9.05 -21.82 -30.38
C LEU E 131 9.21 -22.83 -29.24
N ARG E 132 8.10 -23.43 -28.85
CA ARG E 132 8.09 -24.57 -27.95
C ARG E 132 7.44 -25.75 -28.65
N GLU E 133 8.09 -26.91 -28.62
CA GLU E 133 7.53 -28.13 -29.15
C GLU E 133 7.47 -29.16 -28.03
N ILE E 134 6.29 -29.71 -27.80
CA ILE E 134 6.04 -30.64 -26.70
C ILE E 134 5.71 -31.99 -27.32
N GLU E 135 6.68 -32.90 -27.32
CA GLU E 135 6.48 -34.18 -27.96
C GLU E 135 5.67 -35.11 -27.05
N SER E 136 5.36 -36.29 -27.57
CA SER E 136 4.50 -37.23 -26.86
C SER E 136 5.16 -37.75 -25.60
N GLY E 137 4.43 -37.69 -24.48
CA GLY E 137 4.94 -38.19 -23.21
C GLY E 137 5.61 -37.16 -22.34
N MET E 138 5.40 -35.87 -22.59
CA MET E 138 6.08 -34.83 -21.82
C MET E 138 5.21 -34.32 -20.68
N PRO E 139 5.80 -34.13 -19.51
CA PRO E 139 5.03 -33.63 -18.36
C PRO E 139 4.68 -32.17 -18.54
N ALA E 140 3.75 -31.71 -17.71
CA ALA E 140 3.28 -30.34 -17.78
C ALA E 140 4.40 -29.36 -17.44
N GLN E 141 4.23 -28.14 -17.87
CA GLN E 141 5.06 -27.04 -17.44
C GLN E 141 4.55 -26.52 -16.09
N PRO E 142 5.44 -26.04 -15.23
CA PRO E 142 4.97 -25.45 -13.95
C PRO E 142 4.21 -24.16 -14.17
N PHE E 143 3.24 -23.90 -13.29
CA PHE E 143 2.51 -22.64 -13.33
C PHE E 143 3.45 -21.47 -13.07
N HIS E 144 3.24 -20.36 -13.79
CA HIS E 144 4.18 -19.25 -13.70
C HIS E 144 3.53 -17.99 -14.23
N ARG E 145 4.22 -16.87 -14.02
CA ARG E 145 3.92 -15.60 -14.64
C ARG E 145 5.08 -15.22 -15.55
N ASP E 146 4.76 -14.63 -16.69
CA ASP E 146 5.82 -14.18 -17.59
C ASP E 146 6.53 -12.93 -17.09
N ASP E 147 6.12 -12.41 -15.93
CA ASP E 147 6.80 -11.27 -15.33
C ASP E 147 8.21 -11.62 -14.87
N ALA E 148 8.53 -12.91 -14.75
CA ALA E 148 9.80 -13.33 -14.16
C ALA E 148 11.01 -12.96 -14.99
N THR E 149 10.84 -12.48 -16.22
CA THR E 149 11.99 -12.03 -16.99
C THR E 149 12.54 -10.72 -16.43
N HIS E 150 11.66 -9.83 -15.99
CA HIS E 150 12.07 -8.58 -15.34
C HIS E 150 11.49 -8.53 -13.94
N PRO E 151 12.25 -8.94 -12.92
CA PRO E 151 11.67 -9.08 -11.57
C PRO E 151 11.05 -7.82 -10.99
N LEU E 152 11.34 -6.63 -11.52
CA LEU E 152 10.71 -5.43 -10.97
C LEU E 152 9.21 -5.41 -11.21
N MET E 153 8.71 -6.19 -12.17
CA MET E 153 7.27 -6.24 -12.42
C MET E 153 6.51 -6.76 -11.21
N HIS E 154 7.14 -7.58 -10.37
CA HIS E 154 6.45 -8.14 -9.22
C HIS E 154 6.06 -7.06 -8.21
N TYR E 155 6.75 -5.94 -8.21
CA TYR E 155 6.52 -4.87 -7.24
C TYR E 155 5.63 -3.76 -7.80
N GLN E 156 5.19 -3.87 -9.04
CA GLN E 156 4.26 -2.91 -9.62
C GLN E 156 2.87 -3.13 -9.06
N PRO E 157 2.22 -2.10 -8.50
CA PRO E 157 0.81 -2.23 -8.12
C PRO E 157 -0.03 -2.65 -9.31
N LEU E 158 -1.11 -3.39 -9.03
CA LEU E 158 -1.94 -3.91 -10.11
C LEU E 158 -2.56 -2.79 -10.92
N GLU E 159 -2.89 -1.67 -10.28
CA GLU E 159 -3.55 -0.55 -10.95
C GLU E 159 -2.55 0.44 -11.53
N ALA E 160 -1.27 0.07 -11.62
CA ALA E 160 -0.28 0.86 -12.34
C ALA E 160 -0.32 0.51 -13.81
N PRO E 161 0.18 1.38 -14.69
CA PRO E 161 0.13 1.12 -16.13
C PRO E 161 0.87 -0.16 -16.49
N PRO E 162 0.20 -1.10 -17.13
CA PRO E 162 0.84 -2.39 -17.44
C PRO E 162 1.99 -2.24 -18.43
N VAL E 163 3.01 -3.08 -18.24
CA VAL E 163 4.23 -3.03 -19.02
C VAL E 163 4.52 -4.32 -19.76
N SER E 164 3.59 -5.28 -19.73
CA SER E 164 3.89 -6.61 -20.26
C SER E 164 2.63 -7.23 -20.83
N LEU E 165 2.79 -7.93 -21.95
CA LEU E 165 1.67 -8.62 -22.59
C LEU E 165 2.22 -9.85 -23.31
N SER E 166 1.57 -10.99 -23.10
CA SER E 166 2.01 -12.28 -23.65
C SER E 166 1.03 -12.72 -24.72
N VAL E 167 1.53 -12.97 -25.92
CA VAL E 167 0.73 -13.39 -27.07
C VAL E 167 1.15 -14.80 -27.44
N ILE E 168 0.20 -15.73 -27.42
CA ILE E 168 0.47 -17.15 -27.59
C ILE E 168 -0.19 -17.63 -28.88
N PHE E 169 0.63 -18.10 -29.82
CA PHE E 169 0.15 -18.58 -31.11
C PHE E 169 0.19 -20.10 -31.16
N PRO E 170 -0.95 -20.79 -31.30
CA PRO E 170 -0.92 -22.25 -31.49
C PRO E 170 -0.63 -22.59 -32.95
N LEU E 171 0.47 -23.32 -33.17
CA LEU E 171 0.87 -23.74 -34.52
C LEU E 171 0.37 -25.14 -34.86
N THR E 172 -0.07 -25.90 -33.88
CA THR E 172 -0.81 -27.14 -34.06
C THR E 172 -2.13 -27.04 -33.29
N GLU E 173 -2.90 -28.13 -33.31
CA GLU E 173 -4.15 -28.16 -32.58
C GLU E 173 -3.87 -28.18 -31.08
N PHE E 174 -4.66 -27.40 -30.33
CA PHE E 174 -4.61 -27.38 -28.86
C PHE E 174 -5.81 -28.16 -28.34
N THR E 175 -5.56 -29.32 -27.72
CA THR E 175 -6.62 -30.16 -27.21
C THR E 175 -6.36 -30.48 -25.75
N GLU E 176 -7.37 -31.05 -25.08
CA GLU E 176 -7.18 -31.53 -23.73
C GLU E 176 -6.16 -32.67 -23.70
N GLU E 177 -6.13 -33.47 -24.75
CA GLU E 177 -5.27 -34.66 -24.77
C GLU E 177 -3.80 -34.29 -24.88
N ASN E 178 -3.45 -33.27 -25.66
CA ASN E 178 -2.05 -32.92 -25.90
C ASN E 178 -1.58 -31.75 -25.05
N GLY E 179 -2.40 -31.27 -24.12
CA GLY E 179 -1.95 -30.29 -23.14
C GLY E 179 -2.05 -28.84 -23.56
N ALA E 180 -3.25 -28.38 -23.88
CA ALA E 180 -3.45 -26.97 -24.20
C ALA E 180 -3.03 -26.09 -23.03
N THR E 181 -2.67 -24.85 -23.34
CA THR E 181 -2.24 -23.91 -22.30
C THR E 181 -3.34 -23.73 -21.26
N GLU E 182 -2.95 -23.78 -19.99
CA GLU E 182 -3.88 -23.71 -18.88
C GLU E 182 -3.76 -22.34 -18.23
N VAL E 183 -4.88 -21.62 -18.15
CA VAL E 183 -4.90 -20.27 -17.60
C VAL E 183 -5.79 -20.27 -16.36
N ILE E 184 -5.32 -19.63 -15.30
CA ILE E 184 -6.09 -19.41 -14.09
C ILE E 184 -6.72 -18.03 -14.20
N LEU E 185 -8.02 -17.99 -14.51
CA LEU E 185 -8.70 -16.71 -14.69
C LEU E 185 -8.70 -15.91 -13.39
N GLY E 186 -8.46 -14.61 -13.52
CA GLY E 186 -8.42 -13.71 -12.38
C GLY E 186 -7.19 -13.80 -11.53
N SER E 187 -6.22 -14.65 -11.88
CA SER E 187 -5.04 -14.83 -11.04
C SER E 187 -4.11 -13.63 -11.06
N HIS E 188 -4.37 -12.63 -11.88
CA HIS E 188 -3.55 -11.42 -11.84
C HIS E 188 -3.84 -10.60 -10.59
N ARG E 189 -4.93 -10.86 -9.88
CA ARG E 189 -5.24 -10.17 -8.65
C ARG E 189 -4.60 -10.81 -7.43
N TRP E 190 -3.89 -11.93 -7.61
CA TRP E 190 -3.15 -12.54 -6.51
C TRP E 190 -1.84 -11.81 -6.30
N THR E 191 -1.41 -11.72 -5.04
CA THR E 191 -0.11 -11.13 -4.76
C THR E 191 1.02 -12.05 -5.21
N GLU E 192 0.86 -13.35 -4.96
CA GLU E 192 1.88 -14.37 -5.21
C GLU E 192 1.40 -15.36 -6.25
N VAL E 193 2.33 -16.18 -6.75
CA VAL E 193 1.97 -17.27 -7.63
C VAL E 193 1.52 -18.49 -6.83
N GLY E 194 2.31 -18.87 -5.81
CA GLY E 194 2.00 -20.06 -5.03
C GLY E 194 2.22 -21.33 -5.82
N THR E 195 1.51 -22.38 -5.42
CA THR E 195 1.53 -23.67 -6.10
C THR E 195 0.10 -24.13 -6.31
N PRO E 196 -0.59 -23.57 -7.30
CA PRO E 196 -2.00 -23.91 -7.50
C PRO E 196 -2.19 -25.27 -8.14
N GLU E 197 -3.41 -25.79 -8.01
CA GLU E 197 -3.78 -27.09 -8.57
C GLU E 197 -4.19 -26.93 -10.03
N ARG E 198 -4.05 -28.02 -10.79
CA ARG E 198 -4.34 -27.97 -12.22
C ARG E 198 -5.80 -27.64 -12.48
N ASP E 199 -6.71 -28.16 -11.65
CA ASP E 199 -8.14 -27.94 -11.89
C ASP E 199 -8.57 -26.50 -11.60
N GLN E 200 -7.71 -25.69 -11.00
CA GLN E 200 -8.01 -24.26 -10.90
C GLN E 200 -7.95 -23.56 -12.25
N ALA E 201 -7.19 -24.11 -13.20
CA ALA E 201 -6.99 -23.48 -14.49
C ALA E 201 -8.01 -24.00 -15.50
N VAL E 202 -8.27 -23.20 -16.53
CA VAL E 202 -9.13 -23.60 -17.65
C VAL E 202 -8.25 -23.82 -18.87
N LEU E 203 -8.70 -24.70 -19.76
CA LEU E 203 -7.91 -25.05 -20.94
C LEU E 203 -8.16 -24.06 -22.07
N ALA E 204 -7.08 -23.70 -22.76
CA ALA E 204 -7.15 -22.84 -23.94
C ALA E 204 -7.12 -23.72 -25.20
N THR E 205 -8.21 -24.45 -25.40
CA THR E 205 -8.34 -25.31 -26.56
C THR E 205 -8.55 -24.46 -27.82
N MET E 206 -7.66 -24.59 -28.79
CA MET E 206 -7.70 -23.76 -29.98
C MET E 206 -7.34 -24.59 -31.21
N ASP E 207 -7.71 -24.07 -32.37
CA ASP E 207 -7.26 -24.54 -33.67
C ASP E 207 -6.08 -23.71 -34.14
N PRO E 208 -5.25 -24.23 -35.03
CA PRO E 208 -4.21 -23.41 -35.64
C PRO E 208 -4.83 -22.18 -36.31
N GLY E 209 -4.17 -21.05 -36.13
CA GLY E 209 -4.69 -19.77 -36.58
C GLY E 209 -5.33 -18.95 -35.48
N ASP E 210 -5.72 -19.58 -34.38
CA ASP E 210 -6.21 -18.83 -33.24
C ASP E 210 -5.05 -18.14 -32.53
N VAL E 211 -5.36 -17.44 -31.45
CA VAL E 211 -4.33 -16.82 -30.62
C VAL E 211 -4.86 -16.66 -29.20
N LEU E 212 -3.99 -16.95 -28.24
CA LEU E 212 -4.30 -16.77 -26.82
C LEU E 212 -3.57 -15.54 -26.33
N ILE E 213 -4.32 -14.60 -25.75
CA ILE E 213 -3.75 -13.35 -25.24
C ILE E 213 -3.87 -13.34 -23.72
N VAL E 214 -2.75 -13.12 -23.05
CA VAL E 214 -2.63 -13.23 -21.59
C VAL E 214 -2.12 -11.90 -21.05
N ARG E 215 -2.85 -11.35 -20.07
CA ARG E 215 -2.45 -10.12 -19.41
C ARG E 215 -1.19 -10.32 -18.58
N GLN E 216 -0.54 -9.21 -18.24
CA GLN E 216 0.50 -9.23 -17.22
C GLN E 216 -0.05 -9.75 -15.90
N ARG E 217 0.74 -10.56 -15.21
CA ARG E 217 0.49 -11.13 -13.88
C ARG E 217 -0.46 -12.32 -13.89
N VAL E 218 -0.96 -12.76 -15.04
CA VAL E 218 -1.86 -13.92 -15.08
C VAL E 218 -1.01 -15.19 -14.98
N VAL E 219 -1.41 -16.09 -14.08
CA VAL E 219 -0.69 -17.33 -13.86
C VAL E 219 -1.15 -18.37 -14.87
N HIS E 220 -0.20 -19.03 -15.54
CA HIS E 220 -0.51 -19.98 -16.59
C HIS E 220 0.61 -21.00 -16.70
N ALA E 221 0.40 -22.02 -17.55
CA ALA E 221 1.37 -23.09 -17.74
C ALA E 221 0.96 -23.97 -18.91
N GLY E 222 1.97 -24.58 -19.56
CA GLY E 222 1.70 -25.53 -20.62
C GLY E 222 1.28 -26.88 -20.09
N GLY E 223 0.41 -27.55 -20.85
CA GLY E 223 -0.31 -28.70 -20.35
C GLY E 223 0.46 -30.01 -20.28
N GLY E 224 1.29 -30.30 -21.27
CA GLY E 224 1.96 -31.59 -21.28
C GLY E 224 1.26 -32.61 -22.16
N ASN E 225 1.97 -33.11 -23.16
CA ASN E 225 1.39 -33.92 -24.22
C ASN E 225 1.14 -35.33 -23.70
N ARG E 226 -0.13 -35.73 -23.61
CA ARG E 226 -0.52 -37.06 -23.17
C ARG E 226 -0.85 -38.00 -24.32
N THR E 227 -0.73 -37.55 -25.57
CA THR E 227 -1.01 -38.42 -26.71
C THR E 227 0.11 -39.43 -26.88
N THR E 228 -0.24 -40.69 -27.11
CA THR E 228 0.76 -41.74 -27.18
C THR E 228 1.61 -41.66 -28.44
N ALA E 229 0.99 -41.42 -29.59
CA ALA E 229 1.72 -41.28 -30.85
C ALA E 229 0.98 -40.30 -31.73
N GLY E 230 1.63 -39.20 -32.09
CA GLY E 230 1.02 -38.19 -32.93
C GLY E 230 1.90 -36.98 -33.04
N LYS E 231 1.39 -36.00 -33.78
CA LYS E 231 2.15 -34.76 -33.99
C LYS E 231 2.27 -34.00 -32.68
N PRO E 232 3.47 -33.52 -32.33
CA PRO E 232 3.65 -32.82 -31.05
C PRO E 232 2.87 -31.53 -30.99
N ARG E 233 2.63 -31.07 -29.76
CA ARG E 233 2.04 -29.76 -29.56
C ARG E 233 3.08 -28.69 -29.85
N ARG E 234 2.69 -27.69 -30.62
CA ARG E 234 3.61 -26.67 -31.11
C ARG E 234 3.03 -25.30 -30.81
N VAL E 235 3.84 -24.44 -30.19
CA VAL E 235 3.38 -23.12 -29.74
C VAL E 235 4.50 -22.12 -29.90
N VAL E 236 4.14 -20.89 -30.31
CA VAL E 236 5.07 -19.76 -30.43
C VAL E 236 4.58 -18.67 -29.50
N LEU E 237 5.49 -18.17 -28.65
CA LEU E 237 5.16 -17.18 -27.63
C LEU E 237 5.70 -15.82 -28.05
N ALA E 238 4.81 -14.82 -28.17
CA ALA E 238 5.19 -13.45 -28.48
C ALA E 238 5.07 -12.62 -27.21
N TYR E 239 6.18 -12.01 -26.81
CA TYR E 239 6.26 -11.29 -25.54
CA TYR E 239 6.28 -11.30 -25.54
C TYR E 239 6.51 -9.82 -25.84
N PHE E 240 5.50 -8.99 -25.56
CA PHE E 240 5.58 -7.56 -25.79
C PHE E 240 5.71 -6.85 -24.45
N ASN E 241 6.79 -6.09 -24.29
CA ASN E 241 7.01 -5.28 -23.11
C ASN E 241 7.01 -3.80 -23.47
N SER E 242 6.79 -2.97 -22.46
CA SER E 242 7.07 -1.54 -22.58
C SER E 242 8.50 -1.33 -23.05
N VAL E 243 8.72 -0.29 -23.84
CA VAL E 243 10.07 0.04 -24.29
C VAL E 243 10.96 0.47 -23.15
N GLN E 244 10.42 0.65 -21.95
CA GLN E 244 11.25 0.89 -20.77
C GLN E 244 11.98 -0.37 -20.33
N LEU E 245 11.51 -1.55 -20.72
CA LEU E 245 12.08 -2.81 -20.28
C LEU E 245 12.99 -3.39 -21.36
N THR E 246 14.21 -3.72 -20.97
CA THR E 246 15.20 -4.26 -21.90
C THR E 246 14.65 -5.53 -22.55
N PRO E 247 14.73 -5.66 -23.87
CA PRO E 247 14.27 -6.89 -24.51
C PRO E 247 15.11 -8.09 -24.07
N PHE E 248 14.42 -9.20 -23.80
CA PHE E 248 15.13 -10.43 -23.46
C PHE E 248 16.06 -10.85 -24.59
N GLU E 249 15.54 -10.89 -25.82
CA GLU E 249 16.34 -11.19 -27.00
C GLU E 249 16.71 -9.88 -27.69
N THR E 250 18.01 -9.68 -27.92
CA THR E 250 18.48 -8.52 -28.66
C THR E 250 18.62 -8.86 -30.13
N TYR E 251 17.98 -8.07 -30.99
CA TYR E 251 17.97 -8.32 -32.42
C TYR E 251 18.98 -7.45 -33.16
N ARG E 252 20.06 -7.06 -32.48
CA ARG E 252 21.03 -6.14 -33.06
C ARG E 252 22.01 -6.83 -34.00
N THR E 253 22.08 -8.17 -33.99
CA THR E 253 22.94 -8.88 -34.92
C THR E 253 22.28 -9.14 -36.26
N MET E 254 21.05 -8.70 -36.45
CA MET E 254 20.36 -8.92 -37.71
C MET E 254 21.07 -8.18 -38.83
N PRO E 255 21.30 -8.81 -39.98
CA PRO E 255 21.90 -8.10 -41.12
C PRO E 255 21.04 -6.92 -41.54
N ARG E 256 21.69 -5.91 -42.10
CA ARG E 256 20.97 -4.71 -42.52
C ARG E 256 19.98 -5.03 -43.64
N GLU E 257 20.36 -5.92 -44.56
CA GLU E 257 19.47 -6.25 -45.68
C GLU E 257 18.17 -6.88 -45.21
N MET E 258 18.20 -7.59 -44.08
CA MET E 258 16.96 -8.18 -43.54
C MET E 258 16.15 -7.15 -42.75
N VAL E 259 16.82 -6.28 -42.01
CA VAL E 259 16.13 -5.21 -41.29
C VAL E 259 15.40 -4.30 -42.27
N GLU E 260 16.06 -3.94 -43.38
CA GLU E 260 15.46 -3.02 -44.34
C GLU E 260 14.39 -3.68 -45.21
N SER E 261 14.24 -5.00 -45.13
CA SER E 261 13.12 -5.67 -45.80
C SER E 261 11.83 -5.59 -45.00
N MET E 262 11.90 -5.25 -43.71
CA MET E 262 10.71 -5.19 -42.88
C MET E 262 10.01 -3.83 -43.02
N THR E 263 8.84 -3.73 -42.40
CA THR E 263 8.12 -2.47 -42.34
C THR E 263 8.63 -1.61 -41.20
N VAL E 264 8.17 -0.36 -41.15
CA VAL E 264 8.52 0.51 -40.02
C VAL E 264 8.04 -0.11 -38.72
N LEU E 265 6.81 -0.63 -38.71
CA LEU E 265 6.29 -1.28 -37.51
C LEU E 265 7.15 -2.47 -37.11
N GLY E 266 7.54 -3.30 -38.08
CA GLY E 266 8.41 -4.43 -37.77
C GLY E 266 9.74 -3.99 -37.20
N GLN E 267 10.35 -2.95 -37.78
CA GLN E 267 11.64 -2.46 -37.28
C GLN E 267 11.51 -1.90 -35.86
N ARG E 268 10.41 -1.20 -35.58
CA ARG E 268 10.23 -0.65 -34.24
C ARG E 268 10.11 -1.76 -33.20
N MET E 269 9.43 -2.85 -33.54
CA MET E 269 9.25 -3.96 -32.62
C MET E 269 10.57 -4.64 -32.26
N LEU E 270 11.52 -4.68 -33.20
CA LEU E 270 12.78 -5.39 -32.98
C LEU E 270 13.90 -4.48 -32.50
N GLY E 271 13.56 -3.31 -31.95
CA GLY E 271 14.54 -2.47 -31.28
C GLY E 271 15.45 -1.70 -32.20
N TRP E 272 15.10 -1.56 -33.47
CA TRP E 272 15.92 -0.85 -34.44
C TRP E 272 15.54 0.61 -34.63
N ARG E 273 14.51 1.09 -33.94
CA ARG E 273 14.10 2.48 -34.03
C ARG E 273 13.91 3.07 -32.64
N THR E 274 14.08 4.38 -32.55
CA THR E 274 13.88 5.10 -31.30
C THR E 274 12.40 5.13 -30.93
N MET E 275 12.10 4.85 -29.66
CA MET E 275 10.74 4.72 -29.17
C MET E 275 10.45 5.78 -28.10
N LYS E 276 9.18 5.85 -27.71
CA LYS E 276 8.70 6.90 -26.82
C LYS E 276 7.90 6.29 -25.67
N PRO E 277 8.44 6.25 -24.45
CA PRO E 277 7.60 5.99 -23.29
C PRO E 277 6.69 7.18 -23.03
N SER E 278 5.61 6.92 -22.29
CA SER E 278 4.70 8.02 -21.97
C SER E 278 5.39 9.05 -21.08
N ASP E 279 4.78 10.22 -20.98
CA ASP E 279 5.29 11.24 -20.07
C ASP E 279 5.25 10.71 -18.65
N PRO E 280 6.16 11.19 -17.76
CA PRO E 280 7.10 12.32 -17.84
C PRO E 280 8.33 12.15 -18.73
N ASN E 281 8.52 11.00 -19.36
CA ASN E 281 9.58 10.89 -20.36
C ASN E 281 9.13 11.62 -21.61
N ILE E 282 9.63 12.83 -21.82
CA ILE E 282 9.19 13.64 -22.95
C ILE E 282 10.15 13.57 -24.13
N VAL E 283 11.32 12.95 -23.97
CA VAL E 283 12.36 12.92 -25.01
C VAL E 283 12.23 11.68 -25.86
N GLY E 284 12.36 10.52 -25.25
CA GLY E 284 12.33 9.25 -25.94
C GLY E 284 13.25 8.26 -25.26
N ILE E 285 13.59 7.19 -25.98
CA ILE E 285 14.46 6.16 -25.44
C ILE E 285 15.03 5.39 -26.62
N ASN E 286 16.18 4.72 -26.41
CA ASN E 286 16.89 4.00 -27.45
C ASN E 286 17.32 4.94 -28.57
N LEU E 287 18.07 5.98 -28.20
CA LEU E 287 18.56 6.98 -29.12
C LEU E 287 20.08 7.10 -28.98
N ILE E 288 20.69 7.81 -29.91
CA ILE E 288 22.13 8.05 -29.89
C ILE E 288 22.42 9.35 -30.63
N ASP E 289 23.45 10.07 -30.16
CA ASP E 289 23.85 11.35 -30.73
C ASP E 289 22.70 12.35 -30.76
N ASP E 290 21.79 12.25 -29.79
CA ASP E 290 20.62 13.12 -29.70
C ASP E 290 19.76 13.05 -30.97
N LYS E 291 19.84 11.94 -31.70
CA LYS E 291 19.05 11.74 -32.91
C LYS E 291 18.42 10.36 -32.87
N ARG E 292 17.39 10.17 -33.69
CA ARG E 292 16.72 8.88 -33.76
C ARG E 292 17.65 7.82 -34.31
N LEU E 293 17.49 6.59 -33.81
CA LEU E 293 18.37 5.51 -34.23
C LEU E 293 18.24 5.24 -35.72
N GLU E 294 17.01 5.25 -36.24
CA GLU E 294 16.81 5.01 -37.68
C GLU E 294 17.40 6.13 -38.53
N ASN E 295 17.40 7.37 -38.05
CA ASN E 295 18.01 8.45 -38.82
C ASN E 295 19.54 8.36 -38.80
N VAL E 296 20.11 7.98 -37.65
CA VAL E 296 21.56 7.83 -37.55
C VAL E 296 22.04 6.74 -38.51
N LEU E 297 21.39 5.57 -38.48
CA LEU E 297 21.76 4.46 -39.35
C LEU E 297 21.30 4.64 -40.79
N GLN E 298 20.55 5.70 -41.09
CA GLN E 298 19.96 5.91 -42.41
C GLN E 298 19.21 4.66 -42.89
N LEU E 299 18.28 4.22 -42.05
CA LEU E 299 17.58 2.96 -42.25
C LEU E 299 16.37 3.16 -43.14
N LYS E 300 16.25 2.35 -44.18
CA LYS E 300 15.06 2.34 -45.01
C LYS E 300 14.19 1.14 -44.67
N ALA E 301 12.92 1.22 -45.09
CA ALA E 301 11.94 0.19 -44.78
C ALA E 301 11.10 -0.08 -46.02
N ALA E 302 10.45 -1.25 -46.01
CA ALA E 302 9.68 -1.69 -47.17
C ALA E 302 8.53 -0.74 -47.51
N ASP E 303 7.99 -0.04 -46.50
CA ASP E 303 6.86 0.86 -46.72
C ASP E 303 7.21 2.33 -46.49
N SER E 304 8.50 2.66 -46.37
CA SER E 304 8.92 4.05 -46.21
C SER E 304 10.28 4.25 -46.86
N PRO E 305 10.32 4.30 -48.20
CA PRO E 305 11.57 4.64 -48.90
C PRO E 305 11.56 6.07 -49.44
N SER F 20 23.11 26.01 10.43
CA SER F 20 23.36 24.75 11.11
C SER F 20 22.48 23.63 10.54
N LYS F 21 22.04 23.79 9.29
CA LYS F 21 21.23 22.74 8.71
C LYS F 21 22.11 21.60 8.20
N PRO F 22 21.58 20.36 8.19
CA PRO F 22 22.40 19.22 7.76
C PRO F 22 22.85 19.36 6.31
N GLN F 23 24.11 19.05 6.06
CA GLN F 23 24.73 19.18 4.75
C GLN F 23 25.04 17.79 4.19
N LEU F 24 25.33 17.76 2.89
CA LEU F 24 25.83 16.54 2.27
C LEU F 24 27.13 16.11 2.94
N GLN F 25 27.26 14.80 3.16
CA GLN F 25 28.46 14.25 3.79
C GLN F 25 29.58 14.11 2.77
N ARG F 26 30.78 14.56 3.13
CA ARG F 26 31.97 14.39 2.33
C ARG F 26 32.77 13.19 2.85
N LEU F 27 33.14 12.28 1.94
CA LEU F 27 33.87 11.07 2.30
C LEU F 27 35.10 10.90 1.41
N ALA F 28 36.11 10.24 1.95
CA ALA F 28 37.30 9.91 1.19
C ALA F 28 37.05 8.69 0.30
N ALA F 29 37.84 8.58 -0.76
CA ALA F 29 37.63 7.50 -1.72
C ALA F 29 37.79 6.13 -1.08
N ASP F 30 38.68 6.02 -0.08
CA ASP F 30 38.92 4.76 0.60
C ASP F 30 37.92 4.47 1.72
N ALA F 31 36.82 5.21 1.78
CA ALA F 31 35.85 5.02 2.86
C ALA F 31 35.10 3.70 2.67
N ASP F 32 34.50 3.24 3.77
CA ASP F 32 33.74 1.99 3.74
C ASP F 32 32.54 2.11 2.80
N VAL F 33 32.34 1.09 1.97
CA VAL F 33 31.24 1.11 1.00
C VAL F 33 29.90 0.85 1.67
N ASP F 34 29.87 -0.06 2.65
CA ASP F 34 28.64 -0.24 3.43
C ASP F 34 28.23 1.05 4.12
N ARG F 35 29.20 1.88 4.50
CA ARG F 35 28.88 3.21 5.02
C ARG F 35 28.24 4.08 3.95
N MET F 36 28.80 4.06 2.73
CA MET F 36 28.19 4.81 1.63
C MET F 36 26.79 4.31 1.33
N CYS F 37 26.61 2.99 1.28
CA CYS F 37 25.27 2.44 1.08
C CYS F 37 24.32 2.84 2.21
N ARG F 38 24.86 3.00 3.42
CA ARG F 38 24.05 3.49 4.54
C ARG F 38 23.61 4.94 4.30
N LEU F 39 24.55 5.81 3.89
CA LEU F 39 24.22 7.21 3.65
C LEU F 39 23.17 7.36 2.55
N LEU F 40 23.17 6.49 1.55
CA LEU F 40 22.14 6.58 0.51
C LEU F 40 20.75 6.32 1.07
N GLU F 41 20.64 5.52 2.13
CA GLU F 41 19.32 5.24 2.69
C GLU F 41 18.83 6.37 3.58
N GLU F 42 19.72 6.93 4.40
CA GLU F 42 19.30 7.99 5.31
C GLU F 42 19.20 9.33 4.60
N ASP F 43 20.34 9.85 4.13
CA ASP F 43 20.37 11.17 3.50
C ASP F 43 19.91 11.12 2.05
N GLY F 44 20.24 10.06 1.32
CA GLY F 44 19.91 9.95 -0.09
C GLY F 44 21.04 10.31 -1.03
N ALA F 45 22.14 10.86 -0.52
CA ALA F 45 23.25 11.28 -1.36
C ALA F 45 24.45 11.55 -0.48
N PHE F 46 25.63 11.49 -1.09
CA PHE F 46 26.88 11.80 -0.42
C PHE F 46 27.91 12.23 -1.46
N ILE F 47 29.08 12.64 -0.99
CA ILE F 47 30.14 13.17 -1.84
C ILE F 47 31.43 12.39 -1.55
N LEU F 48 32.10 11.96 -2.61
CA LEU F 48 33.45 11.39 -2.53
C LEU F 48 34.46 12.46 -2.93
N LYS F 49 35.51 12.61 -2.13
CA LYS F 49 36.53 13.62 -2.37
C LYS F 49 37.73 13.00 -3.06
N GLY F 50 38.12 13.57 -4.20
CA GLY F 50 39.34 13.18 -4.88
C GLY F 50 39.33 11.76 -5.40
N LEU F 51 38.23 11.38 -6.05
CA LEU F 51 38.14 10.05 -6.63
C LEU F 51 39.04 9.91 -7.85
N LEU F 52 39.04 10.93 -8.72
CA LEU F 52 39.78 10.93 -9.98
C LEU F 52 41.00 11.82 -9.88
N PRO F 53 42.17 11.36 -10.32
CA PRO F 53 43.35 12.23 -10.34
C PRO F 53 43.14 13.41 -11.30
N PHE F 54 43.90 14.48 -11.07
CA PHE F 54 43.64 15.71 -11.83
C PHE F 54 44.00 15.56 -13.29
N ASP F 55 45.00 14.71 -13.60
CA ASP F 55 45.32 14.49 -15.02
C ASP F 55 44.19 13.79 -15.75
N VAL F 56 43.45 12.92 -15.06
CA VAL F 56 42.28 12.28 -15.69
C VAL F 56 41.20 13.32 -15.96
N VAL F 57 41.06 14.33 -15.09
CA VAL F 57 40.04 15.36 -15.30
C VAL F 57 40.38 16.20 -16.53
N GLU F 58 41.62 16.68 -16.62
CA GLU F 58 42.01 17.48 -17.77
C GLU F 58 41.96 16.67 -19.06
N SER F 59 42.34 15.39 -18.99
CA SER F 59 42.19 14.52 -20.16
C SER F 59 40.75 14.42 -20.61
N PHE F 60 39.84 14.25 -19.65
CA PHE F 60 38.41 14.24 -19.96
C PHE F 60 37.96 15.59 -20.52
N ASN F 61 38.46 16.68 -19.94
CA ASN F 61 38.05 18.02 -20.37
C ASN F 61 38.47 18.29 -21.82
N ARG F 62 39.74 18.06 -22.14
CA ARG F 62 40.24 18.35 -23.48
C ARG F 62 39.43 17.60 -24.54
N GLU F 63 39.05 16.36 -24.25
CA GLU F 63 38.26 15.58 -25.21
C GLU F 63 36.89 16.20 -25.42
N LEU F 64 36.30 16.74 -24.36
CA LEU F 64 35.00 17.38 -24.45
C LEU F 64 35.06 18.74 -25.13
N ASP F 65 36.20 19.43 -25.02
CA ASP F 65 36.37 20.66 -25.78
C ASP F 65 36.28 20.41 -27.28
N VAL F 66 36.71 19.22 -27.72
CA VAL F 66 36.66 18.89 -29.14
C VAL F 66 35.22 18.68 -29.58
N GLN F 67 34.45 17.93 -28.80
CA GLN F 67 33.06 17.65 -29.17
C GLN F 67 32.22 18.93 -29.22
N MET F 68 32.51 19.91 -28.36
CA MET F 68 31.74 21.14 -28.37
C MET F 68 32.18 22.12 -29.43
N ALA F 69 33.37 21.94 -30.00
CA ALA F 69 33.74 22.71 -31.18
C ALA F 69 32.91 22.30 -32.39
N ILE F 70 32.29 21.13 -32.35
CA ILE F 70 31.45 20.65 -33.46
C ILE F 70 30.10 21.35 -33.37
N PRO F 71 29.60 21.93 -34.47
CA PRO F 71 28.32 22.63 -34.39
C PRO F 71 27.18 21.67 -34.10
N PRO F 72 26.11 22.14 -33.47
CA PRO F 72 24.96 21.27 -33.27
C PRO F 72 24.38 20.81 -34.58
N PRO F 73 23.73 19.64 -34.61
CA PRO F 73 23.29 19.06 -35.88
C PRO F 73 22.25 19.91 -36.58
N LYS F 74 22.28 19.83 -37.92
CA LYS F 74 21.40 20.67 -38.74
C LYS F 74 19.92 20.29 -38.54
N GLY F 75 19.64 19.05 -38.17
CA GLY F 75 18.28 18.59 -38.09
C GLY F 75 17.67 18.55 -36.70
N GLU F 76 17.05 17.41 -36.38
CA GLU F 76 16.37 17.25 -35.11
C GLU F 76 17.36 16.98 -33.98
N ARG F 77 17.08 17.58 -32.83
CA ARG F 77 17.81 17.33 -31.59
C ARG F 77 16.79 16.88 -30.55
N LEU F 78 16.76 15.57 -30.26
CA LEU F 78 15.67 15.00 -29.48
C LEU F 78 15.59 15.59 -28.08
N LEU F 79 16.73 15.86 -27.46
CA LEU F 79 16.72 16.42 -26.12
C LEU F 79 16.76 17.95 -26.14
N ALA F 80 17.60 18.53 -27.00
CA ALA F 80 17.82 19.98 -26.98
C ALA F 80 16.59 20.76 -27.43
N ASP F 81 15.79 20.21 -28.35
CA ASP F 81 14.62 20.90 -28.86
C ASP F 81 13.51 21.05 -27.81
N LYS F 82 13.56 20.26 -26.73
CA LYS F 82 12.49 20.22 -25.76
C LYS F 82 12.81 21.00 -24.49
N TYR F 83 13.93 21.71 -24.45
CA TYR F 83 14.34 22.47 -23.28
C TYR F 83 14.91 23.81 -23.71
N PRO F 84 14.72 24.84 -22.88
CA PRO F 84 15.23 26.18 -23.23
C PRO F 84 16.74 26.19 -23.29
N PRO F 85 17.34 27.17 -23.97
CA PRO F 85 18.80 27.21 -24.07
C PRO F 85 19.47 27.62 -22.77
N HIS F 86 19.32 26.80 -21.73
CA HIS F 86 19.93 27.06 -20.43
C HIS F 86 21.20 26.24 -20.20
N PHE F 87 21.71 25.58 -21.24
CA PHE F 87 22.86 24.69 -21.11
C PHE F 87 23.34 24.32 -22.51
N LYS F 88 24.58 23.89 -22.58
CA LYS F 88 25.11 23.21 -23.75
C LYS F 88 25.19 21.71 -23.46
N TYR F 89 24.97 20.91 -24.49
CA TYR F 89 24.68 19.49 -24.33
C TYR F 89 25.60 18.67 -25.24
N VAL F 90 26.26 17.67 -24.68
CA VAL F 90 27.09 16.74 -25.44
C VAL F 90 26.58 15.33 -25.15
N PRO F 91 25.84 14.72 -26.06
CA PRO F 91 25.27 13.40 -25.79
C PRO F 91 26.32 12.31 -25.85
N ASN F 92 26.00 11.20 -25.20
CA ASN F 92 26.79 9.95 -25.19
C ASN F 92 28.29 10.19 -25.24
N VAL F 93 28.85 10.74 -24.17
CA VAL F 93 30.28 11.04 -24.16
C VAL F 93 31.13 9.77 -24.19
N ALA F 94 30.54 8.63 -23.86
CA ALA F 94 31.31 7.39 -23.86
C ALA F 94 31.82 7.04 -25.25
N THR F 95 31.09 7.41 -26.30
CA THR F 95 31.50 7.06 -27.65
C THR F 95 32.47 8.06 -28.26
N THR F 96 32.73 9.19 -27.60
CA THR F 96 33.59 10.22 -28.17
C THR F 96 34.71 10.67 -27.24
N CYS F 97 34.80 10.11 -26.03
CA CYS F 97 35.83 10.50 -25.05
C CYS F 97 36.51 9.27 -24.50
N PRO F 98 37.74 8.98 -24.93
CA PRO F 98 38.44 7.79 -24.43
C PRO F 98 38.71 7.81 -22.93
N THR F 99 38.98 8.98 -22.35
CA THR F 99 39.25 9.05 -20.91
C THR F 99 38.06 8.54 -20.10
N PHE F 100 36.84 8.84 -20.56
CA PHE F 100 35.67 8.29 -19.90
C PHE F 100 35.54 6.79 -20.17
N ARG F 101 35.73 6.38 -21.43
CA ARG F 101 35.51 5.00 -21.82
C ARG F 101 36.49 4.04 -21.14
N ASN F 102 37.73 4.48 -20.91
CA ASN F 102 38.79 3.59 -20.46
C ASN F 102 39.19 3.78 -19.00
N THR F 103 38.76 4.87 -18.35
CA THR F 103 39.19 5.14 -16.99
C THR F 103 38.02 5.43 -16.06
N VAL F 104 37.18 6.40 -16.44
CA VAL F 104 36.09 6.82 -15.56
C VAL F 104 35.00 5.75 -15.48
N LEU F 105 34.62 5.20 -16.65
CA LEU F 105 33.51 4.25 -16.70
C LEU F 105 33.79 3.00 -15.88
N ILE F 106 35.05 2.65 -15.67
CA ILE F 106 35.36 1.41 -14.97
C ILE F 106 36.10 1.70 -13.67
N ASN F 107 35.89 2.89 -13.10
CA ASN F 107 36.51 3.24 -11.84
C ASN F 107 36.13 2.22 -10.77
N PRO F 108 37.10 1.68 -10.01
CA PRO F 108 36.78 0.58 -9.08
C PRO F 108 35.92 1.00 -7.90
N VAL F 109 36.05 2.23 -7.40
CA VAL F 109 35.25 2.65 -6.26
C VAL F 109 33.78 2.82 -6.67
N ILE F 110 33.54 3.37 -7.87
CA ILE F 110 32.17 3.53 -8.35
C ILE F 110 31.48 2.17 -8.44
N HIS F 111 32.17 1.17 -8.97
CA HIS F 111 31.57 -0.16 -9.10
C HIS F 111 31.47 -0.88 -7.78
N ALA F 112 32.31 -0.54 -6.81
CA ALA F 112 32.09 -1.06 -5.46
C ALA F 112 30.77 -0.57 -4.90
N ILE F 113 30.41 0.68 -5.22
CA ILE F 113 29.13 1.22 -4.76
C ILE F 113 27.97 0.54 -5.49
N CYS F 114 28.12 0.33 -6.79
CA CYS F 114 27.01 -0.23 -7.58
C CYS F 114 26.74 -1.67 -7.21
N GLU F 115 27.79 -2.46 -6.95
CA GLU F 115 27.58 -3.86 -6.64
C GLU F 115 26.89 -4.03 -5.29
N ALA F 116 27.13 -3.12 -4.35
CA ALA F 116 26.42 -3.18 -3.08
C ALA F 116 25.01 -2.60 -3.21
N TYR F 117 24.86 -1.55 -4.04
CA TYR F 117 23.57 -0.88 -4.18
C TYR F 117 22.58 -1.73 -4.98
N PHE F 118 23.04 -2.35 -6.05
CA PHE F 118 22.17 -3.14 -6.92
C PHE F 118 22.11 -4.61 -6.54
N GLN F 119 22.58 -4.98 -5.34
CA GLN F 119 22.70 -6.39 -4.98
C GLN F 119 21.38 -7.12 -5.13
N ARG F 120 20.28 -6.49 -4.73
CA ARG F 120 18.98 -7.13 -4.76
C ARG F 120 18.34 -7.12 -6.14
N THR F 121 18.78 -6.24 -7.05
CA THR F 121 18.18 -6.19 -8.38
C THR F 121 19.00 -6.92 -9.44
N GLY F 122 20.26 -7.24 -9.16
CA GLY F 122 21.09 -7.94 -10.13
C GLY F 122 22.06 -7.04 -10.88
N ASP F 123 22.27 -7.34 -12.16
CA ASP F 123 23.25 -6.59 -12.95
C ASP F 123 22.74 -5.18 -13.26
N TYR F 124 23.70 -4.30 -13.52
CA TYR F 124 23.45 -2.92 -13.88
C TYR F 124 24.31 -2.55 -15.08
N TRP F 125 23.96 -1.45 -15.75
CA TRP F 125 24.78 -0.95 -16.84
C TRP F 125 24.50 0.53 -17.04
N LEU F 126 25.26 1.14 -17.94
CA LEU F 126 25.18 2.58 -18.18
C LEU F 126 23.97 2.89 -19.05
N SER F 127 23.01 3.62 -18.49
CA SER F 127 21.83 4.00 -19.25
C SER F 127 22.08 5.26 -20.05
N ALA F 128 22.84 6.21 -19.50
CA ALA F 128 23.20 7.42 -20.23
C ALA F 128 24.39 8.07 -19.54
N ALA F 129 25.18 8.80 -20.32
CA ALA F 129 26.30 9.58 -19.79
C ALA F 129 26.58 10.70 -20.76
N PHE F 130 26.38 11.95 -20.31
CA PHE F 130 26.47 13.09 -21.20
C PHE F 130 27.06 14.27 -20.44
N LEU F 131 27.27 15.37 -21.16
CA LEU F 131 27.88 16.58 -20.62
C LEU F 131 26.85 17.70 -20.56
N ARG F 132 26.87 18.44 -19.46
CA ARG F 132 26.09 19.66 -19.30
C ARG F 132 27.05 20.79 -18.99
N GLU F 133 27.03 21.84 -19.82
CA GLU F 133 27.82 23.04 -19.57
C GLU F 133 26.86 24.20 -19.37
N ILE F 134 27.05 24.95 -18.29
CA ILE F 134 26.15 26.02 -17.89
C ILE F 134 26.98 27.30 -17.88
N GLU F 135 26.74 28.16 -18.87
CA GLU F 135 27.57 29.33 -19.04
C GLU F 135 27.14 30.47 -18.11
N SER F 136 27.92 31.54 -18.11
CA SER F 136 27.68 32.67 -17.22
C SER F 136 26.35 33.34 -17.54
N GLY F 137 25.50 33.46 -16.52
CA GLY F 137 24.21 34.10 -16.67
C GLY F 137 23.05 33.18 -16.93
N MET F 138 23.17 31.87 -16.64
CA MET F 138 22.11 30.92 -16.90
C MET F 138 21.23 30.70 -15.68
N PRO F 139 19.92 30.59 -15.88
CA PRO F 139 19.02 30.33 -14.75
C PRO F 139 19.13 28.88 -14.29
N ALA F 140 18.52 28.62 -13.14
CA ALA F 140 18.59 27.31 -12.53
C ALA F 140 17.87 26.27 -13.39
N GLN F 141 18.17 25.01 -13.10
CA GLN F 141 17.45 23.85 -13.63
C GLN F 141 16.28 23.52 -12.69
N PRO F 142 15.15 23.08 -13.21
CA PRO F 142 14.03 22.71 -12.32
C PRO F 142 14.38 21.51 -11.46
N PHE F 143 13.81 21.49 -10.26
CA PHE F 143 13.93 20.32 -9.40
C PHE F 143 13.30 19.12 -10.09
N HIS F 144 13.90 17.95 -9.92
CA HIS F 144 13.43 16.78 -10.65
C HIS F 144 13.98 15.52 -9.99
N ARG F 145 13.43 14.39 -10.43
CA ARG F 145 13.98 13.07 -10.15
C ARG F 145 14.49 12.49 -11.46
N ASP F 146 15.60 11.77 -11.40
CA ASP F 146 16.10 11.12 -12.60
C ASP F 146 15.29 9.90 -12.99
N ASP F 147 14.23 9.59 -12.24
CA ASP F 147 13.38 8.45 -12.55
C ASP F 147 12.52 8.70 -13.78
N ALA F 148 12.39 9.96 -14.21
CA ALA F 148 11.48 10.30 -15.29
C ALA F 148 11.87 9.67 -16.63
N THR F 149 13.09 9.14 -16.75
CA THR F 149 13.47 8.50 -18.01
C THR F 149 12.68 7.21 -18.21
N HIS F 150 12.41 6.47 -17.14
CA HIS F 150 11.56 5.28 -17.20
C HIS F 150 10.39 5.45 -16.24
N PRO F 151 9.22 5.90 -16.73
CA PRO F 151 8.14 6.29 -15.82
C PRO F 151 7.62 5.19 -14.90
N LEU F 152 7.90 3.90 -15.17
CA LEU F 152 7.45 2.87 -14.26
C LEU F 152 8.14 2.96 -12.90
N MET F 153 9.31 3.59 -12.83
CA MET F 153 10.01 3.75 -11.56
C MET F 153 9.21 4.52 -10.54
N HIS F 154 8.27 5.37 -10.98
CA HIS F 154 7.46 6.13 -10.03
C HIS F 154 6.58 5.24 -9.18
N TYR F 155 6.16 4.10 -9.73
CA TYR F 155 5.24 3.20 -9.05
C TYR F 155 5.94 2.13 -8.24
N GLN F 156 7.26 2.18 -8.16
CA GLN F 156 8.00 1.24 -7.31
C GLN F 156 7.90 1.64 -5.86
N PRO F 157 7.51 0.73 -4.97
CA PRO F 157 7.61 1.02 -3.54
C PRO F 157 9.04 1.36 -3.15
N LEU F 158 9.18 2.19 -2.12
CA LEU F 158 10.51 2.61 -1.69
C LEU F 158 11.33 1.42 -1.18
N GLU F 159 10.67 0.45 -0.54
CA GLU F 159 11.38 -0.72 -0.02
C GLU F 159 11.71 -1.75 -1.11
N ALA F 160 11.28 -1.53 -2.34
CA ALA F 160 11.61 -2.45 -3.41
C ALA F 160 13.08 -2.31 -3.80
N PRO F 161 13.66 -3.34 -4.41
CA PRO F 161 15.07 -3.24 -4.84
C PRO F 161 15.27 -2.07 -5.79
N PRO F 162 16.19 -1.16 -5.46
CA PRO F 162 16.43 0.00 -6.32
C PRO F 162 16.96 -0.41 -7.69
N VAL F 163 16.56 0.35 -8.72
CA VAL F 163 16.92 0.06 -10.10
C VAL F 163 17.66 1.20 -10.76
N SER F 164 17.96 2.29 -10.05
CA SER F 164 18.52 3.48 -10.68
C SER F 164 19.51 4.15 -9.74
N LEU F 165 20.62 4.62 -10.30
CA LEU F 165 21.64 5.33 -9.54
C LEU F 165 22.26 6.41 -10.41
N SER F 166 22.41 7.62 -9.85
CA SER F 166 22.90 8.79 -10.58
C SER F 166 24.26 9.19 -10.06
N VAL F 167 25.26 9.24 -10.95
CA VAL F 167 26.64 9.55 -10.60
C VAL F 167 27.03 10.84 -11.29
N ILE F 168 27.31 11.87 -10.49
CA ILE F 168 27.53 13.23 -10.98
C ILE F 168 29.01 13.58 -10.81
N PHE F 169 29.69 13.86 -11.94
CA PHE F 169 31.10 14.20 -11.92
C PHE F 169 31.30 15.69 -12.18
N PRO F 170 31.86 16.44 -11.23
CA PRO F 170 32.16 17.86 -11.50
C PRO F 170 33.48 17.99 -12.26
N LEU F 171 33.43 18.60 -13.44
CA LEU F 171 34.62 18.84 -14.24
C LEU F 171 35.18 20.25 -14.07
N THR F 172 34.44 21.15 -13.45
CA THR F 172 34.93 22.43 -12.97
C THR F 172 34.64 22.53 -11.47
N GLU F 173 35.00 23.66 -10.88
CA GLU F 173 34.68 23.89 -9.48
C GLU F 173 33.18 24.07 -9.32
N PHE F 174 32.62 23.48 -8.26
CA PHE F 174 31.22 23.67 -7.88
C PHE F 174 31.19 24.63 -6.70
N THR F 175 30.66 25.84 -6.92
CA THR F 175 30.55 26.84 -5.87
C THR F 175 29.10 27.30 -5.77
N GLU F 176 28.83 28.15 -4.79
CA GLU F 176 27.49 28.72 -4.66
C GLU F 176 27.19 29.68 -5.81
N GLU F 177 28.21 30.41 -6.28
CA GLU F 177 27.95 31.45 -7.28
C GLU F 177 27.69 30.84 -8.66
N ASN F 178 28.40 29.77 -9.02
CA ASN F 178 28.26 29.18 -10.34
C ASN F 178 27.20 28.08 -10.39
N GLY F 179 26.45 27.88 -9.30
CA GLY F 179 25.30 27.00 -9.31
C GLY F 179 25.61 25.53 -9.08
N ALA F 180 26.24 25.21 -7.95
CA ALA F 180 26.50 23.81 -7.63
C ALA F 180 25.19 23.04 -7.51
N THR F 181 25.28 21.73 -7.73
CA THR F 181 24.08 20.89 -7.72
C THR F 181 23.40 20.93 -6.36
N GLU F 182 22.09 21.14 -6.38
CA GLU F 182 21.29 21.26 -5.17
C GLU F 182 20.55 19.96 -4.92
N VAL F 183 20.72 19.40 -3.74
CA VAL F 183 20.09 18.14 -3.35
C VAL F 183 19.20 18.41 -2.14
N ILE F 184 18.00 17.86 -2.18
CA ILE F 184 17.07 17.90 -1.05
C ILE F 184 17.23 16.58 -0.30
N LEU F 185 17.95 16.61 0.81
CA LEU F 185 18.23 15.38 1.55
C LEU F 185 16.94 14.75 2.07
N GLY F 186 16.88 13.43 2.02
CA GLY F 186 15.73 12.68 2.46
C GLY F 186 14.52 12.74 1.56
N SER F 187 14.60 13.45 0.42
CA SER F 187 13.44 13.63 -0.44
C SER F 187 13.06 12.37 -1.19
N HIS F 188 13.82 11.28 -1.06
CA HIS F 188 13.41 10.04 -1.70
C HIS F 188 12.24 9.39 -0.99
N ARG F 189 11.90 9.84 0.22
CA ARG F 189 10.76 9.32 0.96
C ARG F 189 9.48 10.10 0.68
N TRP F 190 9.53 11.11 -0.20
CA TRP F 190 8.32 11.79 -0.64
C TRP F 190 7.64 10.98 -1.74
N THR F 191 6.31 11.02 -1.75
CA THR F 191 5.59 10.36 -2.82
C THR F 191 5.75 11.12 -4.14
N GLU F 192 5.69 12.44 -4.07
CA GLU F 192 5.67 13.34 -5.22
C GLU F 192 6.91 14.24 -5.23
N VAL F 193 7.15 14.86 -6.36
CA VAL F 193 8.22 15.85 -6.45
C VAL F 193 7.74 17.21 -5.96
N GLY F 194 6.55 17.63 -6.39
CA GLY F 194 6.02 18.93 -6.01
C GLY F 194 6.81 20.07 -6.63
N THR F 195 6.76 21.22 -5.95
CA THR F 195 7.50 22.42 -6.35
C THR F 195 8.20 22.97 -5.11
N PRO F 196 9.33 22.36 -4.73
CA PRO F 196 10.01 22.79 -3.51
C PRO F 196 10.81 24.08 -3.70
N GLU F 197 11.06 24.73 -2.56
CA GLU F 197 11.85 25.97 -2.53
C GLU F 197 13.34 25.64 -2.54
N ARG F 198 14.12 26.58 -3.08
CA ARG F 198 15.56 26.34 -3.23
C ARG F 198 16.25 26.17 -1.88
N ASP F 199 15.79 26.87 -0.85
CA ASP F 199 16.44 26.77 0.46
C ASP F 199 16.18 25.44 1.15
N GLN F 200 15.28 24.61 0.62
CA GLN F 200 15.15 23.25 1.13
C GLN F 200 16.35 22.40 0.76
N ALA F 201 17.01 22.72 -0.34
CA ALA F 201 18.13 21.92 -0.83
C ALA F 201 19.44 22.41 -0.22
N VAL F 202 20.44 21.52 -0.24
CA VAL F 202 21.79 21.86 0.19
C VAL F 202 22.70 21.79 -1.03
N LEU F 203 23.77 22.59 -1.01
CA LEU F 203 24.67 22.71 -2.14
C LEU F 203 25.72 21.60 -2.12
N ALA F 204 25.97 21.02 -3.30
CA ALA F 204 27.02 20.03 -3.46
C ALA F 204 28.28 20.71 -4.01
N THR F 205 28.86 21.55 -3.16
CA THR F 205 30.08 22.26 -3.51
C THR F 205 31.26 21.30 -3.54
N MET F 206 31.94 21.22 -4.69
CA MET F 206 33.00 20.25 -4.89
C MET F 206 34.12 20.85 -5.73
N ASP F 207 35.28 20.21 -5.66
CA ASP F 207 36.40 20.46 -6.56
C ASP F 207 36.39 19.45 -7.69
N PRO F 208 37.01 19.77 -8.82
CA PRO F 208 37.18 18.76 -9.87
C PRO F 208 37.90 17.53 -9.33
N GLY F 209 37.43 16.37 -9.74
CA GLY F 209 37.91 15.12 -9.22
C GLY F 209 37.02 14.51 -8.15
N ASP F 210 36.11 15.29 -7.58
CA ASP F 210 35.12 14.76 -6.67
C ASP F 210 34.03 14.02 -7.46
N VAL F 211 33.04 13.50 -6.74
CA VAL F 211 31.88 12.90 -7.38
C VAL F 211 30.71 12.97 -6.41
N LEU F 212 29.53 13.27 -6.95
CA LEU F 212 28.29 13.30 -6.19
C LEU F 212 27.47 12.08 -6.55
N ILE F 213 27.19 11.24 -5.56
CA ILE F 213 26.37 10.04 -5.74
C ILE F 213 24.96 10.32 -5.23
N VAL F 214 23.97 10.11 -6.09
CA VAL F 214 22.57 10.42 -5.78
C VAL F 214 21.75 9.13 -5.90
N ARG F 215 20.98 8.84 -4.85
CA ARG F 215 20.13 7.66 -4.85
C ARG F 215 18.96 7.83 -5.83
N GLN F 216 18.35 6.71 -6.21
CA GLN F 216 17.09 6.76 -6.92
C GLN F 216 16.05 7.51 -6.10
N ARG F 217 15.26 8.33 -6.78
CA ARG F 217 14.10 9.03 -6.26
C ARG F 217 14.46 10.26 -5.43
N VAL F 218 15.74 10.64 -5.35
CA VAL F 218 16.13 11.86 -4.66
C VAL F 218 15.87 13.05 -5.57
N VAL F 219 15.20 14.07 -5.03
CA VAL F 219 14.89 15.28 -5.80
C VAL F 219 16.09 16.21 -5.79
N HIS F 220 16.46 16.73 -6.96
CA HIS F 220 17.65 17.56 -7.09
C HIS F 220 17.51 18.45 -8.32
N ALA F 221 18.50 19.32 -8.51
CA ALA F 221 18.48 20.28 -9.62
C ALA F 221 19.81 21.01 -9.69
N GLY F 222 20.19 21.41 -10.92
CA GLY F 222 21.35 22.25 -11.11
C GLY F 222 21.07 23.70 -10.74
N GLY F 223 22.11 24.36 -10.24
CA GLY F 223 21.94 25.63 -9.56
C GLY F 223 21.73 26.87 -10.41
N GLY F 224 22.47 27.00 -11.51
CA GLY F 224 22.39 28.22 -12.29
C GLY F 224 23.56 29.15 -12.03
N ASN F 225 24.32 29.44 -13.08
CA ASN F 225 25.59 30.15 -12.96
C ASN F 225 25.33 31.64 -12.81
N ARG F 226 25.67 32.21 -11.66
CA ARG F 226 25.51 33.63 -11.40
C ARG F 226 26.80 34.43 -11.58
N THR F 227 27.90 33.76 -11.94
CA THR F 227 29.13 34.48 -12.22
C THR F 227 28.96 35.34 -13.47
N THR F 228 29.29 36.62 -13.36
CA THR F 228 29.07 37.53 -14.50
C THR F 228 30.09 37.28 -15.61
N ALA F 229 31.35 37.07 -15.24
CA ALA F 229 32.41 36.78 -16.20
C ALA F 229 33.31 35.70 -15.62
N GLY F 230 33.44 34.60 -16.34
CA GLY F 230 34.25 33.49 -15.87
C GLY F 230 33.95 32.23 -16.65
N LYS F 231 34.70 31.19 -16.33
CA LYS F 231 34.52 29.91 -17.00
C LYS F 231 33.21 29.26 -16.56
N PRO F 232 32.45 28.70 -17.50
CA PRO F 232 31.17 28.09 -17.14
C PRO F 232 31.33 26.88 -16.23
N ARG F 233 30.20 26.46 -15.67
CA ARG F 233 30.14 25.25 -14.86
C ARG F 233 29.97 24.03 -15.75
N ARG F 234 30.75 23.00 -15.52
CA ARG F 234 30.77 21.83 -16.36
C ARG F 234 30.53 20.58 -15.52
N VAL F 235 29.60 19.74 -15.95
CA VAL F 235 29.18 18.56 -15.19
C VAL F 235 28.89 17.42 -16.17
N VAL F 236 29.30 16.21 -15.79
CA VAL F 236 29.02 14.99 -16.54
C VAL F 236 28.17 14.08 -15.66
N LEU F 237 27.09 13.57 -16.21
CA LEU F 237 26.10 12.80 -15.46
C LEU F 237 26.14 11.34 -15.90
N ALA F 238 26.51 10.43 -15.00
CA ALA F 238 26.55 9.01 -15.27
C ALA F 238 25.31 8.35 -14.68
N TYR F 239 24.53 7.68 -15.52
CA TYR F 239 23.25 7.12 -15.14
CA TYR F 239 23.24 7.12 -15.16
C TYR F 239 23.34 5.60 -15.24
N PHE F 240 23.34 4.94 -14.08
CA PHE F 240 23.38 3.49 -14.01
C PHE F 240 22.01 2.96 -13.63
N ASN F 241 21.45 2.12 -14.49
CA ASN F 241 20.16 1.48 -14.25
C ASN F 241 20.35 -0.03 -14.20
N SER F 242 19.38 -0.69 -13.58
CA SER F 242 19.26 -2.14 -13.70
C SER F 242 19.20 -2.55 -15.16
N VAL F 243 19.74 -3.73 -15.46
CA VAL F 243 19.75 -4.23 -16.83
C VAL F 243 18.34 -4.61 -17.27
N GLN F 244 17.38 -4.54 -16.36
CA GLN F 244 15.98 -4.71 -16.74
C GLN F 244 15.43 -3.49 -17.48
N LEU F 245 16.07 -2.33 -17.32
CA LEU F 245 15.59 -1.08 -17.90
C LEU F 245 16.38 -0.75 -19.16
N THR F 246 15.65 -0.49 -20.25
CA THR F 246 16.28 -0.16 -21.53
C THR F 246 17.21 1.04 -21.36
N PRO F 247 18.44 0.98 -21.87
CA PRO F 247 19.31 2.15 -21.77
C PRO F 247 18.77 3.31 -22.59
N PHE F 248 18.82 4.50 -22.00
CA PHE F 248 18.39 5.71 -22.70
C PHE F 248 19.19 5.93 -23.97
N GLU F 249 20.52 5.84 -23.86
CA GLU F 249 21.40 5.88 -25.01
C GLU F 249 21.82 4.46 -25.37
N THR F 250 21.68 4.11 -26.65
CA THR F 250 22.11 2.81 -27.16
C THR F 250 23.48 2.96 -27.79
N TYR F 251 24.45 2.19 -27.31
CA TYR F 251 25.82 2.25 -27.78
C TYR F 251 26.12 1.19 -28.85
N ARG F 252 25.09 0.78 -29.60
CA ARG F 252 25.23 -0.32 -30.55
C ARG F 252 25.89 0.11 -31.87
N THR F 253 25.98 1.40 -32.14
CA THR F 253 26.65 1.88 -33.34
C THR F 253 28.15 2.07 -33.16
N MET F 254 28.69 1.74 -31.99
CA MET F 254 30.12 1.87 -31.78
C MET F 254 30.87 0.91 -32.69
N PRO F 255 31.92 1.36 -33.39
CA PRO F 255 32.70 0.45 -34.22
C PRO F 255 33.27 -0.68 -33.39
N ARG F 256 33.50 -1.82 -34.06
CA ARG F 256 34.03 -2.99 -33.36
C ARG F 256 35.42 -2.70 -32.80
N GLU F 257 36.24 -1.94 -33.53
CA GLU F 257 37.60 -1.67 -33.07
C GLU F 257 37.61 -0.89 -31.75
N MET F 258 36.59 -0.07 -31.50
CA MET F 258 36.56 0.70 -30.26
C MET F 258 35.96 -0.11 -29.12
N VAL F 259 34.97 -0.96 -29.41
CA VAL F 259 34.39 -1.81 -28.39
C VAL F 259 35.44 -2.78 -27.85
N GLU F 260 36.20 -3.40 -28.76
CA GLU F 260 37.20 -4.40 -28.36
C GLU F 260 38.42 -3.78 -27.70
N SER F 261 38.55 -2.46 -27.70
CA SER F 261 39.62 -1.80 -26.94
C SER F 261 39.27 -1.59 -25.48
N MET F 262 38.01 -1.78 -25.10
CA MET F 262 37.59 -1.61 -23.71
C MET F 262 37.85 -2.88 -22.91
N THR F 263 37.63 -2.79 -21.61
CA THR F 263 37.69 -3.94 -20.73
C THR F 263 36.35 -4.69 -20.76
N VAL F 264 36.34 -5.88 -20.16
CA VAL F 264 35.09 -6.63 -20.05
C VAL F 264 34.06 -5.82 -19.28
N LEU F 265 34.47 -5.21 -18.16
CA LEU F 265 33.57 -4.39 -17.39
C LEU F 265 33.04 -3.21 -18.21
N GLY F 266 33.92 -2.57 -18.99
CA GLY F 266 33.47 -1.50 -19.86
C GLY F 266 32.47 -1.96 -20.90
N GLN F 267 32.72 -3.11 -21.52
CA GLN F 267 31.81 -3.62 -22.53
C GLN F 267 30.45 -3.95 -21.92
N ARG F 268 30.43 -4.51 -20.72
CA ARG F 268 29.16 -4.85 -20.08
C ARG F 268 28.33 -3.61 -19.81
N MET F 269 28.98 -2.50 -19.41
CA MET F 269 28.27 -1.27 -19.12
C MET F 269 27.58 -0.68 -20.34
N LEU F 270 28.15 -0.85 -21.55
CA LEU F 270 27.62 -0.25 -22.76
C LEU F 270 26.74 -1.20 -23.56
N GLY F 271 26.22 -2.25 -22.92
CA GLY F 271 25.22 -3.10 -23.53
C GLY F 271 25.72 -4.11 -24.53
N TRP F 272 27.02 -4.37 -24.58
CA TRP F 272 27.59 -5.28 -25.56
C TRP F 272 27.77 -6.70 -25.04
N ARG F 273 27.42 -6.98 -23.79
CA ARG F 273 27.52 -8.32 -23.23
C ARG F 273 26.21 -8.71 -22.56
N THR F 274 25.97 -10.01 -22.50
CA THR F 274 24.77 -10.54 -21.86
C THR F 274 24.86 -10.36 -20.35
N MET F 275 23.76 -9.93 -19.75
CA MET F 275 23.71 -9.55 -18.34
C MET F 275 22.70 -10.43 -17.60
N LYS F 276 22.72 -10.32 -16.27
CA LYS F 276 21.92 -11.18 -15.40
C LYS F 276 21.15 -10.36 -14.38
N PRO F 277 19.83 -10.24 -14.52
CA PRO F 277 19.02 -9.75 -13.40
C PRO F 277 18.98 -10.77 -12.28
N SER F 278 18.58 -10.33 -11.10
CA SER F 278 18.47 -11.27 -10.00
C SER F 278 17.32 -12.25 -10.26
N ASP F 279 17.33 -13.34 -9.49
CA ASP F 279 16.23 -14.28 -9.54
C ASP F 279 14.93 -13.59 -9.18
N PRO F 280 13.78 -14.04 -9.73
CA PRO F 280 13.49 -15.27 -10.47
C PRO F 280 13.97 -15.35 -11.93
N ASN F 281 14.57 -14.30 -12.48
CA ASN F 281 15.17 -14.41 -13.81
C ASN F 281 16.45 -15.22 -13.67
N ILE F 282 16.39 -16.51 -14.02
CA ILE F 282 17.54 -17.39 -13.83
C ILE F 282 18.35 -17.61 -15.10
N VAL F 283 17.89 -17.10 -16.24
CA VAL F 283 18.55 -17.33 -17.53
C VAL F 283 19.52 -16.19 -17.85
N GLY F 284 19.01 -14.97 -17.91
CA GLY F 284 19.78 -13.80 -18.27
C GLY F 284 18.94 -12.84 -19.05
N ILE F 285 19.61 -11.87 -19.68
CA ILE F 285 18.93 -10.87 -20.49
C ILE F 285 19.94 -10.33 -21.51
N ASN F 286 19.42 -9.75 -22.59
CA ASN F 286 20.24 -9.22 -23.69
C ASN F 286 21.07 -10.33 -24.33
N LEU F 287 20.37 -11.36 -24.80
CA LEU F 287 20.97 -12.53 -25.43
C LEU F 287 20.31 -12.76 -26.77
N ILE F 288 20.90 -13.65 -27.57
CA ILE F 288 20.33 -14.06 -28.85
C ILE F 288 20.87 -15.43 -29.18
N ASP F 289 20.06 -16.23 -29.90
CA ASP F 289 20.40 -17.59 -30.31
C ASP F 289 20.69 -18.48 -29.10
N ASP F 290 20.09 -18.16 -27.95
CA ASP F 290 20.28 -18.91 -26.71
C ASP F 290 21.76 -18.93 -26.31
N LYS F 291 22.52 -17.91 -26.70
CA LYS F 291 23.92 -17.79 -26.36
C LYS F 291 24.20 -16.37 -25.87
N ARG F 292 25.38 -16.19 -25.28
CA ARG F 292 25.77 -14.86 -24.84
C ARG F 292 26.12 -13.98 -26.02
N LEU F 293 25.80 -12.69 -25.91
CA LEU F 293 26.04 -11.77 -27.02
C LEU F 293 27.52 -11.70 -27.35
N GLU F 294 28.39 -11.68 -26.33
CA GLU F 294 29.82 -11.58 -26.57
C GLU F 294 30.37 -12.84 -27.25
N ASN F 295 29.78 -14.01 -27.01
CA ASN F 295 30.22 -15.22 -27.71
C ASN F 295 29.72 -15.24 -29.15
N VAL F 296 28.48 -14.79 -29.38
CA VAL F 296 27.94 -14.75 -30.73
C VAL F 296 28.75 -13.81 -31.60
N LEU F 297 29.06 -12.62 -31.08
CA LEU F 297 29.86 -11.64 -31.81
C LEU F 297 31.35 -11.96 -31.79
N GLN F 298 31.77 -13.00 -31.08
CA GLN F 298 33.18 -13.37 -30.97
C GLN F 298 34.01 -12.18 -30.50
N LEU F 299 33.53 -11.54 -29.43
CA LEU F 299 34.10 -10.28 -28.96
C LEU F 299 35.27 -10.55 -28.01
N LYS F 300 36.34 -9.77 -28.18
CA LYS F 300 37.47 -9.81 -27.27
C LYS F 300 37.61 -8.45 -26.60
N ALA F 301 38.44 -8.41 -25.56
CA ALA F 301 38.57 -7.24 -24.73
C ALA F 301 40.01 -7.06 -24.29
N ALA F 302 40.33 -5.85 -23.82
CA ALA F 302 41.70 -5.49 -23.48
C ALA F 302 42.26 -6.35 -22.36
N ASP F 303 41.41 -6.79 -21.43
CA ASP F 303 41.83 -7.62 -20.30
C ASP F 303 41.34 -9.06 -20.43
N SER F 304 40.91 -9.46 -21.61
CA SER F 304 40.49 -10.84 -21.85
C SER F 304 41.69 -11.78 -21.86
CO CO G . 15.56 -19.06 11.54
C19 4IL H . 10.68 -21.05 9.18
C20 4IL H . 9.23 -22.84 8.15
C22 4IL H . 12.42 -21.17 4.98
C24 4IL H . 12.37 -21.41 3.50
C26 4IL H . 11.09 -21.98 1.62
C33 4IL H . 15.01 -23.69 5.82
C01 4IL H . 17.04 -27.59 11.85
C03 4IL H . 15.83 -25.93 10.64
C04 4IL H . 16.49 -26.30 9.46
C05 4IL H . 16.21 -25.68 8.28
C06 4IL H . 15.26 -24.67 8.24
C07 4IL H . 14.59 -24.32 9.43
C08 4IL H . 14.87 -24.94 10.64
C10 4IL H . 12.84 -22.64 10.13
C11 4IL H . 12.07 -23.55 11.00
C12 4IL H . 11.11 -23.19 11.83
C13 4IL H . 10.12 -24.11 12.44
C14 4IL H . 10.90 -21.76 12.20
C15 4IL H . 13.79 -22.98 7.84
C16 4IL H . 12.93 -21.99 7.14
C17 4IL H . 11.52 -22.49 7.33
C18 4IL H . 10.55 -22.14 8.16
C25 4IL H . 11.04 -21.11 2.83
C27 4IL H . 11.63 -23.29 2.15
C29 4IL H . 13.41 -23.60 3.85
C31 4IL H . 14.09 -22.87 4.97
C35 4IL H . 14.72 -23.80 7.22
N09 4IL H . 13.71 -23.30 9.16
N21 4IL H . 13.09 -22.08 5.70
N28 4IL H . 12.54 -22.83 3.21
O02 4IL H . 16.09 -26.54 11.83
O23 4IL H . 11.88 -20.21 5.49
O30 4IL H . 13.63 -24.76 3.57
O32 4IL H . 14.97 -22.02 4.26
O34 4IL H . 15.97 -24.22 5.31
C1 AKG I . 16.49 -21.49 12.14
O1 AKG I . 16.60 -22.74 12.02
O2 AKG I . 15.36 -20.94 12.02
C2 AKG I . 17.73 -20.68 12.44
O5 AKG I . 17.70 -19.51 12.30
C3 AKG I . 19.00 -21.38 12.90
C4 AKG I . 20.15 -20.38 13.01
C5 AKG I . 21.38 -21.08 13.59
O3 AKG I . 21.51 -22.33 13.46
O4 AKG I . 22.27 -20.42 14.21
C1 PEG J . -8.64 -13.61 28.96
O1 PEG J . -9.86 -12.84 29.03
C2 PEG J . -7.52 -12.89 29.72
O2 PEG J . -6.49 -13.84 30.05
C3 PEG J . -5.16 -13.45 29.70
C4 PEG J . -4.27 -14.71 29.55
O4 PEG J . -4.32 -15.63 30.67
C1 GOL K . -6.15 -25.31 19.36
O1 GOL K . -6.91 -24.22 19.83
C2 GOL K . -4.65 -25.08 19.72
O2 GOL K . -4.36 -25.37 21.06
C3 GOL K . -3.82 -25.95 18.72
O3 GOL K . -4.22 -27.29 18.88
CO CO L . -20.84 -12.25 12.79
C19 4IL M . -15.81 -11.07 16.12
C20 4IL M . -14.88 -11.17 18.45
C22 4IL M . -17.08 -7.12 17.06
C24 4IL M . -16.85 -5.76 17.65
C26 4IL M . -15.44 -4.37 18.88
C33 4IL M . -20.22 -7.95 18.91
C01 4IL M . -23.98 -14.14 20.62
C03 4IL M . -22.30 -12.85 19.53
C04 4IL M . -22.83 -11.68 20.12
C05 4IL M . -22.23 -10.48 19.91
C06 4IL M . -21.09 -10.41 19.11
C07 4IL M . -20.58 -11.58 18.54
C08 4IL M . -21.18 -12.81 18.74
C10 4IL M . -18.66 -12.19 17.02
C11 4IL M . -18.28 -13.43 17.71
C12 4IL M . -17.65 -14.43 17.14
C13 4IL M . -16.86 -15.46 17.88
C14 4IL M . -17.67 -14.62 15.66
C15 4IL M . -19.25 -9.94 17.85
C16 4IL M . -18.09 -9.26 17.24
C17 4IL M . -16.92 -9.87 17.97
C18 4IL M . -15.95 -10.65 17.54
C25 4IL M . -15.40 -5.35 17.76
C27 4IL M . -16.31 -5.05 19.90
C29 4IL M . -18.36 -6.34 19.47
C31 4IL M . -19.04 -7.16 18.43
C35 4IL M . -20.21 -9.36 18.66
N09 4IL M . -19.47 -11.27 17.79
N21 4IL M . -18.03 -7.87 17.65
N28 4IL M . -17.26 -5.75 19.04
O02 4IL M . -22.88 -14.06 19.73
O23 4IL M . -16.42 -7.52 16.11
O30 4IL M . -18.77 -6.23 20.60
O32 4IL M . -19.65 -6.16 17.65
O34 4IL M . -21.12 -7.38 19.46
C1 AKG N . -22.33 -13.34 14.78
O1 AKG N . -21.09 -13.47 14.55
O2 AKG N . -22.79 -13.43 15.95
C2 AKG N . -23.30 -13.05 13.65
O5 AKG N . -23.02 -12.24 12.85
C3 AKG N . -24.65 -13.78 13.58
C4 AKG N . -25.70 -12.79 13.08
C5 AKG N . -27.10 -13.35 13.31
O3 AKG N . -27.80 -13.75 12.32
O4 AKG N . -27.56 -13.41 14.47
C1 PEG O . -5.95 -33.39 24.02
O1 PEG O . -5.08 -34.54 23.98
C2 PEG O . -5.78 -32.67 25.36
O2 PEG O . -6.58 -33.31 26.36
C3 PEG O . -6.52 -32.63 27.62
C4 PEG O . -7.27 -33.44 28.68
O4 PEG O . -8.68 -33.51 28.35
CO CO P . -13.91 18.86 -13.71
C19 4IL Q . -9.69 20.88 -9.91
C20 4IL Q . -8.36 22.93 -9.26
C22 4IL Q . -6.54 20.35 -12.93
C24 4IL Q . -5.10 20.41 -13.36
C26 4IL Q . -2.89 20.88 -12.82
C33 4IL Q . -7.96 22.66 -15.46
C01 4IL Q . -14.02 26.98 -16.01
C03 4IL Q . -12.63 25.29 -15.08
C04 4IL Q . -11.71 25.46 -16.11
C05 4IL Q . -10.53 24.76 -16.13
C06 4IL Q . -10.26 23.86 -15.09
C07 4IL Q . -11.20 23.71 -14.07
C08 4IL Q . -12.40 24.42 -14.04
C10 4IL Q . -11.44 22.35 -11.97
C11 4IL Q . -12.00 23.45 -11.15
C12 4IL Q . -12.59 23.27 -9.99
C13 4IL Q . -12.82 24.36 -8.99
C14 4IL Q . -13.08 21.93 -9.55
C15 4IL Q . -9.53 22.33 -13.60
C16 4IL Q . -8.67 21.37 -12.85
C17 4IL Q . -8.34 22.11 -11.58
C18 4IL Q . -8.76 21.98 -10.33
C25 4IL Q . -4.08 20.18 -12.27
C27 4IL Q . -3.46 22.19 -13.32
C29 4IL Q . -5.60 22.51 -14.55
C31 4IL Q . -6.92 21.87 -14.73
C35 4IL Q . -9.18 22.97 -14.78
N09 4IL Q . -10.74 22.78 -13.17
N21 4IL Q . -7.34 21.27 -13.46
N28 4IL Q . -4.77 21.76 -13.81
O02 4IL Q . -13.81 25.97 -15.03
O23 4IL Q . -6.94 19.51 -12.15
O30 4IL Q . -5.30 23.59 -15.00
O32 4IL Q . -6.55 20.84 -15.64
O34 4IL Q . -7.76 22.97 -16.61
C1 AKG R . -14.71 21.32 -14.73
O1 AKG R . -14.66 22.56 -14.98
O2 AKG R . -14.24 20.86 -13.65
C2 AKG R . -15.35 20.39 -15.74
O5 AKG R . -15.27 19.23 -15.60
C3 AKG R . -16.11 20.98 -16.93
C4 AKG R . -16.78 19.87 -17.74
C5 AKG R . -17.65 20.48 -18.84
O3 AKG R . -17.44 21.66 -19.24
O4 AKG R . -18.59 19.80 -19.35
CO CO S . -4.35 15.73 21.95
C19 4IL T . -11.86 14.84 18.24
C20 4IL T . -9.35 14.69 18.38
C22 4IL T . -10.10 10.80 20.33
C24 4IL T . -10.88 9.53 20.46
C26 4IL T . -12.60 8.17 19.68
C33 4IL T . -10.78 12.20 23.70
C01 4IL T . -10.93 19.08 26.60
C03 4IL T . -10.15 17.29 25.23
C04 4IL T . -10.68 16.28 26.03
C05 4IL T . -10.81 15.01 25.57
C06 4IL T . -10.42 14.72 24.25
C07 4IL T . -9.90 15.75 23.46
C08 4IL T . -9.77 17.04 23.93
C10 4IL T . -8.99 15.97 21.12
C11 4IL T . -9.61 17.28 20.86
C12 4IL T . -9.24 18.10 19.91
C13 4IL T . -10.12 19.16 19.34
C14 4IL T . -7.91 18.00 19.26
C15 4IL T . -9.87 13.91 22.21
C16 4IL T . -9.74 13.04 21.02
C17 4IL T . -10.77 13.61 20.10
C18 4IL T . -10.67 14.32 18.99
C25 4IL T . -11.47 8.99 19.18
C27 4IL T . -13.25 9.06 20.71
C29 4IL T . -12.09 10.51 22.35
C31 4IL T . -10.80 11.23 22.57
C35 4IL T . -10.39 13.54 23.43
N09 4IL T . -9.57 15.23 22.22
N21 4IL T . -10.30 11.71 21.28
N28 4IL T . -12.08 9.76 21.26
O02 4IL T . -10.01 18.57 25.66
O23 4IL T . -9.34 10.98 19.40
O30 4IL T . -13.07 10.63 23.05
O32 4IL T . -9.97 10.20 23.03
O34 4IL T . -11.04 11.82 24.81
C1 AKG U . -5.66 17.22 23.74
O1 AKG U . -5.71 17.12 22.49
O2 AKG U . -6.64 17.65 24.41
C2 AKG U . -4.40 16.81 24.50
O5 AKG U . -3.74 15.92 24.09
C3 AKG U . -4.04 17.55 25.79
C4 AKG U . -2.84 16.90 26.45
C5 AKG U . -2.63 17.52 27.83
O3 AKG U . -1.46 17.74 28.25
O4 AKG U . -3.63 17.80 28.55
C1 GOL V . -14.44 27.62 6.97
O1 GOL V . -14.18 27.98 8.28
C2 GOL V . -15.10 28.81 6.27
O2 GOL V . -14.20 29.87 6.04
C3 GOL V . -15.72 28.22 4.97
O3 GOL V . -14.74 28.27 3.96
CO CO W . 4.38 -18.30 -19.89
C19 4IL X . 12.20 -16.44 -16.94
C20 4IL X . 9.81 -15.97 -17.57
C22 4IL X . 8.95 -18.76 -13.91
C24 4IL X . 9.47 -19.29 -12.60
C26 4IL X . 11.15 -19.15 -10.95
C33 4IL X . 9.42 -21.84 -15.96
C01 4IL X . 10.59 -23.64 -23.03
C03 4IL X . 9.94 -22.14 -21.30
C04 4IL X . 10.00 -23.23 -20.43
C05 4IL X . 9.86 -23.06 -19.07
C06 4IL X . 9.65 -21.77 -18.57
C07 4IL X . 9.60 -20.68 -19.47
C08 4IL X . 9.74 -20.86 -20.83
C10 4IL X . 9.24 -18.19 -19.28
C11 4IL X . 10.31 -17.78 -20.22
C12 4IL X . 10.33 -16.63 -20.88
C13 4IL X . 11.58 -16.05 -21.47
C14 4IL X . 9.11 -15.79 -21.07
C15 4IL X . 9.29 -19.85 -17.42
C16 4IL X . 9.14 -18.86 -16.32
C17 4IL X . 10.44 -18.07 -16.38
C18 4IL X . 10.79 -16.91 -16.93
C25 4IL X . 10.19 -18.29 -11.71
C27 4IL X . 11.69 -20.09 -12.00
C29 4IL X . 10.41 -21.24 -13.77
C31 4IL X . 9.32 -20.96 -14.77
C35 4IL X . 9.46 -21.22 -17.26
N09 4IL X . 9.39 -19.53 -18.74
N21 4IL X . 9.20 -19.52 -15.00
N28 4IL X . 10.52 -20.29 -12.84
O02 4IL X . 10.10 -22.37 -22.64
O23 4IL X . 8.36 -17.69 -13.98
O30 4IL X . 11.12 -22.22 -13.81
O32 4IL X . 8.16 -21.39 -14.09
O34 4IL X . 9.42 -23.04 -15.82
C1 AKG Y . 5.84 -19.90 -21.15
O1 AKG Y . 6.77 -20.74 -21.14
O2 AKG Y . 6.05 -18.71 -20.80
C2 AKG Y . 4.45 -20.37 -21.59
O5 AKG Y . 3.50 -19.73 -21.32
C3 AKG Y . 4.31 -21.68 -22.36
C4 AKG Y . 2.83 -21.98 -22.59
C5 AKG Y . 2.65 -23.24 -23.44
O3 AKG Y . 3.57 -24.10 -23.49
O4 AKG Y . 1.58 -23.44 -24.08
CO CO Z . 19.17 14.97 -12.50
C19 4IL AA . 13.83 12.91 -18.95
C20 4IL AA . 14.89 12.48 -16.71
C22 4IL AA . 12.10 15.83 -15.33
C24 4IL AA . 10.75 16.44 -15.61
C26 4IL AA . 8.77 16.35 -16.88
C33 4IL AA . 14.29 18.58 -16.70
C01 4IL AA . 20.74 18.69 -20.43
C03 4IL AA . 19.29 18.08 -18.62
C04 4IL AA . 18.55 19.26 -18.62
C05 4IL AA . 17.29 19.29 -18.10
C06 4IL AA . 16.72 18.12 -17.60
C07 4IL AA . 17.47 16.93 -17.63
C08 4IL AA . 18.76 16.90 -18.14
C10 4IL AA . 17.09 14.53 -16.89
C11 4IL AA . 17.58 13.87 -18.12
C12 4IL AA . 18.13 12.67 -18.16
C13 4IL AA . 18.20 11.84 -19.40
C14 4IL AA . 18.69 12.01 -16.93
C15 4IL AA . 15.50 16.43 -16.69
C16 4IL AA . 14.38 15.61 -16.13
C17 4IL AA . 14.00 14.73 -17.30
C18 4IL AA . 14.22 13.46 -17.61
C25 4IL AA . 9.67 15.49 -16.05
C27 4IL AA . 9.74 17.20 -17.68
C29 4IL AA . 11.84 18.25 -16.89
C31 4IL AA . 13.10 17.88 -16.15
C35 4IL AA . 15.45 17.78 -17.00
N09 4IL AA . 16.70 15.92 -17.08
N21 4IL AA . 13.18 16.43 -15.93
N28 4IL AA . 10.85 17.36 -16.74
O02 4IL AA . 20.56 18.10 -19.15
O23 4IL AA . 12.21 14.81 -14.65
O30 4IL AA . 11.72 19.27 -17.51
O32 4IL AA . 12.93 18.56 -14.92
O34 4IL AA . 14.28 19.78 -16.83
C1 AKG BA . 20.01 16.27 -14.44
O1 AKG BA . 19.68 17.05 -15.37
O2 AKG BA . 19.55 15.10 -14.41
C2 AKG BA . 20.99 16.79 -13.39
O5 AKG BA . 21.11 16.20 -12.36
C3 AKG BA . 21.81 18.05 -13.66
C4 AKG BA . 22.53 18.48 -12.38
C5 AKG BA . 23.48 19.65 -12.65
O3 AKG BA . 23.33 20.39 -13.67
O4 AKG BA . 24.43 19.88 -11.84
#